data_8PTO
#
_entry.id   8PTO
#
_cell.length_a   1.00
_cell.length_b   1.00
_cell.length_c   1.00
_cell.angle_alpha   90.00
_cell.angle_beta   90.00
_cell.angle_gamma   90.00
#
_symmetry.space_group_name_H-M   'P 1'
#
loop_
_entity.id
_entity.type
_entity.pdbx_description
1 polymer 'Transcription termination factor Rho'
2 polymer 'Protein rof'
3 non-polymer "ADENOSINE-5'-DIPHOSPHATE"
#
loop_
_entity_poly.entity_id
_entity_poly.type
_entity_poly.pdbx_seq_one_letter_code
_entity_poly.pdbx_strand_id
1 'polypeptide(L)'
;MNLTELKNTPVSELITLGENMGLENLARMRKQDIIFAILKQHAKSGEDIFGDGVLEILQDGFGFLRSADSSYLAGPDDIY
VSPSQIRRFNLRTGDTISGKIRPPKEGERYFALLKVNEVNFDKPENARNKILFENLTPLHANSRLRMERGNGSTEDLTAR
VLDLASPIGRGQRGLIVAPPKAGKTMLLQNIAQSIAYNHPDCVLMVLLIDERPEEVTEMQRLVKGEVVASTFDEPASRHV
QVAEMVIEKAKRLVEHKKDVIILLDSITRLARAYNTVVPASGKVLTGGVDANALHRPKRFFGAARNVEEGGSLTIIATAL
IDTGSKMDEVIYEEFKGTGNMELHLSRKIAEKRVFPAIDYNRSGTRKEELLTTQEELQKMWILRKIIHPMGEIDAMEFLI
NKLAMTKTNDDFFEMMKRS
;
A,B,C,D,E
2 'polypeptide(L)'
;AMGNDTYQPINCDDYDNLELACQHHLMLTLELKDGEKLQAKASDLVSRKNVEYLVVEAAGETRELRLDKITSFSHPEIGT
VVVSES
;
b,c,d,a
#
loop_
_chem_comp.id
_chem_comp.type
_chem_comp.name
_chem_comp.formula
ADP non-polymer ADENOSINE-5'-DIPHOSPHATE 'C10 H15 N5 O10 P2'
#
# COMPACT_ATOMS: atom_id res chain seq x y z
N MET A 1 -26.10 -66.38 14.88
CA MET A 1 -25.30 -65.63 13.93
C MET A 1 -25.71 -64.15 13.92
N ASN A 2 -24.93 -63.33 13.22
CA ASN A 2 -25.15 -61.90 13.19
C ASN A 2 -24.87 -61.38 11.78
N LEU A 3 -25.34 -60.15 11.52
CA LEU A 3 -25.16 -59.56 10.19
C LEU A 3 -23.69 -59.37 9.86
N THR A 4 -22.88 -59.02 10.87
CA THR A 4 -21.48 -58.69 10.62
C THR A 4 -20.73 -59.87 10.01
N GLU A 5 -20.99 -61.09 10.50
CA GLU A 5 -20.34 -62.27 9.94
C GLU A 5 -20.71 -62.47 8.49
N LEU A 6 -21.98 -62.20 8.14
CA LEU A 6 -22.42 -62.36 6.75
C LEU A 6 -21.92 -61.26 5.84
N LYS A 7 -21.40 -60.16 6.38
CA LYS A 7 -20.89 -59.09 5.52
C LYS A 7 -19.60 -59.52 4.83
N ASN A 8 -18.67 -60.10 5.59
CA ASN A 8 -17.38 -60.52 5.05
C ASN A 8 -17.36 -61.98 4.63
N THR A 9 -18.48 -62.68 4.72
CA THR A 9 -18.52 -64.08 4.32
C THR A 9 -18.27 -64.20 2.83
N PRO A 10 -17.42 -65.13 2.39
CA PRO A 10 -17.20 -65.31 0.94
C PRO A 10 -18.49 -65.69 0.23
N VAL A 11 -18.59 -65.28 -1.03
CA VAL A 11 -19.80 -65.52 -1.81
C VAL A 11 -20.06 -67.00 -1.95
N SER A 12 -19.00 -67.79 -2.17
CA SER A 12 -19.17 -69.24 -2.25
C SER A 12 -19.63 -69.82 -0.92
N GLU A 13 -19.08 -69.31 0.19
CA GLU A 13 -19.43 -69.86 1.50
C GLU A 13 -20.88 -69.60 1.86
N LEU A 14 -21.38 -68.39 1.59
CA LEU A 14 -22.76 -68.06 1.96
C LEU A 14 -23.76 -68.85 1.14
N ILE A 15 -23.43 -69.18 -0.11
CA ILE A 15 -24.29 -70.03 -0.91
C ILE A 15 -24.41 -71.41 -0.27
N THR A 16 -23.28 -71.96 0.18
CA THR A 16 -23.31 -73.25 0.88
C THR A 16 -24.11 -73.15 2.17
N LEU A 17 -23.97 -72.03 2.90
CA LEU A 17 -24.75 -71.85 4.11
C LEU A 17 -26.24 -71.77 3.81
N GLY A 18 -26.61 -71.04 2.75
CA GLY A 18 -28.01 -70.84 2.45
C GLY A 18 -28.74 -72.10 2.03
N GLU A 19 -28.08 -72.94 1.23
CA GLU A 19 -28.76 -74.10 0.66
C GLU A 19 -29.13 -75.11 1.74
N ASN A 20 -28.29 -75.29 2.75
CA ASN A 20 -28.55 -76.32 3.76
C ASN A 20 -29.67 -75.88 4.71
N MET A 21 -29.70 -74.61 5.10
CA MET A 21 -30.72 -74.16 6.03
C MET A 21 -32.12 -74.17 5.43
N GLY A 22 -32.23 -74.14 4.11
CA GLY A 22 -33.54 -74.23 3.48
C GLY A 22 -33.89 -73.05 2.60
N LEU A 23 -32.88 -72.36 2.07
CA LEU A 23 -33.14 -71.26 1.15
C LEU A 23 -33.57 -71.79 -0.20
N GLU A 24 -34.68 -71.26 -0.73
CA GLU A 24 -35.25 -71.80 -1.95
C GLU A 24 -34.41 -71.41 -3.17
N ASN A 25 -33.99 -70.16 -3.26
CA ASN A 25 -33.28 -69.66 -4.42
C ASN A 25 -31.95 -69.06 -4.00
N LEU A 26 -30.88 -69.45 -4.69
CA LEU A 26 -29.56 -68.89 -4.43
C LEU A 26 -28.80 -68.58 -5.71
N ALA A 27 -29.45 -68.63 -6.88
CA ALA A 27 -28.76 -68.38 -8.14
C ALA A 27 -28.35 -66.91 -8.28
N ARG A 28 -29.15 -66.00 -7.73
CA ARG A 28 -28.85 -64.58 -7.84
C ARG A 28 -27.55 -64.23 -7.12
N MET A 29 -26.79 -63.31 -7.70
CA MET A 29 -25.51 -62.91 -7.15
C MET A 29 -25.58 -61.72 -6.22
N ARG A 30 -26.76 -61.16 -6.01
CA ARG A 30 -26.92 -59.99 -5.15
C ARG A 30 -26.78 -60.43 -3.69
N LYS A 31 -25.66 -60.06 -3.06
CA LYS A 31 -25.38 -60.53 -1.71
C LYS A 31 -26.38 -59.96 -0.70
N GLN A 32 -26.75 -58.68 -0.85
CA GLN A 32 -27.66 -58.06 0.11
C GLN A 32 -29.03 -58.71 0.09
N ASP A 33 -29.52 -59.09 -1.10
CA ASP A 33 -30.84 -59.69 -1.19
C ASP A 33 -30.90 -61.05 -0.50
N ILE A 34 -29.89 -61.90 -0.72
CA ILE A 34 -29.92 -63.24 -0.15
C ILE A 34 -29.73 -63.20 1.35
N ILE A 35 -28.85 -62.33 1.85
CA ILE A 35 -28.69 -62.23 3.29
C ILE A 35 -29.92 -61.61 3.93
N PHE A 36 -30.66 -60.78 3.20
CA PHE A 36 -31.95 -60.31 3.69
C PHE A 36 -32.92 -61.46 3.85
N ALA A 37 -32.97 -62.37 2.88
CA ALA A 37 -33.94 -63.46 2.90
C ALA A 37 -33.69 -64.42 4.06
N ILE A 38 -32.42 -64.76 4.31
CA ILE A 38 -32.13 -65.74 5.35
C ILE A 38 -32.48 -65.17 6.73
N LEU A 39 -32.30 -63.86 6.94
CA LEU A 39 -32.72 -63.24 8.18
C LEU A 39 -34.24 -63.32 8.35
N LYS A 40 -34.97 -63.08 7.27
CA LYS A 40 -36.43 -63.15 7.35
C LYS A 40 -36.90 -64.53 7.75
N GLN A 41 -36.31 -65.58 7.17
CA GLN A 41 -36.66 -66.94 7.56
C GLN A 41 -36.30 -67.21 9.02
N HIS A 42 -35.16 -66.69 9.47
CA HIS A 42 -34.78 -66.85 10.87
C HIS A 42 -35.79 -66.16 11.78
N ALA A 43 -36.25 -64.97 11.41
CA ALA A 43 -37.25 -64.28 12.22
C ALA A 43 -38.56 -65.04 12.26
N LYS A 44 -38.98 -65.61 11.13
CA LYS A 44 -40.23 -66.38 11.11
C LYS A 44 -40.12 -67.60 12.01
N SER A 45 -38.97 -68.28 11.99
CA SER A 45 -38.76 -69.43 12.86
C SER A 45 -38.56 -69.04 14.32
N GLY A 46 -38.41 -67.75 14.62
CA GLY A 46 -38.19 -67.30 15.98
C GLY A 46 -36.74 -67.25 16.39
N GLU A 47 -35.81 -67.63 15.52
CA GLU A 47 -34.39 -67.59 15.86
C GLU A 47 -33.93 -66.16 16.08
N ASP A 48 -33.16 -65.95 17.15
CA ASP A 48 -32.62 -64.63 17.44
C ASP A 48 -31.53 -64.26 16.45
N ILE A 49 -31.52 -63.00 16.04
CA ILE A 49 -30.52 -62.48 15.12
C ILE A 49 -30.01 -61.15 15.68
N PHE A 50 -28.71 -60.94 15.58
CA PHE A 50 -28.05 -59.78 16.17
C PHE A 50 -27.32 -58.98 15.11
N GLY A 51 -27.00 -57.74 15.46
CA GLY A 51 -26.28 -56.85 14.56
C GLY A 51 -25.57 -55.76 15.33
N ASP A 52 -24.63 -55.11 14.65
CA ASP A 52 -23.82 -54.07 15.26
C ASP A 52 -23.56 -52.97 14.24
N GLY A 53 -23.27 -51.78 14.75
CA GLY A 53 -22.97 -50.65 13.89
C GLY A 53 -22.66 -49.43 14.72
N VAL A 54 -22.32 -48.34 14.02
CA VAL A 54 -22.00 -47.07 14.63
C VAL A 54 -23.13 -46.09 14.35
N LEU A 55 -23.68 -45.51 15.41
CA LEU A 55 -24.84 -44.64 15.28
C LEU A 55 -24.48 -43.35 14.55
N GLU A 56 -25.41 -42.87 13.72
CA GLU A 56 -25.26 -41.59 13.04
C GLU A 56 -26.64 -40.93 13.01
N ILE A 57 -26.89 -40.04 13.98
CA ILE A 57 -28.17 -39.35 14.07
C ILE A 57 -28.24 -38.26 13.02
N LEU A 58 -29.30 -38.27 12.23
CA LEU A 58 -29.52 -37.26 11.22
C LEU A 58 -30.33 -36.10 11.78
N GLN A 59 -30.43 -35.03 11.00
CA GLN A 59 -31.16 -33.84 11.44
C GLN A 59 -32.65 -34.10 11.59
N ASP A 60 -33.19 -35.13 10.94
CA ASP A 60 -34.60 -35.43 11.07
C ASP A 60 -34.95 -35.87 12.48
N GLY A 61 -34.11 -36.68 13.11
CA GLY A 61 -34.38 -37.16 14.45
C GLY A 61 -34.00 -38.61 14.65
N PHE A 62 -33.97 -39.38 13.57
CA PHE A 62 -33.58 -40.78 13.60
C PHE A 62 -32.22 -40.96 12.97
N GLY A 63 -31.62 -42.13 13.21
CA GLY A 63 -30.29 -42.43 12.73
C GLY A 63 -30.19 -43.85 12.21
N PHE A 64 -28.99 -44.18 11.73
CA PHE A 64 -28.71 -45.51 11.21
C PHE A 64 -27.37 -45.99 11.74
N LEU A 65 -27.27 -47.30 11.94
CA LEU A 65 -26.02 -47.91 12.43
C LEU A 65 -25.16 -48.26 11.23
N ARG A 66 -24.29 -47.33 10.86
CA ARG A 66 -23.40 -47.56 9.73
C ARG A 66 -22.32 -48.57 10.10
N SER A 67 -21.64 -49.08 9.08
CA SER A 67 -20.60 -50.09 9.26
C SER A 67 -19.24 -49.54 8.85
N ALA A 68 -18.22 -49.91 9.61
CA ALA A 68 -16.87 -49.43 9.33
C ALA A 68 -16.31 -50.03 8.05
N ASP A 69 -16.75 -51.23 7.68
CA ASP A 69 -16.22 -51.88 6.48
C ASP A 69 -16.57 -51.08 5.24
N SER A 70 -17.79 -50.57 5.17
CA SER A 70 -18.22 -49.74 4.04
C SER A 70 -17.84 -48.27 4.22
N SER A 71 -16.92 -47.97 5.14
CA SER A 71 -16.51 -46.60 5.43
C SER A 71 -17.70 -45.75 5.84
N TYR A 72 -18.62 -46.33 6.61
CA TYR A 72 -19.79 -45.64 7.13
C TYR A 72 -20.63 -45.03 6.01
N LEU A 73 -20.72 -45.74 4.89
CA LEU A 73 -21.50 -45.29 3.75
C LEU A 73 -22.94 -45.74 3.90
N ALA A 74 -23.87 -44.85 3.56
CA ALA A 74 -25.29 -45.16 3.63
C ALA A 74 -25.62 -46.32 2.69
N GLY A 75 -26.37 -47.29 3.20
CA GLY A 75 -26.71 -48.46 2.43
C GLY A 75 -28.02 -49.09 2.88
N PRO A 76 -28.57 -49.97 2.04
CA PRO A 76 -29.84 -50.61 2.41
C PRO A 76 -29.77 -51.44 3.68
N ASP A 77 -28.60 -52.03 3.97
CA ASP A 77 -28.46 -52.92 5.12
C ASP A 77 -28.21 -52.17 6.43
N ASP A 78 -28.15 -50.84 6.39
CA ASP A 78 -27.93 -50.08 7.61
C ASP A 78 -29.14 -50.22 8.54
N ILE A 79 -28.88 -50.46 9.81
CA ILE A 79 -29.93 -50.70 10.79
C ILE A 79 -30.54 -49.37 11.20
N TYR A 80 -31.86 -49.27 11.09
CA TYR A 80 -32.59 -48.07 11.50
C TYR A 80 -32.89 -48.11 12.99
N VAL A 81 -32.74 -46.98 13.65
CA VAL A 81 -33.08 -46.83 15.07
C VAL A 81 -34.06 -45.69 15.20
N SER A 82 -35.19 -45.96 15.87
CA SER A 82 -36.24 -44.96 16.00
C SER A 82 -35.80 -43.84 16.94
N PRO A 83 -36.31 -42.63 16.74
CA PRO A 83 -35.99 -41.53 17.68
C PRO A 83 -36.44 -41.81 19.10
N SER A 84 -37.42 -42.68 19.31
CA SER A 84 -37.83 -43.02 20.66
C SER A 84 -36.70 -43.69 21.42
N GLN A 85 -35.98 -44.60 20.78
CA GLN A 85 -34.84 -45.24 21.42
C GLN A 85 -33.73 -44.22 21.70
N ILE A 86 -33.53 -43.27 20.78
CA ILE A 86 -32.52 -42.23 20.99
C ILE A 86 -32.85 -41.42 22.23
N ARG A 87 -34.13 -41.16 22.47
CA ARG A 87 -34.52 -40.49 23.70
C ARG A 87 -34.46 -41.41 24.91
N ARG A 88 -34.69 -42.71 24.70
CA ARG A 88 -34.72 -43.66 25.82
C ARG A 88 -33.35 -43.79 26.46
N PHE A 89 -32.37 -44.27 25.70
CA PHE A 89 -30.98 -44.28 26.13
C PHE A 89 -30.28 -43.06 25.55
N ASN A 90 -29.48 -42.38 26.37
CA ASN A 90 -28.85 -41.15 25.92
C ASN A 90 -27.82 -41.46 24.85
N LEU A 91 -28.23 -41.38 23.59
CA LEU A 91 -27.40 -41.77 22.46
C LEU A 91 -26.97 -40.54 21.68
N ARG A 92 -25.67 -40.43 21.44
CA ARG A 92 -25.09 -39.39 20.61
C ARG A 92 -24.54 -40.01 19.33
N THR A 93 -24.27 -39.17 18.35
CA THR A 93 -23.63 -39.64 17.13
C THR A 93 -22.27 -40.23 17.45
N GLY A 94 -21.99 -41.41 16.88
CA GLY A 94 -20.73 -42.07 17.09
C GLY A 94 -20.77 -43.24 18.06
N ASP A 95 -21.86 -43.39 18.83
CA ASP A 95 -21.98 -44.53 19.72
C ASP A 95 -22.11 -45.82 18.91
N THR A 96 -21.44 -46.86 19.38
CA THR A 96 -21.51 -48.17 18.75
C THR A 96 -22.54 -49.01 19.50
N ILE A 97 -23.59 -49.42 18.81
CA ILE A 97 -24.71 -50.14 19.41
C ILE A 97 -24.74 -51.54 18.84
N SER A 98 -24.79 -52.55 19.71
CA SER A 98 -24.92 -53.93 19.30
C SER A 98 -26.07 -54.57 20.06
N GLY A 99 -26.86 -55.38 19.37
CA GLY A 99 -27.99 -56.02 20.00
C GLY A 99 -28.87 -56.71 18.97
N LYS A 100 -30.04 -57.13 19.45
CA LYS A 100 -30.99 -57.83 18.60
C LYS A 100 -31.48 -56.92 17.48
N ILE A 101 -31.72 -57.51 16.32
CA ILE A 101 -32.10 -56.77 15.12
C ILE A 101 -33.38 -57.39 14.56
N ARG A 102 -34.34 -56.54 14.19
CA ARG A 102 -35.64 -56.93 13.67
C ARG A 102 -35.68 -56.80 12.15
N PRO A 103 -36.33 -57.74 11.46
CA PRO A 103 -36.50 -57.59 10.01
C PRO A 103 -37.38 -56.39 9.70
N PRO A 104 -37.22 -55.79 8.52
CA PRO A 104 -38.00 -54.60 8.19
C PRO A 104 -39.49 -54.90 8.17
N LYS A 105 -40.26 -53.94 8.69
CA LYS A 105 -41.71 -54.03 8.61
C LYS A 105 -42.17 -53.66 7.20
N GLU A 106 -43.40 -54.04 6.88
CA GLU A 106 -43.96 -53.71 5.58
C GLU A 106 -44.07 -52.20 5.42
N GLY A 107 -43.41 -51.67 4.40
CA GLY A 107 -43.30 -50.24 4.20
C GLY A 107 -42.01 -49.63 4.69
N GLU A 108 -41.17 -50.39 5.40
CA GLU A 108 -39.90 -49.91 5.90
C GLU A 108 -38.78 -50.52 5.09
N ARG A 109 -37.93 -49.67 4.51
CA ARG A 109 -36.85 -50.16 3.66
C ARG A 109 -35.77 -50.85 4.47
N TYR A 110 -35.44 -50.32 5.65
CA TYR A 110 -34.30 -50.76 6.43
C TYR A 110 -34.76 -51.59 7.63
N PHE A 111 -33.84 -52.40 8.14
CA PHE A 111 -34.07 -53.16 9.36
C PHE A 111 -34.19 -52.21 10.54
N ALA A 112 -34.90 -52.66 11.57
CA ALA A 112 -35.12 -51.87 12.77
C ALA A 112 -34.46 -52.55 13.96
N LEU A 113 -33.86 -51.74 14.84
CA LEU A 113 -33.15 -52.26 16.00
C LEU A 113 -34.15 -52.92 16.95
N LEU A 114 -34.10 -54.25 17.02
CA LEU A 114 -35.04 -54.98 17.87
C LEU A 114 -34.76 -54.72 19.35
N LYS A 115 -33.49 -54.79 19.75
CA LYS A 115 -33.12 -54.56 21.14
C LYS A 115 -31.64 -54.23 21.19
N VAL A 116 -31.28 -53.37 22.15
CA VAL A 116 -29.89 -52.95 22.36
C VAL A 116 -29.46 -53.44 23.73
N ASN A 117 -28.35 -54.18 23.77
CA ASN A 117 -27.81 -54.70 25.03
C ASN A 117 -26.40 -54.25 25.33
N GLU A 118 -25.63 -53.78 24.34
CA GLU A 118 -24.29 -53.29 24.56
C GLU A 118 -24.08 -52.04 23.71
N VAL A 119 -23.71 -50.94 24.37
CA VAL A 119 -23.41 -49.69 23.69
C VAL A 119 -22.02 -49.23 24.14
N ASN A 120 -21.16 -48.93 23.18
CA ASN A 120 -19.77 -48.54 23.46
C ASN A 120 -19.06 -49.61 24.29
N PHE A 121 -19.34 -50.88 23.98
CA PHE A 121 -18.72 -52.01 24.65
C PHE A 121 -18.96 -51.98 26.16
N ASP A 122 -20.16 -51.59 26.55
CA ASP A 122 -20.52 -51.52 27.96
C ASP A 122 -22.04 -51.61 28.08
N LYS A 123 -22.50 -51.87 29.31
CA LYS A 123 -23.93 -52.00 29.55
C LYS A 123 -24.63 -50.68 29.28
N PRO A 124 -25.87 -50.72 28.78
CA PRO A 124 -26.57 -49.47 28.46
C PRO A 124 -26.77 -48.55 29.64
N GLU A 125 -26.99 -49.11 30.84
CA GLU A 125 -27.18 -48.26 32.02
C GLU A 125 -25.90 -47.52 32.38
N ASN A 126 -24.75 -48.20 32.29
CA ASN A 126 -23.48 -47.56 32.65
C ASN A 126 -23.03 -46.55 31.60
N ALA A 127 -23.32 -46.81 30.32
CA ALA A 127 -22.87 -45.92 29.27
C ALA A 127 -23.63 -44.60 29.26
N ARG A 128 -24.77 -44.53 29.94
CA ARG A 128 -25.55 -43.29 30.00
C ARG A 128 -25.08 -42.35 31.10
N ASN A 129 -24.10 -42.75 31.89
CA ASN A 129 -23.60 -41.95 33.00
C ASN A 129 -22.13 -41.60 32.79
N LYS A 130 -21.75 -41.34 31.54
CA LYS A 130 -20.38 -40.96 31.19
C LYS A 130 -20.34 -39.48 30.85
N ILE A 131 -19.42 -38.76 31.48
CA ILE A 131 -19.34 -37.32 31.30
C ILE A 131 -19.00 -36.99 29.86
N LEU A 132 -19.59 -35.92 29.35
CA LEU A 132 -19.41 -35.53 27.95
C LEU A 132 -17.95 -35.15 27.68
N PHE A 133 -17.55 -35.29 26.43
CA PHE A 133 -16.17 -35.00 26.05
C PHE A 133 -15.84 -33.52 26.26
N GLU A 134 -16.78 -32.64 25.96
CA GLU A 134 -16.53 -31.20 26.10
C GLU A 134 -16.28 -30.79 27.55
N ASN A 135 -16.77 -31.57 28.51
CA ASN A 135 -16.61 -31.23 29.92
C ASN A 135 -15.29 -31.71 30.50
N LEU A 136 -14.46 -32.37 29.72
CA LEU A 136 -13.19 -32.90 30.21
C LEU A 136 -12.09 -31.87 30.08
N THR A 137 -11.27 -31.75 31.12
CA THR A 137 -10.23 -30.73 31.15
C THR A 137 -8.99 -31.22 30.38
N PRO A 138 -8.55 -30.49 29.37
CA PRO A 138 -7.35 -30.92 28.63
C PRO A 138 -6.09 -30.77 29.46
N LEU A 139 -5.07 -31.52 29.07
CA LEU A 139 -3.76 -31.47 29.70
C LEU A 139 -2.69 -31.66 28.65
N HIS A 140 -1.46 -31.29 29.01
CA HIS A 140 -0.33 -31.61 28.17
C HIS A 140 -0.07 -33.11 28.19
N ALA A 141 0.40 -33.64 27.07
CA ALA A 141 0.72 -35.05 26.99
C ALA A 141 1.91 -35.37 27.89
N ASN A 142 1.76 -36.37 28.76
CA ASN A 142 2.83 -36.77 29.66
C ASN A 142 3.34 -38.17 29.35
N SER A 143 2.47 -39.17 29.33
CA SER A 143 2.88 -40.52 28.95
C SER A 143 3.06 -40.58 27.44
N ARG A 144 4.21 -41.09 27.01
CA ARG A 144 4.57 -41.06 25.60
C ARG A 144 4.30 -42.42 24.95
N LEU A 145 4.21 -42.40 23.63
CA LEU A 145 3.97 -43.58 22.81
C LEU A 145 5.28 -43.96 22.13
N ARG A 146 6.00 -44.89 22.74
CA ARG A 146 7.23 -45.38 22.14
C ARG A 146 6.92 -46.15 20.86
N MET A 147 7.72 -45.90 19.82
CA MET A 147 7.59 -46.61 18.56
C MET A 147 8.90 -47.23 18.11
N GLU A 148 9.90 -47.33 18.98
CA GLU A 148 11.18 -47.92 18.65
C GLU A 148 11.08 -49.42 18.90
N ARG A 149 10.80 -50.17 17.83
CA ARG A 149 10.73 -51.62 17.93
C ARG A 149 12.13 -52.20 18.07
N GLY A 150 12.20 -53.38 18.69
CA GLY A 150 13.45 -54.08 18.89
C GLY A 150 13.86 -55.01 17.77
N ASN A 151 13.13 -55.02 16.66
CA ASN A 151 13.48 -55.91 15.55
C ASN A 151 14.80 -55.52 14.91
N GLY A 152 15.06 -54.22 14.78
CA GLY A 152 16.29 -53.77 14.16
C GLY A 152 16.31 -53.84 12.65
N SER A 153 15.15 -53.99 12.01
CA SER A 153 15.08 -54.07 10.57
C SER A 153 15.29 -52.69 9.95
N THR A 154 15.32 -52.66 8.62
CA THR A 154 15.53 -51.40 7.91
C THR A 154 14.33 -50.46 8.09
N GLU A 155 13.12 -51.01 8.19
CA GLU A 155 11.95 -50.16 8.41
C GLU A 155 11.98 -49.50 9.78
N ASP A 156 12.62 -50.13 10.76
CA ASP A 156 12.68 -49.59 12.10
C ASP A 156 13.48 -48.30 12.17
N LEU A 157 14.30 -48.00 11.15
CA LEU A 157 15.06 -46.76 11.15
C LEU A 157 14.15 -45.55 11.12
N THR A 158 13.07 -45.61 10.33
CA THR A 158 12.13 -44.49 10.26
C THR A 158 11.48 -44.25 11.61
N ALA A 159 11.11 -45.33 12.31
CA ALA A 159 10.53 -45.18 13.65
C ALA A 159 11.55 -44.62 14.64
N ARG A 160 12.79 -45.10 14.58
CA ARG A 160 13.80 -44.65 15.53
C ARG A 160 14.14 -43.19 15.34
N VAL A 161 14.32 -42.75 14.09
CA VAL A 161 14.64 -41.35 13.85
C VAL A 161 13.48 -40.45 14.23
N LEU A 162 12.25 -40.93 14.03
CA LEU A 162 11.08 -40.15 14.44
C LEU A 162 11.05 -39.97 15.95
N ASP A 163 11.44 -41.01 16.69
CA ASP A 163 11.50 -40.89 18.15
C ASP A 163 12.52 -39.85 18.57
N LEU A 164 13.67 -39.80 17.90
CA LEU A 164 14.68 -38.82 18.25
C LEU A 164 14.26 -37.41 17.84
N ALA A 165 13.71 -37.27 16.63
CA ALA A 165 13.40 -35.95 16.11
C ALA A 165 12.25 -35.31 16.89
N SER A 166 11.17 -36.04 17.10
CA SER A 166 9.99 -35.49 17.75
C SER A 166 9.21 -36.58 18.48
N PRO A 167 9.30 -36.65 19.80
CA PRO A 167 8.55 -37.67 20.53
C PRO A 167 7.04 -37.50 20.37
N ILE A 168 6.33 -38.62 20.44
CA ILE A 168 4.88 -38.64 20.35
C ILE A 168 4.33 -39.15 21.68
N GLY A 169 3.38 -38.41 22.24
CA GLY A 169 2.74 -38.79 23.49
C GLY A 169 1.26 -39.04 23.29
N ARG A 170 0.61 -39.50 24.36
CA ARG A 170 -0.81 -39.74 24.34
C ARG A 170 -1.55 -38.42 24.45
N GLY A 171 -2.37 -38.11 23.46
CA GLY A 171 -3.01 -36.81 23.39
C GLY A 171 -2.25 -35.78 22.61
N GLN A 172 -1.20 -36.17 21.89
CA GLN A 172 -0.41 -35.23 21.11
C GLN A 172 -1.19 -34.77 19.89
N ARG A 173 -1.16 -33.47 19.63
CA ARG A 173 -1.79 -32.92 18.43
C ARG A 173 -0.72 -32.73 17.36
N GLY A 174 -0.22 -33.86 16.86
CA GLY A 174 0.86 -33.82 15.90
C GLY A 174 0.42 -33.32 14.55
N LEU A 175 1.41 -32.87 13.77
CA LEU A 175 1.17 -32.39 12.43
C LEU A 175 2.35 -32.80 11.55
N ILE A 176 2.06 -33.26 10.35
CA ILE A 176 3.08 -33.67 9.39
C ILE A 176 3.03 -32.73 8.20
N VAL A 177 4.17 -32.12 7.89
CA VAL A 177 4.29 -31.20 6.77
C VAL A 177 5.10 -31.91 5.69
N ALA A 178 4.49 -32.10 4.52
CA ALA A 178 5.15 -32.87 3.48
C ALA A 178 5.02 -32.18 2.13
N PRO A 179 6.05 -32.28 1.29
CA PRO A 179 5.92 -31.82 -0.10
C PRO A 179 5.15 -32.84 -0.92
N PRO A 180 4.84 -32.54 -2.19
CA PRO A 180 4.04 -33.48 -2.97
C PRO A 180 4.63 -34.88 -3.08
N LYS A 181 5.95 -35.02 -3.12
CA LYS A 181 6.60 -36.32 -3.29
C LYS A 181 7.72 -36.45 -2.26
N ALA A 182 7.39 -37.02 -1.10
CA ALA A 182 8.40 -37.29 -0.08
C ALA A 182 8.20 -38.63 0.59
N GLY A 183 7.47 -39.55 -0.04
CA GLY A 183 7.20 -40.83 0.59
C GLY A 183 6.34 -40.70 1.84
N LYS A 184 5.31 -39.86 1.77
CA LYS A 184 4.46 -39.63 2.95
C LYS A 184 3.76 -40.91 3.38
N THR A 185 3.21 -41.66 2.42
CA THR A 185 2.45 -42.85 2.75
C THR A 185 3.30 -43.89 3.47
N MET A 186 4.59 -43.97 3.14
CA MET A 186 5.48 -44.87 3.85
C MET A 186 5.59 -44.49 5.32
N LEU A 187 5.64 -43.19 5.61
CA LEU A 187 5.77 -42.74 6.99
C LEU A 187 4.54 -43.12 7.81
N LEU A 188 3.35 -42.95 7.24
CA LEU A 188 2.13 -43.32 7.96
C LEU A 188 2.08 -44.82 8.22
N GLN A 189 2.48 -45.63 7.24
CA GLN A 189 2.48 -47.07 7.43
C GLN A 189 3.44 -47.49 8.54
N ASN A 190 4.62 -46.86 8.59
CA ASN A 190 5.58 -47.20 9.65
C ASN A 190 5.02 -46.87 11.02
N ILE A 191 4.37 -45.72 11.15
CA ILE A 191 3.79 -45.34 12.44
C ILE A 191 2.66 -46.29 12.82
N ALA A 192 1.79 -46.62 11.86
CA ALA A 192 0.66 -47.49 12.15
C ALA A 192 1.12 -48.88 12.59
N GLN A 193 2.12 -49.42 11.91
CA GLN A 193 2.67 -50.71 12.32
C GLN A 193 3.35 -50.60 13.69
N SER A 194 4.08 -49.50 13.92
CA SER A 194 4.74 -49.33 15.21
C SER A 194 3.75 -49.19 16.34
N ILE A 195 2.66 -48.44 16.12
CA ILE A 195 1.68 -48.23 17.17
C ILE A 195 0.99 -49.55 17.53
N ALA A 196 0.59 -50.31 16.51
CA ALA A 196 -0.14 -51.56 16.75
C ALA A 196 0.72 -52.56 17.51
N TYR A 197 1.99 -52.68 17.13
CA TYR A 197 2.85 -53.66 17.78
C TYR A 197 3.24 -53.23 19.20
N ASN A 198 3.61 -51.97 19.37
CA ASN A 198 4.05 -51.51 20.68
C ASN A 198 2.89 -51.29 21.65
N HIS A 199 1.77 -50.77 21.15
CA HIS A 199 0.64 -50.38 22.00
C HIS A 199 -0.62 -51.04 21.47
N PRO A 200 -0.82 -52.33 21.72
CA PRO A 200 -2.05 -52.99 21.27
C PRO A 200 -3.31 -52.42 21.91
N ASP A 201 -3.22 -51.92 23.15
CA ASP A 201 -4.40 -51.46 23.87
C ASP A 201 -5.01 -50.23 23.21
N CYS A 202 -4.17 -49.30 22.73
CA CYS A 202 -4.68 -48.06 22.18
C CYS A 202 -5.43 -48.33 20.87
N VAL A 203 -6.63 -47.76 20.76
CA VAL A 203 -7.43 -47.91 19.56
C VAL A 203 -6.79 -47.09 18.44
N LEU A 204 -6.59 -47.72 17.29
CA LEU A 204 -5.96 -47.08 16.14
C LEU A 204 -6.96 -46.92 15.02
N MET A 205 -7.10 -45.70 14.52
CA MET A 205 -7.95 -45.40 13.39
C MET A 205 -7.14 -44.65 12.35
N VAL A 206 -7.28 -45.04 11.08
CA VAL A 206 -6.62 -44.37 9.97
C VAL A 206 -7.70 -43.80 9.07
N LEU A 207 -7.67 -42.48 8.86
CA LEU A 207 -8.64 -41.79 8.05
C LEU A 207 -7.94 -41.23 6.82
N LEU A 208 -8.43 -41.58 5.64
CA LEU A 208 -7.89 -41.13 4.37
C LEU A 208 -8.94 -40.34 3.62
N ILE A 209 -8.56 -39.16 3.13
CA ILE A 209 -9.47 -38.28 2.40
C ILE A 209 -8.90 -38.04 1.01
N ASP A 210 -9.74 -38.19 0.00
CA ASP A 210 -9.35 -38.04 -1.41
C ASP A 210 -8.19 -38.98 -1.74
N GLU A 211 -8.39 -40.27 -1.47
CA GLU A 211 -7.38 -41.29 -1.68
C GLU A 211 -7.82 -42.22 -2.79
N ARG A 212 -6.88 -42.60 -3.65
CA ARG A 212 -7.17 -43.52 -4.73
C ARG A 212 -7.54 -44.90 -4.17
N PRO A 213 -8.43 -45.62 -4.83
CA PRO A 213 -8.90 -46.91 -4.28
C PRO A 213 -7.78 -47.92 -4.08
N GLU A 214 -6.74 -47.90 -4.91
CA GLU A 214 -5.65 -48.86 -4.74
C GLU A 214 -4.91 -48.65 -3.42
N GLU A 215 -4.70 -47.39 -3.04
CA GLU A 215 -4.02 -47.10 -1.77
C GLU A 215 -4.84 -47.57 -0.59
N VAL A 216 -6.17 -47.42 -0.67
CA VAL A 216 -7.04 -47.86 0.42
C VAL A 216 -6.95 -49.37 0.60
N THR A 217 -6.84 -50.11 -0.50
CA THR A 217 -6.80 -51.57 -0.43
C THR A 217 -5.58 -52.06 0.34
N GLU A 218 -4.41 -51.50 0.04
CA GLU A 218 -3.19 -51.94 0.71
C GLU A 218 -3.10 -51.41 2.13
N MET A 219 -3.64 -50.22 2.39
CA MET A 219 -3.61 -49.66 3.74
C MET A 219 -4.39 -50.53 4.72
N GLN A 220 -5.56 -51.03 4.30
CA GLN A 220 -6.35 -51.87 5.18
C GLN A 220 -5.63 -53.17 5.50
N ARG A 221 -4.93 -53.72 4.51
CA ARG A 221 -4.15 -54.94 4.75
C ARG A 221 -3.03 -54.70 5.75
N LEU A 222 -2.30 -53.59 5.60
CA LEU A 222 -1.13 -53.34 6.43
C LEU A 222 -1.54 -52.98 7.86
N VAL A 223 -2.51 -52.10 8.01
CA VAL A 223 -2.87 -51.58 9.33
C VAL A 223 -3.75 -52.57 10.05
N LYS A 224 -3.34 -52.98 11.26
CA LYS A 224 -4.14 -53.91 12.05
C LYS A 224 -5.46 -53.28 12.47
N GLY A 225 -5.43 -52.01 12.86
CA GLY A 225 -6.63 -51.35 13.36
C GLY A 225 -7.59 -50.98 12.26
N GLU A 226 -8.71 -50.38 12.67
CA GLU A 226 -9.75 -49.98 11.74
C GLU A 226 -9.23 -48.91 10.77
N VAL A 227 -9.53 -49.09 9.49
CA VAL A 227 -9.15 -48.14 8.45
C VAL A 227 -10.41 -47.69 7.73
N VAL A 228 -10.61 -46.38 7.67
CA VAL A 228 -11.77 -45.79 7.01
C VAL A 228 -11.25 -44.75 6.02
N ALA A 229 -11.77 -44.80 4.79
CA ALA A 229 -11.27 -43.92 3.74
C ALA A 229 -12.40 -43.57 2.80
N SER A 230 -12.20 -42.48 2.06
CA SER A 230 -13.13 -42.02 1.05
C SER A 230 -12.38 -41.79 -0.26
N THR A 231 -12.87 -42.38 -1.34
CA THR A 231 -12.22 -42.26 -2.62
C THR A 231 -12.44 -40.87 -3.21
N PHE A 232 -11.53 -40.48 -4.12
CA PHE A 232 -11.59 -39.13 -4.68
C PHE A 232 -12.80 -38.92 -5.57
N ASP A 233 -13.30 -39.99 -6.21
CA ASP A 233 -14.44 -39.85 -7.10
C ASP A 233 -15.73 -39.52 -6.35
N GLU A 234 -15.76 -39.76 -5.04
CA GLU A 234 -16.94 -39.47 -4.25
C GLU A 234 -17.10 -37.95 -4.10
N PRO A 235 -18.32 -37.48 -3.87
CA PRO A 235 -18.55 -36.03 -3.73
C PRO A 235 -17.90 -35.48 -2.47
N ALA A 236 -17.73 -34.16 -2.46
CA ALA A 236 -17.11 -33.50 -1.32
C ALA A 236 -17.93 -33.67 -0.05
N SER A 237 -19.24 -33.87 -0.18
CA SER A 237 -20.07 -34.11 0.99
C SER A 237 -19.71 -35.42 1.68
N ARG A 238 -19.24 -36.41 0.92
CA ARG A 238 -18.84 -37.68 1.53
C ARG A 238 -17.63 -37.50 2.43
N HIS A 239 -16.66 -36.69 1.99
CA HIS A 239 -15.48 -36.44 2.82
C HIS A 239 -15.85 -35.80 4.14
N VAL A 240 -16.76 -34.83 4.11
CA VAL A 240 -17.24 -34.21 5.34
C VAL A 240 -17.98 -35.23 6.19
N GLN A 241 -18.85 -36.03 5.57
CA GLN A 241 -19.69 -36.96 6.32
C GLN A 241 -18.85 -38.03 7.00
N VAL A 242 -17.83 -38.55 6.31
CA VAL A 242 -17.00 -39.58 6.92
C VAL A 242 -16.16 -39.02 8.05
N ALA A 243 -15.70 -37.78 7.90
CA ALA A 243 -14.85 -37.16 8.93
C ALA A 243 -15.61 -37.01 10.24
N GLU A 244 -16.88 -36.59 10.17
CA GLU A 244 -17.68 -36.46 11.38
C GLU A 244 -17.83 -37.80 12.08
N MET A 245 -18.00 -38.87 11.31
CA MET A 245 -18.18 -40.19 11.91
C MET A 245 -16.95 -40.63 12.68
N VAL A 246 -15.76 -40.36 12.13
CA VAL A 246 -14.53 -40.81 12.78
C VAL A 246 -14.31 -40.05 14.08
N ILE A 247 -14.45 -38.72 14.05
CA ILE A 247 -14.14 -37.92 15.22
C ILE A 247 -15.16 -38.16 16.33
N GLU A 248 -16.44 -38.26 15.97
CA GLU A 248 -17.46 -38.49 17.00
C GLU A 248 -17.32 -39.87 17.62
N LYS A 249 -16.95 -40.86 16.81
CA LYS A 249 -16.70 -42.20 17.35
C LYS A 249 -15.53 -42.18 18.33
N ALA A 250 -14.48 -41.44 18.00
CA ALA A 250 -13.33 -41.34 18.89
C ALA A 250 -13.71 -40.68 20.21
N LYS A 251 -14.52 -39.62 20.15
CA LYS A 251 -14.88 -38.91 21.37
C LYS A 251 -15.66 -39.80 22.33
N ARG A 252 -16.57 -40.62 21.80
CA ARG A 252 -17.33 -41.52 22.66
C ARG A 252 -16.42 -42.53 23.36
N LEU A 253 -15.41 -43.02 22.64
CA LEU A 253 -14.48 -43.96 23.25
C LEU A 253 -13.66 -43.30 24.36
N VAL A 254 -13.24 -42.05 24.15
CA VAL A 254 -12.44 -41.36 25.16
C VAL A 254 -13.23 -41.17 26.44
N GLU A 255 -14.54 -40.95 26.32
CA GLU A 255 -15.39 -40.83 27.50
C GLU A 255 -15.37 -42.09 28.35
N HIS A 256 -14.99 -43.24 27.77
CA HIS A 256 -14.87 -44.49 28.50
C HIS A 256 -13.44 -44.78 28.93
N LYS A 257 -12.65 -43.73 29.19
CA LYS A 257 -11.27 -43.86 29.66
C LYS A 257 -10.42 -44.68 28.70
N LYS A 258 -10.59 -44.44 27.41
CA LYS A 258 -9.86 -45.16 26.37
C LYS A 258 -8.91 -44.22 25.65
N ASP A 259 -7.76 -44.74 25.25
CA ASP A 259 -6.79 -43.98 24.48
C ASP A 259 -7.01 -44.25 23.00
N VAL A 260 -7.29 -43.19 22.24
CA VAL A 260 -7.63 -43.30 20.82
C VAL A 260 -6.59 -42.55 20.01
N ILE A 261 -6.08 -43.18 18.98
CA ILE A 261 -5.09 -42.60 18.09
C ILE A 261 -5.67 -42.53 16.69
N ILE A 262 -5.64 -41.36 16.08
CA ILE A 262 -6.19 -41.12 14.76
C ILE A 262 -5.09 -40.64 13.84
N LEU A 263 -4.92 -41.29 12.70
CA LEU A 263 -4.00 -40.87 11.66
C LEU A 263 -4.81 -40.30 10.51
N LEU A 264 -4.51 -39.07 10.13
CA LEU A 264 -5.27 -38.36 9.11
C LEU A 264 -4.41 -38.11 7.88
N ASP A 265 -4.99 -38.34 6.71
CA ASP A 265 -4.31 -38.10 5.45
C ASP A 265 -5.38 -37.68 4.43
N SER A 266 -5.54 -36.38 4.25
CA SER A 266 -4.77 -35.34 4.91
C SER A 266 -5.67 -34.23 5.42
N ILE A 267 -5.15 -33.39 6.31
CA ILE A 267 -5.92 -32.25 6.79
C ILE A 267 -6.14 -31.25 5.66
N THR A 268 -5.22 -31.18 4.71
CA THR A 268 -5.39 -30.26 3.58
C THR A 268 -6.58 -30.65 2.72
N ARG A 269 -6.73 -31.94 2.42
CA ARG A 269 -7.88 -32.39 1.64
C ARG A 269 -9.18 -32.20 2.41
N LEU A 270 -9.17 -32.47 3.72
CA LEU A 270 -10.38 -32.29 4.52
C LEU A 270 -10.78 -30.82 4.56
N ALA A 271 -9.81 -29.92 4.63
CA ALA A 271 -10.13 -28.49 4.61
C ALA A 271 -10.78 -28.09 3.29
N ARG A 272 -10.28 -28.64 2.18
CA ARG A 272 -10.88 -28.35 0.89
C ARG A 272 -12.33 -28.83 0.83
N ALA A 273 -12.60 -30.02 1.38
CA ALA A 273 -13.95 -30.54 1.36
C ALA A 273 -14.91 -29.65 2.13
N TYR A 274 -14.48 -29.16 3.31
CA TYR A 274 -15.31 -28.24 4.07
C TYR A 274 -15.46 -26.91 3.36
N ASN A 275 -14.47 -26.51 2.55
CA ASN A 275 -14.54 -25.23 1.86
C ASN A 275 -15.69 -25.20 0.87
N THR A 276 -15.92 -26.30 0.15
CA THR A 276 -16.91 -26.33 -0.91
C THR A 276 -18.31 -26.73 -0.44
N VAL A 277 -18.47 -27.13 0.82
CA VAL A 277 -19.75 -27.63 1.28
C VAL A 277 -20.45 -26.58 2.14
N VAL A 278 -19.68 -25.72 2.80
CA VAL A 278 -20.26 -24.70 3.66
C VAL A 278 -20.79 -23.55 2.81
N PRO A 279 -21.86 -22.88 3.23
CA PRO A 279 -22.32 -21.71 2.49
C PRO A 279 -21.32 -20.58 2.57
N ALA A 280 -21.31 -19.74 1.53
CA ALA A 280 -20.42 -18.59 1.51
C ALA A 280 -20.79 -17.62 2.62
N SER A 281 -19.77 -17.13 3.32
CA SER A 281 -19.97 -16.22 4.44
C SER A 281 -19.95 -14.75 4.03
N GLY A 282 -19.80 -14.46 2.75
CA GLY A 282 -19.76 -13.10 2.27
C GLY A 282 -18.38 -12.48 2.20
N LYS A 283 -17.41 -13.05 2.90
CA LYS A 283 -16.03 -12.58 2.87
C LYS A 283 -15.12 -13.74 2.54
N VAL A 284 -14.35 -13.61 1.47
CA VAL A 284 -13.44 -14.65 1.01
C VAL A 284 -12.03 -14.07 0.98
N LEU A 285 -11.09 -14.77 1.62
CA LEU A 285 -9.71 -14.31 1.69
C LEU A 285 -8.92 -14.90 0.52
N THR A 286 -7.60 -14.76 0.56
CA THR A 286 -6.77 -15.20 -0.54
C THR A 286 -6.84 -16.71 -0.71
N GLY A 287 -6.72 -17.16 -1.96
CA GLY A 287 -6.79 -18.56 -2.28
C GLY A 287 -8.18 -19.11 -2.48
N GLY A 288 -9.22 -18.27 -2.41
CA GLY A 288 -10.56 -18.73 -2.65
C GLY A 288 -11.13 -19.60 -1.55
N VAL A 289 -10.65 -19.46 -0.33
CA VAL A 289 -11.14 -20.22 0.82
C VAL A 289 -11.96 -19.29 1.70
N ASP A 290 -13.17 -19.72 2.02
CA ASP A 290 -14.04 -18.93 2.87
C ASP A 290 -13.48 -18.86 4.29
N ALA A 291 -13.71 -17.71 4.93
CA ALA A 291 -13.17 -17.50 6.27
C ALA A 291 -13.76 -18.49 7.27
N ASN A 292 -15.08 -18.71 7.22
CA ASN A 292 -15.74 -19.63 8.13
C ASN A 292 -15.61 -21.08 7.70
N ALA A 293 -15.04 -21.33 6.52
CA ALA A 293 -14.86 -22.71 6.07
C ALA A 293 -13.90 -23.47 6.96
N LEU A 294 -12.81 -22.81 7.39
CA LEU A 294 -11.77 -23.46 8.17
C LEU A 294 -12.16 -23.67 9.63
N HIS A 295 -13.29 -23.11 10.07
CA HIS A 295 -13.71 -23.32 11.46
C HIS A 295 -13.98 -24.78 11.76
N ARG A 296 -14.66 -25.48 10.83
CA ARG A 296 -14.98 -26.89 11.07
C ARG A 296 -13.74 -27.78 11.14
N PRO A 297 -12.76 -27.69 10.22
CA PRO A 297 -11.58 -28.55 10.36
C PRO A 297 -10.80 -28.32 11.64
N LYS A 298 -10.75 -27.07 12.12
CA LYS A 298 -10.07 -26.80 13.39
C LYS A 298 -10.77 -27.48 14.55
N ARG A 299 -12.09 -27.59 14.50
CA ARG A 299 -12.80 -28.37 15.50
C ARG A 299 -12.36 -29.82 15.49
N PHE A 300 -12.15 -30.39 14.30
CA PHE A 300 -11.64 -31.74 14.20
C PHE A 300 -10.23 -31.84 14.74
N PHE A 301 -9.35 -30.94 14.30
CA PHE A 301 -7.95 -31.02 14.71
C PHE A 301 -7.76 -30.64 16.17
N GLY A 302 -8.56 -29.70 16.67
CA GLY A 302 -8.40 -29.26 18.05
C GLY A 302 -8.97 -30.19 19.09
N ALA A 303 -9.63 -31.27 18.68
CA ALA A 303 -10.19 -32.21 19.64
C ALA A 303 -9.13 -33.08 20.30
N ALA A 304 -7.92 -33.12 19.75
CA ALA A 304 -6.86 -33.93 20.33
C ALA A 304 -6.42 -33.34 21.66
N ARG A 305 -6.41 -34.17 22.70
CA ARG A 305 -6.06 -33.70 24.03
C ARG A 305 -5.77 -34.89 24.92
N ASN A 306 -5.14 -34.62 26.06
CA ASN A 306 -4.91 -35.62 27.10
C ASN A 306 -5.89 -35.31 28.24
N VAL A 307 -6.92 -36.14 28.37
CA VAL A 307 -7.96 -35.90 29.35
C VAL A 307 -7.41 -36.19 30.74
N GLU A 308 -7.63 -35.26 31.67
CA GLU A 308 -7.15 -35.44 33.04
C GLU A 308 -7.87 -36.60 33.72
N GLU A 309 -9.17 -36.74 33.48
CA GLU A 309 -9.94 -37.81 34.14
C GLU A 309 -9.43 -39.17 33.72
N GLY A 310 -9.13 -39.36 32.45
CA GLY A 310 -8.64 -40.63 31.96
C GLY A 310 -8.75 -40.76 30.46
N GLY A 311 -7.78 -41.44 29.85
CA GLY A 311 -7.77 -41.60 28.40
C GLY A 311 -7.24 -40.37 27.70
N SER A 312 -7.11 -40.50 26.39
CA SER A 312 -6.57 -39.41 25.57
C SER A 312 -6.98 -39.64 24.12
N LEU A 313 -6.88 -38.58 23.34
CA LEU A 313 -7.15 -38.63 21.91
C LEU A 313 -5.98 -38.03 21.17
N THR A 314 -5.29 -38.85 20.38
CA THR A 314 -4.11 -38.42 19.64
C THR A 314 -4.47 -38.32 18.17
N ILE A 315 -4.27 -37.13 17.60
CA ILE A 315 -4.55 -36.88 16.19
C ILE A 315 -3.26 -36.44 15.52
N ILE A 316 -2.80 -37.23 14.57
CA ILE A 316 -1.62 -36.91 13.78
C ILE A 316 -2.07 -36.72 12.34
N ALA A 317 -2.00 -35.48 11.85
CA ALA A 317 -2.50 -35.14 10.54
C ALA A 317 -1.36 -34.71 9.63
N THR A 318 -1.51 -34.99 8.35
CA THR A 318 -0.52 -34.63 7.34
C THR A 318 -1.00 -33.43 6.56
N ALA A 319 -0.07 -32.55 6.18
CA ALA A 319 -0.36 -31.38 5.39
C ALA A 319 0.53 -31.35 4.17
N LEU A 320 0.01 -30.79 3.09
CA LEU A 320 0.74 -30.69 1.82
C LEU A 320 1.12 -29.25 1.56
N ILE A 321 2.36 -29.04 1.12
CA ILE A 321 2.89 -27.72 0.87
C ILE A 321 3.47 -27.68 -0.55
N ASP A 322 3.58 -26.46 -1.08
CA ASP A 322 4.09 -26.18 -2.42
C ASP A 322 3.59 -27.21 -3.43
N THR A 323 2.27 -27.40 -3.43
CA THR A 323 1.60 -28.30 -4.37
C THR A 323 1.04 -27.55 -5.58
N GLY A 324 1.55 -26.36 -5.85
CA GLY A 324 1.07 -25.58 -6.97
C GLY A 324 -0.06 -24.64 -6.60
N SER A 325 -1.20 -25.21 -6.17
CA SER A 325 -2.34 -24.41 -5.80
C SER A 325 -2.04 -23.62 -4.53
N LYS A 326 -2.42 -22.34 -4.53
CA LYS A 326 -2.23 -21.51 -3.34
C LYS A 326 -3.29 -21.78 -2.27
N MET A 327 -4.35 -22.52 -2.59
CA MET A 327 -5.31 -22.90 -1.57
C MET A 327 -4.68 -23.83 -0.54
N ASP A 328 -3.81 -24.73 -0.99
CA ASP A 328 -3.17 -25.66 -0.06
C ASP A 328 -2.27 -24.94 0.93
N GLU A 329 -1.52 -23.93 0.47
CA GLU A 329 -0.56 -23.28 1.35
C GLU A 329 -1.23 -22.34 2.35
N VAL A 330 -2.32 -21.67 1.96
CA VAL A 330 -3.01 -20.82 2.92
C VAL A 330 -3.69 -21.66 4.00
N ILE A 331 -4.12 -22.87 3.67
CA ILE A 331 -4.67 -23.78 4.67
C ILE A 331 -3.58 -24.17 5.67
N TYR A 332 -2.39 -24.50 5.18
CA TYR A 332 -1.29 -24.84 6.07
C TYR A 332 -0.90 -23.66 6.94
N GLU A 333 -0.91 -22.45 6.38
CA GLU A 333 -0.59 -21.27 7.16
C GLU A 333 -1.58 -21.06 8.30
N GLU A 334 -2.83 -21.46 8.11
CA GLU A 334 -3.83 -21.32 9.16
C GLU A 334 -3.66 -22.35 10.26
N PHE A 335 -3.10 -23.51 9.95
CA PHE A 335 -2.89 -24.58 10.92
C PHE A 335 -1.46 -24.62 11.45
N LYS A 336 -0.68 -23.56 11.24
CA LYS A 336 0.74 -23.59 11.57
C LYS A 336 0.96 -23.72 13.07
N GLY A 337 0.58 -22.69 13.84
CA GLY A 337 0.83 -22.70 15.26
C GLY A 337 -0.29 -23.29 16.08
N THR A 338 -0.78 -24.47 15.69
CA THR A 338 -1.90 -25.10 16.36
C THR A 338 -1.61 -26.48 16.89
N GLY A 339 -0.42 -27.03 16.64
CA GLY A 339 -0.10 -28.39 17.01
C GLY A 339 1.00 -28.46 18.05
N ASN A 340 0.96 -29.50 18.87
CA ASN A 340 2.03 -29.72 19.83
C ASN A 340 3.30 -30.22 19.16
N MET A 341 3.17 -31.17 18.24
CA MET A 341 4.31 -31.72 17.51
C MET A 341 4.25 -31.26 16.06
N GLU A 342 5.41 -30.98 15.49
CA GLU A 342 5.53 -30.56 14.10
C GLU A 342 6.67 -31.33 13.46
N LEU A 343 6.35 -32.20 12.50
CA LEU A 343 7.35 -32.99 11.79
C LEU A 343 7.36 -32.57 10.33
N HIS A 344 8.56 -32.27 9.82
CA HIS A 344 8.71 -31.73 8.47
C HIS A 344 9.38 -32.75 7.57
N LEU A 345 8.93 -32.80 6.32
CA LEU A 345 9.53 -33.61 5.28
C LEU A 345 10.12 -32.69 4.21
N SER A 346 11.34 -33.00 3.78
CA SER A 346 12.06 -32.17 2.82
C SER A 346 12.14 -32.90 1.49
N ARG A 347 11.76 -32.20 0.41
CA ARG A 347 11.85 -32.80 -0.92
C ARG A 347 13.29 -33.06 -1.32
N LYS A 348 14.20 -32.11 -1.04
CA LYS A 348 15.58 -32.25 -1.45
C LYS A 348 16.27 -33.44 -0.79
N ILE A 349 15.76 -33.90 0.36
CA ILE A 349 16.28 -35.12 0.93
C ILE A 349 15.64 -36.35 0.30
N ALA A 350 14.37 -36.23 -0.12
CA ALA A 350 13.67 -37.35 -0.74
C ALA A 350 14.23 -37.65 -2.12
N GLU A 351 14.62 -36.61 -2.87
CA GLU A 351 15.11 -36.82 -4.23
C GLU A 351 16.41 -37.62 -4.25
N LYS A 352 17.22 -37.50 -3.18
CA LYS A 352 18.46 -38.26 -3.09
C LYS A 352 18.22 -39.70 -2.64
N ARG A 353 16.97 -40.15 -2.65
CA ARG A 353 16.61 -41.52 -2.31
C ARG A 353 17.11 -41.90 -0.92
N VAL A 354 17.03 -40.96 0.01
CA VAL A 354 17.37 -41.18 1.41
C VAL A 354 16.08 -41.09 2.21
N PHE A 355 15.66 -42.21 2.78
CA PHE A 355 14.40 -42.26 3.51
C PHE A 355 14.64 -42.64 4.96
N PRO A 356 13.88 -42.07 5.91
CA PRO A 356 12.85 -41.04 5.72
C PRO A 356 13.44 -39.65 5.54
N ALA A 357 12.80 -38.79 4.75
CA ALA A 357 13.35 -37.47 4.44
C ALA A 357 12.80 -36.41 5.40
N ILE A 358 13.13 -36.59 6.68
CA ILE A 358 12.66 -35.68 7.72
C ILE A 358 13.69 -34.57 7.89
N ASP A 359 13.21 -33.38 8.22
CA ASP A 359 14.06 -32.22 8.49
C ASP A 359 14.25 -32.12 9.99
N TYR A 360 15.38 -32.62 10.47
CA TYR A 360 15.61 -32.68 11.92
C TYR A 360 15.70 -31.29 12.53
N ASN A 361 16.36 -30.35 11.84
CA ASN A 361 16.59 -29.04 12.44
C ASN A 361 15.33 -28.21 12.53
N ARG A 362 14.30 -28.56 11.76
CA ARG A 362 13.07 -27.77 11.71
C ARG A 362 11.85 -28.57 12.19
N SER A 363 12.07 -29.63 12.95
CA SER A 363 10.98 -30.45 13.47
C SER A 363 11.19 -30.73 14.94
N GLY A 364 10.09 -30.89 15.66
CA GLY A 364 10.15 -31.16 17.08
C GLY A 364 8.82 -30.87 17.74
N THR A 365 8.75 -31.21 19.02
CA THR A 365 7.55 -30.99 19.81
C THR A 365 7.74 -29.76 20.70
N ARG A 366 6.79 -29.51 21.59
CA ARG A 366 6.81 -28.32 22.44
C ARG A 366 7.32 -28.60 23.85
N LYS A 367 6.73 -29.57 24.55
CA LYS A 367 7.15 -29.92 25.90
C LYS A 367 7.67 -31.35 25.89
N GLU A 368 8.96 -31.49 25.56
CA GLU A 368 9.57 -32.81 25.53
C GLU A 368 9.87 -33.35 26.92
N GLU A 369 10.07 -32.47 27.90
CA GLU A 369 10.45 -32.93 29.24
C GLU A 369 9.34 -33.73 29.92
N LEU A 370 8.10 -33.63 29.43
CA LEU A 370 7.04 -34.44 30.01
C LEU A 370 7.01 -35.84 29.41
N LEU A 371 7.22 -35.95 28.10
CA LEU A 371 7.20 -37.26 27.45
C LEU A 371 8.43 -38.08 27.80
N THR A 372 9.60 -37.45 27.75
CA THR A 372 10.85 -38.16 27.97
C THR A 372 11.29 -38.04 29.44
N THR A 373 12.18 -38.95 29.83
CA THR A 373 12.73 -38.89 31.18
C THR A 373 13.81 -37.82 31.25
N GLN A 374 14.32 -37.61 32.47
CA GLN A 374 15.31 -36.55 32.67
C GLN A 374 16.60 -36.86 31.90
N GLU A 375 17.05 -38.12 31.92
CA GLU A 375 18.31 -38.46 31.28
C GLU A 375 18.20 -38.41 29.76
N GLU A 376 17.08 -38.89 29.21
CA GLU A 376 16.93 -38.96 27.76
C GLU A 376 16.92 -37.57 27.14
N LEU A 377 16.29 -36.61 27.80
CA LEU A 377 16.20 -35.27 27.24
C LEU A 377 17.57 -34.64 27.09
N GLN A 378 18.46 -34.85 28.07
CA GLN A 378 19.80 -34.30 27.98
C GLN A 378 20.55 -34.89 26.79
N LYS A 379 20.41 -36.20 26.57
CA LYS A 379 21.04 -36.83 25.41
C LYS A 379 20.50 -36.27 24.11
N MET A 380 19.18 -36.03 24.05
CA MET A 380 18.61 -35.43 22.86
C MET A 380 19.15 -34.02 22.63
N TRP A 381 19.30 -33.24 23.70
CA TRP A 381 19.87 -31.91 23.58
C TRP A 381 21.30 -31.96 23.07
N ILE A 382 22.09 -32.91 23.57
CA ILE A 382 23.46 -33.07 23.09
C ILE A 382 23.48 -33.42 21.61
N LEU A 383 22.60 -34.35 21.20
CA LEU A 383 22.50 -34.70 19.79
C LEU A 383 22.01 -33.51 18.96
N ARG A 384 21.04 -32.77 19.46
CA ARG A 384 20.54 -31.61 18.72
C ARG A 384 21.61 -30.55 18.54
N LYS A 385 22.50 -30.40 19.53
CA LYS A 385 23.59 -29.44 19.39
C LYS A 385 24.53 -29.82 18.25
N ILE A 386 24.82 -31.11 18.11
CA ILE A 386 25.70 -31.56 17.03
C ILE A 386 25.04 -31.36 15.67
N ILE A 387 23.77 -31.71 15.56
CA ILE A 387 23.10 -31.66 14.26
C ILE A 387 22.86 -30.21 13.81
N HIS A 388 22.69 -29.30 14.76
CA HIS A 388 22.25 -27.94 14.44
C HIS A 388 23.12 -27.23 13.40
N PRO A 389 24.45 -27.23 13.49
CA PRO A 389 25.23 -26.59 12.42
C PRO A 389 25.10 -27.29 11.08
N MET A 390 24.78 -28.58 11.06
CA MET A 390 24.77 -29.34 9.83
C MET A 390 23.56 -28.97 8.97
N GLY A 391 23.69 -29.21 7.66
CA GLY A 391 22.60 -28.97 6.75
C GLY A 391 21.57 -30.08 6.80
N GLU A 392 20.41 -29.80 6.19
CA GLU A 392 19.29 -30.74 6.26
C GLU A 392 19.60 -32.04 5.54
N ILE A 393 20.22 -31.96 4.36
CA ILE A 393 20.47 -33.17 3.58
C ILE A 393 21.56 -34.02 4.23
N ASP A 394 22.63 -33.38 4.70
CA ASP A 394 23.73 -34.14 5.28
C ASP A 394 23.40 -34.67 6.67
N ALA A 395 22.49 -33.99 7.39
CA ALA A 395 22.13 -34.45 8.72
C ALA A 395 21.46 -35.83 8.67
N MET A 396 20.57 -36.03 7.70
CA MET A 396 19.94 -37.34 7.58
C MET A 396 20.95 -38.42 7.26
N GLU A 397 21.92 -38.11 6.39
CA GLU A 397 23.00 -39.06 6.12
C GLU A 397 23.79 -39.35 7.39
N PHE A 398 24.03 -38.30 8.20
CA PHE A 398 24.68 -38.50 9.49
C PHE A 398 23.83 -39.38 10.40
N LEU A 399 22.51 -39.15 10.42
CA LEU A 399 21.64 -39.92 11.29
C LEU A 399 21.58 -41.38 10.88
N ILE A 400 21.34 -41.66 9.60
CA ILE A 400 21.18 -43.04 9.16
C ILE A 400 22.47 -43.81 9.31
N ASN A 401 23.63 -43.16 9.11
CA ASN A 401 24.91 -43.84 9.25
C ASN A 401 25.12 -44.30 10.69
N LYS A 402 24.87 -43.41 11.65
CA LYS A 402 25.09 -43.77 13.05
C LYS A 402 23.96 -44.58 13.64
N LEU A 403 22.80 -44.62 12.99
CA LEU A 403 21.70 -45.47 13.45
C LEU A 403 21.73 -46.85 12.81
N ALA A 404 22.59 -47.07 11.81
CA ALA A 404 22.63 -48.36 11.14
C ALA A 404 23.24 -49.43 12.05
N MET A 405 24.36 -49.13 12.68
CA MET A 405 25.07 -50.10 13.50
C MET A 405 24.57 -50.16 14.94
N THR A 406 23.59 -49.34 15.30
CA THR A 406 23.05 -49.31 16.65
C THR A 406 21.70 -50.02 16.68
N LYS A 407 21.56 -50.97 17.59
CA LYS A 407 20.31 -51.72 17.67
C LYS A 407 19.21 -50.88 18.32
N THR A 408 19.54 -50.16 19.38
CA THR A 408 18.57 -49.37 20.14
C THR A 408 19.14 -47.98 20.38
N ASN A 409 18.23 -47.01 20.53
CA ASN A 409 18.67 -45.63 20.74
C ASN A 409 19.50 -45.48 22.01
N ASP A 410 19.23 -46.30 23.03
CA ASP A 410 20.05 -46.26 24.23
C ASP A 410 21.50 -46.64 23.91
N ASP A 411 21.68 -47.67 23.10
CA ASP A 411 23.03 -48.02 22.63
C ASP A 411 23.60 -46.94 21.73
N PHE A 412 22.74 -46.28 20.95
CA PHE A 412 23.21 -45.19 20.09
C PHE A 412 23.77 -44.04 20.91
N PHE A 413 23.11 -43.70 22.01
CA PHE A 413 23.60 -42.62 22.86
C PHE A 413 24.96 -42.96 23.46
N GLU A 414 25.16 -44.21 23.87
CA GLU A 414 26.47 -44.63 24.36
C GLU A 414 27.52 -44.53 23.26
N MET A 415 27.17 -44.96 22.04
CA MET A 415 28.09 -44.83 20.92
C MET A 415 28.34 -43.37 20.57
N MET A 416 27.29 -42.54 20.64
CA MET A 416 27.43 -41.13 20.28
C MET A 416 28.41 -40.42 21.22
N LYS A 417 28.29 -40.65 22.52
CA LYS A 417 29.15 -39.98 23.48
C LYS A 417 30.56 -40.57 23.43
N ARG A 418 31.54 -39.73 23.77
CA ARG A 418 32.95 -40.13 23.81
C ARG A 418 33.42 -40.70 22.48
N MET B 1 -29.80 -21.50 45.60
CA MET B 1 -28.35 -21.42 45.78
C MET B 1 -27.77 -20.23 45.03
N ASN B 2 -26.45 -20.06 45.15
CA ASN B 2 -25.77 -19.00 44.42
C ASN B 2 -25.21 -19.55 43.12
N LEU B 3 -25.51 -18.88 42.01
CA LEU B 3 -25.09 -19.36 40.70
C LEU B 3 -23.58 -19.34 40.54
N THR B 4 -22.89 -18.45 41.24
CA THR B 4 -21.45 -18.29 41.01
C THR B 4 -20.68 -19.55 41.38
N GLU B 5 -21.03 -20.19 42.49
CA GLU B 5 -20.29 -21.38 42.89
C GLU B 5 -20.71 -22.63 42.11
N LEU B 6 -21.90 -22.64 41.53
CA LEU B 6 -22.28 -23.77 40.69
C LEU B 6 -21.38 -23.86 39.48
N LYS B 7 -21.04 -22.72 38.88
CA LYS B 7 -20.12 -22.71 37.75
C LYS B 7 -18.70 -23.04 38.13
N ASN B 8 -18.38 -23.06 39.43
CA ASN B 8 -17.05 -23.41 39.89
C ASN B 8 -16.92 -24.86 40.33
N THR B 9 -18.02 -25.51 40.70
CA THR B 9 -17.95 -26.90 41.10
C THR B 9 -17.60 -27.78 39.89
N PRO B 10 -16.90 -28.90 40.12
CA PRO B 10 -16.58 -29.80 39.01
C PRO B 10 -17.83 -30.42 38.43
N VAL B 11 -17.73 -30.81 37.16
CA VAL B 11 -18.89 -31.35 36.45
C VAL B 11 -19.38 -32.63 37.13
N SER B 12 -18.45 -33.48 37.57
CA SER B 12 -18.85 -34.71 38.25
C SER B 12 -19.61 -34.42 39.53
N GLU B 13 -19.18 -33.41 40.29
CA GLU B 13 -19.90 -33.04 41.51
C GLU B 13 -21.27 -32.48 41.20
N LEU B 14 -21.42 -31.77 40.07
CA LEU B 14 -22.73 -31.27 39.67
C LEU B 14 -23.69 -32.42 39.41
N ILE B 15 -23.19 -33.51 38.80
CA ILE B 15 -24.04 -34.67 38.52
C ILE B 15 -24.59 -35.24 39.81
N THR B 16 -23.74 -35.36 40.84
CA THR B 16 -24.20 -35.87 42.12
C THR B 16 -25.28 -34.98 42.72
N LEU B 17 -25.09 -33.66 42.65
CA LEU B 17 -26.10 -32.74 43.15
C LEU B 17 -27.39 -32.84 42.33
N GLY B 18 -27.27 -32.95 41.01
CA GLY B 18 -28.46 -33.05 40.17
C GLY B 18 -29.24 -34.31 40.41
N GLU B 19 -28.55 -35.45 40.50
CA GLU B 19 -29.23 -36.72 40.78
C GLU B 19 -29.88 -36.69 42.15
N ASN B 20 -29.18 -36.14 43.14
CA ASN B 20 -29.76 -36.01 44.48
C ASN B 20 -30.99 -35.12 44.46
N MET B 21 -30.94 -34.04 43.68
CA MET B 21 -32.08 -33.12 43.61
C MET B 21 -33.29 -33.79 42.99
N GLY B 22 -33.09 -34.62 41.97
CA GLY B 22 -34.19 -35.32 41.33
C GLY B 22 -34.05 -35.39 39.82
N LEU B 23 -33.04 -34.73 39.27
CA LEU B 23 -32.82 -34.75 37.83
C LEU B 23 -32.15 -36.07 37.42
N GLU B 24 -32.30 -36.41 36.14
CA GLU B 24 -31.69 -37.61 35.60
C GLU B 24 -31.26 -37.35 34.16
N ASN B 25 -30.34 -38.19 33.69
CA ASN B 25 -29.83 -38.12 32.31
C ASN B 25 -29.14 -36.79 32.03
N LEU B 26 -28.54 -36.18 33.05
CA LEU B 26 -27.81 -34.93 32.89
C LEU B 26 -26.31 -35.16 32.75
N ALA B 27 -25.86 -36.40 32.67
CA ALA B 27 -24.44 -36.69 32.57
C ALA B 27 -23.93 -36.68 31.14
N ARG B 28 -24.81 -36.52 30.14
CA ARG B 28 -24.42 -36.55 28.75
C ARG B 28 -24.60 -35.22 28.05
N MET B 29 -24.74 -34.13 28.79
CA MET B 29 -24.91 -32.81 28.22
C MET B 29 -23.89 -31.85 28.81
N ARG B 30 -23.76 -30.69 28.17
CA ARG B 30 -22.72 -29.74 28.51
C ARG B 30 -22.95 -29.17 29.91
N LYS B 31 -21.90 -28.57 30.47
CA LYS B 31 -21.98 -28.05 31.83
C LYS B 31 -23.01 -26.94 31.95
N GLN B 32 -23.12 -26.09 30.92
CA GLN B 32 -24.09 -25.01 30.95
C GLN B 32 -25.51 -25.55 31.06
N ASP B 33 -25.82 -26.61 30.30
CA ASP B 33 -27.15 -27.21 30.39
C ASP B 33 -27.39 -27.83 31.75
N ILE B 34 -26.36 -28.45 32.34
CA ILE B 34 -26.51 -29.02 33.67
C ILE B 34 -26.83 -27.94 34.69
N ILE B 35 -26.10 -26.81 34.62
CA ILE B 35 -26.32 -25.72 35.56
C ILE B 35 -27.72 -25.14 35.37
N PHE B 36 -28.13 -24.96 34.11
CA PHE B 36 -29.46 -24.44 33.84
C PHE B 36 -30.54 -25.38 34.35
N ALA B 37 -30.33 -26.69 34.19
CA ALA B 37 -31.32 -27.67 34.62
C ALA B 37 -31.49 -27.66 36.13
N ILE B 38 -30.38 -27.69 36.87
CA ILE B 38 -30.49 -27.74 38.33
C ILE B 38 -31.02 -26.42 38.88
N LEU B 39 -30.68 -25.29 38.26
CA LEU B 39 -31.27 -24.03 38.68
C LEU B 39 -32.77 -24.01 38.45
N LYS B 40 -33.22 -24.55 37.30
CA LYS B 40 -34.65 -24.59 37.03
C LYS B 40 -35.39 -25.41 38.07
N GLN B 41 -34.83 -26.56 38.45
CA GLN B 41 -35.46 -27.39 39.47
C GLN B 41 -35.47 -26.69 40.82
N HIS B 42 -34.37 -26.02 41.18
CA HIS B 42 -34.31 -25.32 42.46
C HIS B 42 -35.29 -24.17 42.52
N ALA B 43 -35.50 -23.47 41.38
CA ALA B 43 -36.40 -22.33 41.37
C ALA B 43 -37.84 -22.74 41.65
N LYS B 44 -38.21 -23.98 41.29
CA LYS B 44 -39.56 -24.45 41.56
C LYS B 44 -39.85 -24.57 43.05
N SER B 45 -38.81 -24.67 43.88
CA SER B 45 -39.00 -24.72 45.32
C SER B 45 -39.27 -23.35 45.94
N GLY B 46 -39.15 -22.27 45.16
CA GLY B 46 -39.41 -20.94 45.66
C GLY B 46 -38.24 -20.27 46.36
N GLU B 47 -37.12 -20.95 46.51
CA GLU B 47 -35.97 -20.35 47.17
C GLU B 47 -35.31 -19.32 46.27
N ASP B 48 -34.83 -18.23 46.88
CA ASP B 48 -34.20 -17.16 46.11
C ASP B 48 -32.85 -17.63 45.56
N ILE B 49 -32.53 -17.15 44.36
CA ILE B 49 -31.32 -17.53 43.65
C ILE B 49 -30.49 -16.28 43.39
N PHE B 50 -29.21 -16.33 43.71
CA PHE B 50 -28.30 -15.22 43.53
C PHE B 50 -27.37 -15.49 42.35
N GLY B 51 -27.24 -14.50 41.47
CA GLY B 51 -26.36 -14.63 40.32
C GLY B 51 -25.61 -13.35 40.08
N ASP B 52 -24.59 -13.45 39.23
CA ASP B 52 -23.77 -12.29 38.89
C ASP B 52 -23.07 -12.54 37.57
N GLY B 53 -22.55 -11.48 36.99
CA GLY B 53 -21.85 -11.59 35.72
C GLY B 53 -21.44 -10.23 35.22
N VAL B 54 -20.89 -10.23 34.00
CA VAL B 54 -20.44 -9.01 33.34
C VAL B 54 -21.42 -8.68 32.22
N LEU B 55 -21.96 -7.48 32.25
CA LEU B 55 -22.99 -7.09 31.30
C LEU B 55 -22.42 -6.99 29.88
N GLU B 56 -23.17 -7.51 28.92
CA GLU B 56 -22.85 -7.35 27.50
C GLU B 56 -24.12 -6.91 26.78
N ILE B 57 -24.18 -5.64 26.40
CA ILE B 57 -25.35 -5.10 25.73
C ILE B 57 -25.27 -5.44 24.26
N LEU B 58 -26.29 -6.12 23.75
CA LEU B 58 -26.35 -6.45 22.33
C LEU B 58 -26.87 -5.25 21.54
N GLN B 59 -26.73 -5.35 20.21
CA GLN B 59 -27.18 -4.27 19.34
C GLN B 59 -28.68 -4.06 19.38
N ASP B 60 -29.45 -5.08 19.74
CA ASP B 60 -30.90 -4.93 19.83
C ASP B 60 -31.30 -3.96 20.94
N GLY B 61 -30.61 -4.04 22.08
CA GLY B 61 -30.92 -3.17 23.20
C GLY B 61 -30.87 -3.88 24.53
N PHE B 62 -31.18 -5.17 24.53
CA PHE B 62 -31.08 -5.97 25.74
C PHE B 62 -29.67 -6.52 25.89
N GLY B 63 -29.37 -7.02 27.09
CA GLY B 63 -28.05 -7.53 27.38
C GLY B 63 -28.12 -8.82 28.17
N PHE B 64 -26.96 -9.45 28.31
CA PHE B 64 -26.81 -10.68 29.07
C PHE B 64 -25.64 -10.56 30.03
N LEU B 65 -25.81 -11.12 31.22
CA LEU B 65 -24.73 -11.20 32.19
C LEU B 65 -23.97 -12.50 31.95
N ARG B 66 -22.71 -12.39 31.54
CA ARG B 66 -21.89 -13.54 31.21
C ARG B 66 -20.81 -13.74 32.27
N SER B 67 -20.42 -14.99 32.46
CA SER B 67 -19.47 -15.37 33.51
C SER B 67 -18.08 -15.52 32.93
N ALA B 68 -17.08 -15.16 33.74
CA ALA B 68 -15.69 -15.29 33.33
C ALA B 68 -15.19 -16.72 33.39
N ASP B 69 -15.91 -17.60 34.09
CA ASP B 69 -15.48 -18.99 34.18
C ASP B 69 -15.52 -19.67 32.81
N SER B 70 -16.55 -19.39 32.02
CA SER B 70 -16.67 -19.90 30.67
C SER B 70 -16.11 -18.94 29.64
N SER B 71 -15.29 -17.98 30.05
CA SER B 71 -14.71 -16.98 29.16
C SER B 71 -15.78 -16.20 28.41
N TYR B 72 -16.83 -15.81 29.12
CA TYR B 72 -17.91 -14.98 28.57
C TYR B 72 -18.52 -15.61 27.33
N LEU B 73 -18.68 -16.93 27.35
CA LEU B 73 -19.30 -17.65 26.25
C LEU B 73 -20.81 -17.65 26.43
N ALA B 74 -21.53 -17.36 25.34
CA ALA B 74 -22.98 -17.36 25.40
C ALA B 74 -23.50 -18.77 25.69
N GLY B 75 -24.43 -18.86 26.63
CA GLY B 75 -24.98 -20.14 27.02
C GLY B 75 -26.35 -20.03 27.64
N PRO B 76 -27.01 -21.17 27.85
CA PRO B 76 -28.35 -21.14 28.45
C PRO B 76 -28.38 -20.54 29.85
N ASP B 77 -27.30 -20.66 30.61
CA ASP B 77 -27.28 -20.20 31.99
C ASP B 77 -27.04 -18.70 32.12
N ASP B 78 -26.79 -18.00 31.02
CA ASP B 78 -26.57 -16.57 31.09
C ASP B 78 -27.83 -15.84 31.52
N ILE B 79 -27.65 -14.84 32.39
CA ILE B 79 -28.76 -14.05 32.90
C ILE B 79 -29.15 -13.00 31.88
N TYR B 80 -30.44 -12.68 31.82
CA TYR B 80 -30.99 -11.73 30.87
C TYR B 80 -31.39 -10.46 31.59
N VAL B 81 -31.02 -9.30 31.04
CA VAL B 81 -31.40 -8.01 31.58
C VAL B 81 -32.25 -7.29 30.55
N SER B 82 -33.37 -6.73 30.99
CA SER B 82 -34.28 -6.07 30.08
C SER B 82 -33.73 -4.70 29.70
N PRO B 83 -34.14 -4.18 28.54
CA PRO B 83 -33.68 -2.84 28.14
C PRO B 83 -34.07 -1.76 29.14
N SER B 84 -35.19 -1.93 29.84
CA SER B 84 -35.58 -0.95 30.84
C SER B 84 -34.59 -0.90 31.99
N GLN B 85 -34.09 -2.06 32.42
CA GLN B 85 -33.11 -2.09 33.49
C GLN B 85 -31.80 -1.42 33.09
N ILE B 86 -31.39 -1.62 31.83
CA ILE B 86 -30.19 -0.94 31.33
C ILE B 86 -30.41 0.57 31.30
N ARG B 87 -31.66 1.00 31.17
CA ARG B 87 -31.98 2.43 31.20
C ARG B 87 -32.25 2.92 32.62
N ARG B 88 -32.80 2.05 33.48
CA ARG B 88 -33.09 2.46 34.85
C ARG B 88 -31.81 2.77 35.60
N PHE B 89 -30.94 1.78 35.76
CA PHE B 89 -29.57 2.02 36.20
C PHE B 89 -28.74 2.35 34.98
N ASN B 90 -27.91 3.38 35.09
CA ASN B 90 -27.11 3.83 33.94
C ASN B 90 -26.00 2.81 33.72
N LEU B 91 -26.35 1.73 33.03
CA LEU B 91 -25.47 0.59 32.85
C LEU B 91 -24.87 0.60 31.45
N ARG B 92 -23.55 0.43 31.38
CA ARG B 92 -22.84 0.26 30.14
C ARG B 92 -22.31 -1.17 30.05
N THR B 93 -21.96 -1.59 28.84
CA THR B 93 -21.39 -2.92 28.65
C THR B 93 -20.07 -3.01 29.39
N GLY B 94 -19.86 -4.14 30.07
CA GLY B 94 -18.69 -4.35 30.89
C GLY B 94 -18.92 -4.16 32.37
N ASP B 95 -20.10 -3.70 32.78
CA ASP B 95 -20.40 -3.54 34.19
C ASP B 95 -20.62 -4.90 34.84
N THR B 96 -20.04 -5.07 36.03
CA THR B 96 -20.24 -6.30 36.80
C THR B 96 -21.44 -6.10 37.71
N ILE B 97 -22.48 -6.91 37.50
CA ILE B 97 -23.76 -6.76 38.19
C ILE B 97 -24.00 -8.00 39.02
N SER B 98 -24.40 -7.79 40.27
CA SER B 98 -24.73 -8.88 41.19
C SER B 98 -26.11 -8.64 41.77
N GLY B 99 -26.85 -9.72 41.99
CA GLY B 99 -28.18 -9.61 42.56
C GLY B 99 -28.94 -10.91 42.46
N LYS B 100 -30.24 -10.82 42.71
CA LYS B 100 -31.13 -11.97 42.66
C LYS B 100 -31.66 -12.17 41.25
N ILE B 101 -31.96 -13.43 40.92
CA ILE B 101 -32.48 -13.79 39.61
C ILE B 101 -33.73 -14.63 39.78
N ARG B 102 -34.50 -14.73 38.71
CA ARG B 102 -35.76 -15.46 38.71
C ARG B 102 -35.79 -16.43 37.55
N PRO B 103 -36.54 -17.53 37.69
CA PRO B 103 -36.62 -18.49 36.59
C PRO B 103 -37.35 -17.91 35.40
N PRO B 104 -37.08 -18.41 34.20
CA PRO B 104 -37.78 -17.89 33.02
C PRO B 104 -39.27 -18.20 33.09
N LYS B 105 -40.07 -17.26 32.57
CA LYS B 105 -41.49 -17.47 32.44
C LYS B 105 -41.80 -18.07 31.08
N GLU B 106 -43.08 -18.22 30.76
CA GLU B 106 -43.46 -18.77 29.46
C GLU B 106 -43.03 -17.83 28.35
N GLY B 107 -42.45 -18.41 27.30
CA GLY B 107 -41.89 -17.62 26.22
C GLY B 107 -40.51 -17.06 26.49
N GLU B 108 -39.92 -17.35 27.64
CA GLU B 108 -38.58 -16.90 27.98
C GLU B 108 -37.65 -18.09 28.09
N ARG B 109 -36.41 -17.90 27.65
CA ARG B 109 -35.43 -18.98 27.64
C ARG B 109 -34.27 -18.77 28.59
N TYR B 110 -34.16 -17.61 29.22
CA TYR B 110 -33.05 -17.31 30.12
C TYR B 110 -33.57 -16.79 31.45
N PHE B 111 -32.78 -17.02 32.50
CA PHE B 111 -33.05 -16.40 33.78
C PHE B 111 -32.94 -14.89 33.65
N ALA B 112 -33.78 -14.17 34.39
CA ALA B 112 -33.83 -12.73 34.33
C ALA B 112 -33.45 -12.12 35.68
N LEU B 113 -32.89 -10.92 35.63
CA LEU B 113 -32.57 -10.20 36.85
C LEU B 113 -33.84 -9.87 37.62
N LEU B 114 -33.76 -9.99 38.95
CA LEU B 114 -34.88 -9.67 39.82
C LEU B 114 -34.63 -8.44 40.68
N LYS B 115 -33.42 -8.28 41.20
CA LYS B 115 -33.08 -7.15 42.06
C LYS B 115 -31.59 -6.91 41.98
N VAL B 116 -31.20 -5.71 41.56
CA VAL B 116 -29.79 -5.34 41.47
C VAL B 116 -29.39 -4.70 42.79
N ASN B 117 -28.38 -5.25 43.44
CA ASN B 117 -27.91 -4.73 44.71
C ASN B 117 -26.40 -4.46 44.73
N GLU B 118 -25.72 -4.63 43.60
CA GLU B 118 -24.28 -4.38 43.55
C GLU B 118 -23.88 -4.20 42.09
N VAL B 119 -23.31 -3.05 41.77
CA VAL B 119 -22.79 -2.76 40.44
C VAL B 119 -21.34 -2.35 40.58
N ASN B 120 -20.44 -3.08 39.90
CA ASN B 120 -19.00 -2.82 39.96
C ASN B 120 -18.51 -2.81 41.41
N PHE B 121 -19.02 -3.77 42.20
CA PHE B 121 -18.65 -3.91 43.61
C PHE B 121 -18.91 -2.62 44.37
N ASP B 122 -20.04 -1.99 44.10
CA ASP B 122 -20.43 -0.76 44.76
C ASP B 122 -21.93 -0.64 44.72
N LYS B 123 -22.47 0.27 45.53
CA LYS B 123 -23.90 0.48 45.57
C LYS B 123 -24.40 0.94 44.22
N PRO B 124 -25.58 0.50 43.78
CA PRO B 124 -26.04 0.87 42.43
C PRO B 124 -26.20 2.35 42.21
N GLU B 125 -26.54 3.12 43.23
CA GLU B 125 -26.70 4.56 43.06
C GLU B 125 -25.37 5.31 43.09
N ASN B 126 -24.29 4.68 43.54
CA ASN B 126 -22.99 5.33 43.54
C ASN B 126 -22.19 5.01 42.28
N ALA B 127 -22.43 3.86 41.66
CA ALA B 127 -21.73 3.50 40.44
C ALA B 127 -22.22 4.27 39.22
N ARG B 128 -23.41 4.85 39.30
CA ARG B 128 -23.96 5.62 38.17
C ARG B 128 -23.46 7.06 38.15
N ASN B 129 -22.65 7.46 39.13
CA ASN B 129 -22.10 8.81 39.18
C ASN B 129 -20.60 8.82 38.93
N LYS B 130 -20.11 7.87 38.13
CA LYS B 130 -18.68 7.76 37.84
C LYS B 130 -18.41 8.32 36.45
N ILE B 131 -17.40 9.19 36.35
CA ILE B 131 -17.06 9.80 35.08
C ILE B 131 -16.59 8.74 34.10
N LEU B 132 -16.99 8.89 32.84
CA LEU B 132 -16.66 7.91 31.81
C LEU B 132 -15.15 7.83 31.60
N PHE B 133 -14.70 6.66 31.12
CA PHE B 133 -13.27 6.43 30.94
C PHE B 133 -12.69 7.37 29.90
N GLU B 134 -13.45 7.69 28.84
CA GLU B 134 -12.94 8.53 27.77
C GLU B 134 -12.66 9.95 28.24
N ASN B 135 -13.26 10.38 29.34
CA ASN B 135 -13.10 11.74 29.83
C ASN B 135 -11.90 11.91 30.75
N LEU B 136 -11.21 10.82 31.09
CA LEU B 136 -10.07 10.88 31.98
C LEU B 136 -8.80 11.24 31.20
N THR B 137 -7.99 12.11 31.78
CA THR B 137 -6.80 12.61 31.08
C THR B 137 -5.64 11.63 31.24
N PRO B 138 -5.06 11.14 30.15
CA PRO B 138 -3.92 10.23 30.29
C PRO B 138 -2.68 10.94 30.82
N LEU B 139 -1.81 10.16 31.45
CA LEU B 139 -0.54 10.65 31.95
C LEU B 139 0.53 9.59 31.72
N HIS B 140 1.78 10.00 31.80
CA HIS B 140 2.87 9.06 31.78
C HIS B 140 2.89 8.25 33.08
N ALA B 141 3.33 7.00 32.98
CA ALA B 141 3.43 6.16 34.16
C ALA B 141 4.46 6.73 35.12
N ASN B 142 4.10 6.80 36.40
CA ASN B 142 5.01 7.30 37.43
C ASN B 142 5.08 6.42 38.66
N SER B 143 4.29 5.35 38.73
CA SER B 143 4.33 4.41 39.84
C SER B 143 4.88 3.09 39.34
N ARG B 144 5.93 2.60 40.00
CA ARG B 144 6.65 1.43 39.52
C ARG B 144 5.96 0.15 39.95
N LEU B 145 5.83 -0.79 39.01
CA LEU B 145 5.38 -2.14 39.32
C LEU B 145 6.62 -3.03 39.34
N ARG B 146 7.21 -3.16 40.52
CA ARG B 146 8.47 -3.87 40.67
C ARG B 146 8.24 -5.37 40.60
N MET B 147 8.85 -6.03 39.62
CA MET B 147 8.68 -7.46 39.45
C MET B 147 9.60 -8.29 40.34
N GLU B 148 10.59 -7.67 40.96
CA GLU B 148 11.59 -8.42 41.72
C GLU B 148 10.97 -8.96 43.00
N ARG B 149 10.85 -10.27 43.09
CA ARG B 149 10.31 -10.89 44.30
C ARG B 149 11.34 -10.91 45.42
N GLY B 150 12.61 -11.11 45.08
CA GLY B 150 13.67 -11.05 46.07
C GLY B 150 13.93 -12.32 46.85
N ASN B 151 13.32 -13.44 46.46
CA ASN B 151 13.55 -14.70 47.15
C ASN B 151 14.78 -15.45 46.65
N GLY B 152 15.41 -14.99 45.57
CA GLY B 152 16.63 -15.59 45.09
C GLY B 152 16.48 -16.88 44.33
N SER B 153 15.27 -17.28 43.97
CA SER B 153 15.06 -18.51 43.23
C SER B 153 15.48 -18.34 41.77
N THR B 154 15.54 -19.46 41.05
CA THR B 154 15.91 -19.43 39.65
C THR B 154 14.81 -18.80 38.79
N GLU B 155 13.54 -19.01 39.15
CA GLU B 155 12.45 -18.38 38.43
C GLU B 155 12.39 -16.88 38.69
N ASP B 156 12.95 -16.42 39.80
CA ASP B 156 13.05 -14.99 40.07
C ASP B 156 14.08 -14.31 39.19
N LEU B 157 14.95 -15.07 38.53
CA LEU B 157 15.98 -14.48 37.69
C LEU B 157 15.36 -13.71 36.52
N THR B 158 14.29 -14.25 35.94
CA THR B 158 13.64 -13.58 34.82
C THR B 158 13.06 -12.23 35.25
N ALA B 159 12.46 -12.18 36.43
CA ALA B 159 11.91 -10.91 36.91
C ALA B 159 13.01 -9.87 37.13
N ARG B 160 14.14 -10.28 37.67
CA ARG B 160 15.24 -9.35 37.92
C ARG B 160 15.80 -8.80 36.61
N VAL B 161 15.94 -9.66 35.60
CA VAL B 161 16.40 -9.19 34.29
C VAL B 161 15.40 -8.21 33.70
N LEU B 162 14.10 -8.45 33.91
CA LEU B 162 13.09 -7.58 33.35
C LEU B 162 13.16 -6.18 33.95
N ASP B 163 13.42 -6.09 35.26
CA ASP B 163 13.56 -4.78 35.89
C ASP B 163 14.72 -4.00 35.31
N LEU B 164 15.84 -4.67 35.07
CA LEU B 164 17.01 -3.98 34.52
C LEU B 164 16.77 -3.51 33.10
N ALA B 165 16.14 -4.35 32.28
CA ALA B 165 15.98 -4.02 30.86
C ALA B 165 14.89 -2.99 30.64
N SER B 166 13.66 -3.33 31.00
CA SER B 166 12.50 -2.47 30.75
C SER B 166 11.63 -2.39 32.00
N PRO B 167 11.80 -1.35 32.81
CA PRO B 167 10.92 -1.18 33.97
C PRO B 167 9.47 -1.03 33.54
N ILE B 168 8.57 -1.57 34.36
CA ILE B 168 7.13 -1.53 34.09
C ILE B 168 6.46 -0.73 35.18
N GLY B 169 5.62 0.22 34.79
CA GLY B 169 4.87 1.03 35.71
C GLY B 169 3.37 0.90 35.48
N ARG B 170 2.60 1.45 36.40
CA ARG B 170 1.15 1.44 36.27
C ARG B 170 0.73 2.35 35.12
N GLY B 171 -0.11 1.83 34.24
CA GLY B 171 -0.50 2.57 33.06
C GLY B 171 0.42 2.42 31.88
N GLN B 172 1.37 1.50 31.93
CA GLN B 172 2.26 1.28 30.79
C GLN B 172 1.52 0.67 29.63
N ARG B 173 2.08 0.84 28.44
CA ARG B 173 1.58 0.24 27.21
C ARG B 173 2.76 -0.49 26.58
N GLY B 174 2.98 -1.72 27.00
CA GLY B 174 4.16 -2.47 26.62
C GLY B 174 3.92 -3.48 25.50
N LEU B 175 4.97 -3.74 24.74
CA LEU B 175 4.95 -4.77 23.70
C LEU B 175 6.08 -5.75 23.96
N ILE B 176 5.79 -7.03 23.76
CA ILE B 176 6.79 -8.09 23.88
C ILE B 176 6.93 -8.71 22.51
N VAL B 177 7.97 -8.33 21.79
CA VAL B 177 8.20 -8.85 20.44
C VAL B 177 8.94 -10.18 20.57
N ALA B 178 8.34 -11.24 20.05
CA ALA B 178 8.88 -12.57 20.27
C ALA B 178 8.90 -13.39 18.99
N PRO B 179 9.98 -14.12 18.74
CA PRO B 179 10.02 -15.09 17.65
C PRO B 179 9.22 -16.34 18.02
N PRO B 180 9.04 -17.28 17.09
CA PRO B 180 8.17 -18.43 17.39
C PRO B 180 8.56 -19.24 18.62
N LYS B 181 9.85 -19.42 18.90
CA LYS B 181 10.30 -20.26 20.02
C LYS B 181 11.33 -19.47 20.83
N ALA B 182 10.85 -18.66 21.78
CA ALA B 182 11.74 -17.91 22.64
C ALA B 182 11.28 -17.91 24.09
N GLY B 183 10.48 -18.88 24.50
CA GLY B 183 9.97 -18.90 25.86
C GLY B 183 9.00 -17.78 26.16
N LYS B 184 8.18 -17.40 25.19
CA LYS B 184 7.24 -16.30 25.40
C LYS B 184 6.22 -16.63 26.46
N THR B 185 5.70 -17.86 26.46
CA THR B 185 4.66 -18.22 27.41
C THR B 185 5.18 -18.18 28.84
N MET B 186 6.38 -18.70 29.07
CA MET B 186 6.93 -18.70 30.42
C MET B 186 7.28 -17.28 30.88
N LEU B 187 7.57 -16.38 29.94
CA LEU B 187 7.80 -14.99 30.30
C LEU B 187 6.53 -14.35 30.84
N LEU B 188 5.39 -14.61 30.21
CA LEU B 188 4.13 -14.06 30.70
C LEU B 188 3.75 -14.66 32.04
N GLN B 189 3.96 -15.97 32.22
CA GLN B 189 3.64 -16.60 33.49
C GLN B 189 4.48 -16.03 34.61
N ASN B 190 5.75 -15.77 34.34
CA ASN B 190 6.61 -15.18 35.36
C ASN B 190 6.15 -13.78 35.74
N ILE B 191 5.70 -13.00 34.76
CA ILE B 191 5.19 -11.67 35.05
C ILE B 191 3.93 -11.75 35.89
N ALA B 192 3.04 -12.67 35.56
CA ALA B 192 1.78 -12.80 36.30
C ALA B 192 2.02 -13.18 37.75
N GLN B 193 2.96 -14.09 38.00
CA GLN B 193 3.26 -14.48 39.38
C GLN B 193 3.87 -13.32 40.15
N SER B 194 4.73 -12.52 39.51
CA SER B 194 5.30 -11.36 40.17
C SER B 194 4.23 -10.34 40.53
N ILE B 195 3.27 -10.12 39.63
CA ILE B 195 2.20 -9.18 39.89
C ILE B 195 1.36 -9.65 41.06
N ALA B 196 1.02 -10.93 41.10
CA ALA B 196 0.16 -11.46 42.16
C ALA B 196 0.84 -11.34 43.52
N TYR B 197 2.15 -11.61 43.58
CA TYR B 197 2.85 -11.59 44.86
C TYR B 197 3.14 -10.15 45.30
N ASN B 198 3.72 -9.34 44.41
CA ASN B 198 4.16 -8.01 44.81
C ASN B 198 3.00 -7.04 44.95
N HIS B 199 2.00 -7.12 44.07
CA HIS B 199 0.91 -6.15 44.02
C HIS B 199 -0.43 -6.89 44.07
N PRO B 200 -0.81 -7.38 45.24
CA PRO B 200 -2.11 -8.06 45.35
C PRO B 200 -3.30 -7.15 45.11
N ASP B 201 -3.13 -5.83 45.26
CA ASP B 201 -4.26 -4.92 45.10
C ASP B 201 -4.64 -4.75 43.63
N CYS B 202 -3.68 -4.79 42.73
CA CYS B 202 -3.96 -4.61 41.31
C CYS B 202 -4.81 -5.75 40.78
N VAL B 203 -5.79 -5.40 39.95
CA VAL B 203 -6.64 -6.40 39.30
C VAL B 203 -5.90 -6.94 38.09
N LEU B 204 -5.69 -8.25 38.05
CA LEU B 204 -4.93 -8.90 37.00
C LEU B 204 -5.86 -9.70 36.10
N MET B 205 -5.78 -9.45 34.79
CA MET B 205 -6.52 -10.20 33.80
C MET B 205 -5.54 -10.72 32.75
N VAL B 206 -5.64 -12.00 32.43
CA VAL B 206 -4.81 -12.62 31.40
C VAL B 206 -5.73 -13.01 30.26
N LEU B 207 -5.45 -12.48 29.07
CA LEU B 207 -6.27 -12.71 27.89
C LEU B 207 -5.47 -13.50 26.88
N LEU B 208 -6.00 -14.64 26.48
CA LEU B 208 -5.37 -15.51 25.49
C LEU B 208 -6.28 -15.64 24.28
N ILE B 209 -5.69 -15.54 23.09
CA ILE B 209 -6.44 -15.56 21.83
C ILE B 209 -5.77 -16.57 20.90
N ASP B 210 -6.60 -17.41 20.27
CA ASP B 210 -6.10 -18.48 19.40
C ASP B 210 -5.12 -19.39 20.14
N GLU B 211 -5.43 -19.71 21.39
CA GLU B 211 -4.56 -20.52 22.21
C GLU B 211 -4.97 -21.98 22.13
N ARG B 212 -3.97 -22.87 22.20
CA ARG B 212 -4.25 -24.29 22.23
C ARG B 212 -4.98 -24.65 23.51
N PRO B 213 -5.91 -25.61 23.47
CA PRO B 213 -6.72 -25.91 24.66
C PRO B 213 -5.90 -26.32 25.87
N GLU B 214 -4.80 -27.04 25.69
CA GLU B 214 -4.01 -27.45 26.84
C GLU B 214 -3.27 -26.28 27.46
N GLU B 215 -2.90 -25.28 26.65
CA GLU B 215 -2.22 -24.10 27.19
C GLU B 215 -3.15 -23.29 28.08
N VAL B 216 -4.44 -23.23 27.74
CA VAL B 216 -5.39 -22.49 28.56
C VAL B 216 -5.51 -23.11 29.94
N THR B 217 -5.55 -24.44 30.02
CA THR B 217 -5.77 -25.11 31.29
C THR B 217 -4.64 -24.83 32.26
N GLU B 218 -3.39 -24.89 31.81
CA GLU B 218 -2.27 -24.64 32.71
C GLU B 218 -2.21 -23.19 33.13
N MET B 219 -2.62 -22.26 32.25
CA MET B 219 -2.61 -20.85 32.61
C MET B 219 -3.60 -20.55 33.73
N GLN B 220 -4.79 -21.16 33.66
CA GLN B 220 -5.79 -20.93 34.69
C GLN B 220 -5.34 -21.47 36.05
N ARG B 221 -4.61 -22.57 36.07
CA ARG B 221 -4.16 -23.13 37.33
C ARG B 221 -3.02 -22.31 37.94
N LEU B 222 -2.22 -21.65 37.10
CA LEU B 222 -1.05 -20.91 37.58
C LEU B 222 -1.39 -19.49 38.00
N VAL B 223 -2.10 -18.76 37.14
CA VAL B 223 -2.35 -17.33 37.39
C VAL B 223 -3.30 -17.18 38.56
N LYS B 224 -2.93 -16.30 39.49
CA LYS B 224 -3.77 -16.04 40.67
C LYS B 224 -5.00 -15.21 40.32
N GLY B 225 -4.92 -14.38 39.29
CA GLY B 225 -6.02 -13.51 38.94
C GLY B 225 -7.09 -14.18 38.11
N GLU B 226 -7.50 -13.53 37.03
CA GLU B 226 -8.56 -14.02 36.16
C GLU B 226 -7.99 -14.30 34.78
N VAL B 227 -8.29 -15.48 34.25
CA VAL B 227 -7.82 -15.91 32.94
C VAL B 227 -9.03 -16.15 32.05
N VAL B 228 -9.07 -15.46 30.91
CA VAL B 228 -10.11 -15.64 29.91
C VAL B 228 -9.43 -15.91 28.58
N ALA B 229 -9.87 -16.97 27.89
CA ALA B 229 -9.19 -17.39 26.67
C ALA B 229 -10.20 -17.88 25.65
N SER B 230 -9.79 -17.84 24.40
CA SER B 230 -10.57 -18.40 23.29
C SER B 230 -9.65 -19.32 22.49
N THR B 231 -10.02 -20.58 22.39
CA THR B 231 -9.18 -21.55 21.69
C THR B 231 -9.23 -21.33 20.19
N PHE B 232 -8.24 -21.89 19.50
CA PHE B 232 -8.11 -21.65 18.06
C PHE B 232 -9.22 -22.29 17.25
N ASP B 233 -9.95 -23.25 17.82
CA ASP B 233 -11.03 -23.90 17.09
C ASP B 233 -12.34 -23.13 17.13
N GLU B 234 -12.38 -22.02 17.83
CA GLU B 234 -13.56 -21.18 17.90
C GLU B 234 -13.57 -20.17 16.74
N PRO B 235 -14.74 -19.70 16.33
CA PRO B 235 -14.79 -18.78 15.19
C PRO B 235 -14.15 -17.44 15.50
N ALA B 236 -13.84 -16.70 14.42
CA ALA B 236 -13.17 -15.43 14.57
C ALA B 236 -14.02 -14.42 15.33
N SER B 237 -15.34 -14.49 15.19
CA SER B 237 -16.21 -13.60 15.94
C SER B 237 -16.10 -13.83 17.43
N ARG B 238 -15.74 -15.05 17.83
CA ARG B 238 -15.57 -15.35 19.25
C ARG B 238 -14.34 -14.66 19.82
N HIS B 239 -13.25 -14.60 19.04
CA HIS B 239 -12.06 -13.90 19.50
C HIS B 239 -12.33 -12.42 19.72
N VAL B 240 -13.09 -11.81 18.82
CA VAL B 240 -13.44 -10.40 18.99
C VAL B 240 -14.30 -10.20 20.22
N GLN B 241 -15.26 -11.08 20.44
CA GLN B 241 -16.18 -10.92 21.56
C GLN B 241 -15.45 -10.93 22.89
N VAL B 242 -14.55 -11.89 23.10
CA VAL B 242 -13.87 -12.00 24.37
C VAL B 242 -12.94 -10.81 24.58
N ALA B 243 -12.33 -10.31 23.51
CA ALA B 243 -11.46 -9.14 23.64
C ALA B 243 -12.24 -7.89 24.02
N GLU B 244 -13.43 -7.71 23.42
CA GLU B 244 -14.24 -6.56 23.76
C GLU B 244 -14.71 -6.61 25.21
N MET B 245 -15.07 -7.80 25.69
CA MET B 245 -15.53 -7.92 27.07
C MET B 245 -14.43 -7.60 28.06
N VAL B 246 -13.20 -8.00 27.76
CA VAL B 246 -12.09 -7.76 28.69
C VAL B 246 -11.78 -6.28 28.78
N ILE B 247 -11.68 -5.61 27.63
CA ILE B 247 -11.27 -4.20 27.64
C ILE B 247 -12.37 -3.34 28.25
N GLU B 248 -13.63 -3.66 27.99
CA GLU B 248 -14.72 -2.88 28.57
C GLU B 248 -14.82 -3.10 30.06
N LYS B 249 -14.63 -4.34 30.51
CA LYS B 249 -14.63 -4.62 31.95
C LYS B 249 -13.48 -3.90 32.64
N ALA B 250 -12.32 -3.85 32.00
CA ALA B 250 -11.19 -3.14 32.58
C ALA B 250 -11.48 -1.65 32.72
N LYS B 251 -12.11 -1.06 31.71
CA LYS B 251 -12.40 0.37 31.75
C LYS B 251 -13.33 0.72 32.91
N ARG B 252 -14.35 -0.12 33.14
CA ARG B 252 -15.28 0.15 34.22
C ARG B 252 -14.59 0.12 35.57
N LEU B 253 -13.63 -0.77 35.75
CA LEU B 253 -12.89 -0.84 37.01
C LEU B 253 -12.03 0.41 37.20
N VAL B 254 -11.42 0.91 36.13
CA VAL B 254 -10.58 2.10 36.23
C VAL B 254 -11.41 3.32 36.62
N GLU B 255 -12.66 3.39 36.16
CA GLU B 255 -13.53 4.49 36.55
C GLU B 255 -13.80 4.51 38.05
N HIS B 256 -13.57 3.41 38.74
CA HIS B 256 -13.67 3.35 40.19
C HIS B 256 -12.31 3.50 40.87
N LYS B 257 -11.32 4.04 40.16
CA LYS B 257 -9.98 4.30 40.70
C LYS B 257 -9.31 3.00 41.15
N LYS B 258 -9.14 2.09 40.19
CA LYS B 258 -8.48 0.83 40.43
C LYS B 258 -7.35 0.64 39.42
N ASP B 259 -6.32 -0.09 39.83
CA ASP B 259 -5.21 -0.41 38.96
C ASP B 259 -5.47 -1.76 38.30
N VAL B 260 -5.63 -1.75 36.98
CA VAL B 260 -5.96 -2.95 36.22
C VAL B 260 -4.80 -3.28 35.30
N ILE B 261 -4.38 -4.54 35.30
CA ILE B 261 -3.29 -5.01 34.47
C ILE B 261 -3.83 -6.08 33.54
N ILE B 262 -3.59 -5.94 32.24
CA ILE B 262 -4.04 -6.89 31.24
C ILE B 262 -2.82 -7.46 30.54
N LEU B 263 -2.67 -8.77 30.60
CA LEU B 263 -1.62 -9.47 29.86
C LEU B 263 -2.27 -10.12 28.64
N LEU B 264 -1.89 -9.66 27.46
CA LEU B 264 -2.51 -10.07 26.22
C LEU B 264 -1.56 -10.96 25.43
N ASP B 265 -2.09 -12.08 24.93
CA ASP B 265 -1.33 -13.01 24.11
C ASP B 265 -2.29 -13.58 23.06
N SER B 266 -2.24 -13.05 21.85
CA SER B 266 -1.31 -12.01 21.44
C SER B 266 -2.03 -10.93 20.65
N ILE B 267 -1.41 -9.75 20.55
CA ILE B 267 -2.00 -8.68 19.77
C ILE B 267 -2.03 -9.04 18.29
N THR B 268 -1.10 -9.89 17.84
CA THR B 268 -1.09 -10.31 16.45
C THR B 268 -2.31 -11.16 16.12
N ARG B 269 -2.59 -12.17 16.95
CA ARG B 269 -3.75 -13.02 16.70
C ARG B 269 -5.05 -12.24 16.83
N LEU B 270 -5.09 -11.26 17.72
CA LEU B 270 -6.28 -10.41 17.83
C LEU B 270 -6.49 -9.60 16.56
N ALA B 271 -5.41 -9.07 15.99
CA ALA B 271 -5.53 -8.30 14.76
C ALA B 271 -6.01 -9.16 13.61
N ARG B 272 -5.52 -10.40 13.52
CA ARG B 272 -5.97 -11.30 12.47
C ARG B 272 -7.45 -11.65 12.63
N ALA B 273 -7.93 -11.76 13.87
CA ALA B 273 -9.34 -12.03 14.08
C ALA B 273 -10.20 -10.86 13.60
N TYR B 274 -9.78 -9.63 13.91
CA TYR B 274 -10.52 -8.47 13.43
C TYR B 274 -10.50 -8.37 11.91
N ASN B 275 -9.40 -8.78 11.29
CA ASN B 275 -9.33 -8.75 9.83
C ASN B 275 -10.40 -9.63 9.21
N THR B 276 -10.65 -10.80 9.79
CA THR B 276 -11.68 -11.69 9.28
C THR B 276 -13.07 -11.10 9.48
N VAL B 277 -13.32 -10.48 10.63
CA VAL B 277 -14.67 -10.05 10.97
C VAL B 277 -15.02 -8.74 10.28
N VAL B 278 -14.09 -7.79 10.25
CA VAL B 278 -14.39 -6.46 9.70
C VAL B 278 -14.66 -6.57 8.21
N PRO B 279 -15.76 -6.01 7.71
CA PRO B 279 -16.03 -6.08 6.27
C PRO B 279 -14.99 -5.30 5.47
N ALA B 280 -14.74 -5.78 4.26
CA ALA B 280 -13.73 -5.16 3.40
C ALA B 280 -14.17 -3.76 2.99
N SER B 281 -13.19 -2.86 2.87
CA SER B 281 -13.45 -1.47 2.50
C SER B 281 -12.88 -1.12 1.13
N GLY B 282 -12.19 -2.04 0.47
CA GLY B 282 -11.62 -1.80 -0.84
C GLY B 282 -10.16 -1.39 -0.83
N LYS B 283 -9.65 -0.96 0.31
CA LYS B 283 -8.25 -0.54 0.44
C LYS B 283 -7.53 -1.61 1.24
N VAL B 284 -7.00 -2.61 0.53
CA VAL B 284 -6.32 -3.74 1.15
C VAL B 284 -4.82 -3.49 1.10
N LEU B 285 -4.18 -3.51 2.26
CA LEU B 285 -2.73 -3.31 2.33
C LEU B 285 -2.02 -4.59 1.90
N THR B 286 -0.69 -4.56 1.98
CA THR B 286 0.10 -5.73 1.65
C THR B 286 -0.15 -6.85 2.66
N GLY B 287 -0.07 -8.09 2.18
CA GLY B 287 -0.33 -9.23 3.04
C GLY B 287 -1.78 -9.56 3.24
N GLY B 288 -2.69 -8.89 2.55
CA GLY B 288 -4.10 -9.17 2.70
C GLY B 288 -4.70 -8.63 3.98
N VAL B 289 -4.21 -7.49 4.46
CA VAL B 289 -4.71 -6.86 5.69
C VAL B 289 -5.51 -5.64 5.29
N ASP B 290 -6.78 -5.62 5.69
CA ASP B 290 -7.63 -4.47 5.41
C ASP B 290 -7.14 -3.25 6.18
N ALA B 291 -7.30 -2.07 5.56
CA ALA B 291 -6.84 -0.85 6.19
C ALA B 291 -7.62 -0.55 7.47
N ASN B 292 -8.94 -0.74 7.44
CA ASN B 292 -9.77 -0.48 8.60
C ASN B 292 -9.80 -1.64 9.58
N ALA B 293 -9.17 -2.76 9.24
CA ALA B 293 -9.14 -3.91 10.15
C ALA B 293 -8.36 -3.58 11.41
N LEU B 294 -7.26 -2.84 11.28
CA LEU B 294 -6.37 -2.56 12.40
C LEU B 294 -6.84 -1.41 13.26
N HIS B 295 -7.93 -0.74 12.91
CA HIS B 295 -8.41 0.37 13.71
C HIS B 295 -8.86 -0.09 15.09
N ARG B 296 -9.50 -1.25 15.17
CA ARG B 296 -10.06 -1.74 16.42
C ARG B 296 -9.01 -2.35 17.35
N PRO B 297 -8.04 -3.14 16.85
CA PRO B 297 -6.95 -3.56 17.73
C PRO B 297 -6.17 -2.42 18.34
N LYS B 298 -5.99 -1.33 17.57
CA LYS B 298 -5.29 -0.17 18.11
C LYS B 298 -6.10 0.50 19.21
N ARG B 299 -7.43 0.51 19.09
CA ARG B 299 -8.26 1.04 20.16
C ARG B 299 -8.11 0.22 21.44
N PHE B 300 -7.98 -1.10 21.30
CA PHE B 300 -7.70 -1.95 22.46
C PHE B 300 -6.36 -1.58 23.08
N PHE B 301 -5.32 -1.48 22.25
CA PHE B 301 -3.99 -1.19 22.76
C PHE B 301 -3.87 0.24 23.25
N GLY B 302 -4.59 1.17 22.62
CA GLY B 302 -4.50 2.56 23.00
C GLY B 302 -5.21 2.93 24.27
N ALA B 303 -5.97 2.01 24.85
CA ALA B 303 -6.67 2.28 26.10
C ALA B 303 -5.77 2.22 27.31
N ALA B 304 -4.53 1.73 27.17
CA ALA B 304 -3.61 1.67 28.28
C ALA B 304 -3.10 3.07 28.61
N ARG B 305 -3.36 3.52 29.83
CA ARG B 305 -3.00 4.87 30.21
C ARG B 305 -2.92 4.95 31.73
N ASN B 306 -2.23 5.98 32.21
CA ASN B 306 -2.18 6.31 33.63
C ASN B 306 -3.11 7.50 33.86
N VAL B 307 -4.24 7.25 34.51
CA VAL B 307 -5.23 8.29 34.71
C VAL B 307 -4.71 9.30 35.72
N GLU B 308 -4.93 10.59 35.42
CA GLU B 308 -4.51 11.64 36.35
C GLU B 308 -5.23 11.53 37.68
N GLU B 309 -6.52 11.20 37.65
CA GLU B 309 -7.26 10.88 38.85
C GLU B 309 -6.83 9.48 39.32
N GLY B 310 -7.51 8.95 40.33
CA GLY B 310 -7.19 7.62 40.77
C GLY B 310 -7.42 6.60 39.67
N GLY B 311 -6.57 5.58 39.63
CA GLY B 311 -6.71 4.49 38.69
C GLY B 311 -5.55 4.42 37.71
N SER B 312 -5.55 3.33 36.95
CA SER B 312 -4.52 3.03 35.97
C SER B 312 -4.95 1.83 35.16
N LEU B 313 -4.48 1.74 33.92
CA LEU B 313 -4.76 0.60 33.06
C LEU B 313 -3.47 0.22 32.34
N THR B 314 -2.92 -0.94 32.69
CA THR B 314 -1.68 -1.43 32.10
C THR B 314 -2.01 -2.55 31.13
N ILE B 315 -1.46 -2.47 29.92
CA ILE B 315 -1.64 -3.50 28.91
C ILE B 315 -0.26 -3.92 28.41
N ILE B 316 0.04 -5.21 28.52
CA ILE B 316 1.30 -5.77 28.03
C ILE B 316 0.94 -6.83 27.02
N ALA B 317 1.06 -6.52 25.74
CA ALA B 317 0.71 -7.43 24.67
C ALA B 317 1.96 -7.98 24.02
N THR B 318 1.84 -9.16 23.44
CA THR B 318 2.94 -9.81 22.74
C THR B 318 2.69 -9.76 21.24
N ALA B 319 3.74 -9.44 20.48
CA ALA B 319 3.68 -9.40 19.03
C ALA B 319 4.53 -10.51 18.46
N LEU B 320 4.00 -11.23 17.47
CA LEU B 320 4.68 -12.37 16.88
C LEU B 320 5.40 -11.95 15.62
N ILE B 321 6.68 -12.33 15.50
CA ILE B 321 7.50 -12.05 14.34
C ILE B 321 8.18 -13.33 13.91
N ASP B 322 8.71 -13.30 12.68
CA ASP B 322 9.43 -14.43 12.10
C ASP B 322 8.57 -15.68 12.04
N THR B 323 7.26 -15.52 11.83
CA THR B 323 6.35 -16.64 11.71
C THR B 323 6.20 -17.12 10.26
N GLY B 324 6.84 -16.45 9.31
CA GLY B 324 6.73 -16.81 7.92
C GLY B 324 5.50 -16.31 7.22
N SER B 325 4.68 -15.50 7.88
CA SER B 325 3.46 -14.96 7.30
C SER B 325 3.65 -13.47 7.03
N LYS B 326 3.29 -13.03 5.82
CA LYS B 326 3.35 -11.62 5.51
C LYS B 326 2.35 -10.82 6.33
N MET B 327 1.22 -11.42 6.67
CA MET B 327 0.21 -10.71 7.46
C MET B 327 0.73 -10.37 8.85
N ASP B 328 1.49 -11.27 9.47
CA ASP B 328 2.04 -10.99 10.78
C ASP B 328 3.04 -9.85 10.74
N GLU B 329 3.87 -9.80 9.70
CA GLU B 329 4.86 -8.73 9.59
C GLU B 329 4.19 -7.38 9.40
N VAL B 330 3.11 -7.33 8.61
CA VAL B 330 2.40 -6.07 8.39
C VAL B 330 1.79 -5.57 9.68
N ILE B 331 1.20 -6.47 10.47
CA ILE B 331 0.55 -6.09 11.71
C ILE B 331 1.56 -5.49 12.68
N TYR B 332 2.71 -6.13 12.82
CA TYR B 332 3.74 -5.61 13.73
C TYR B 332 4.27 -4.27 13.27
N GLU B 333 4.25 -4.01 11.96
CA GLU B 333 4.75 -2.73 11.45
C GLU B 333 3.88 -1.58 11.93
N GLU B 334 2.56 -1.78 11.99
CA GLU B 334 1.66 -0.72 12.41
C GLU B 334 1.68 -0.50 13.92
N PHE B 335 2.06 -1.49 14.71
CA PHE B 335 2.11 -1.38 16.15
C PHE B 335 3.50 -1.03 16.66
N LYS B 336 4.43 -0.71 15.78
CA LYS B 336 5.83 -0.58 16.19
C LYS B 336 6.03 0.62 17.10
N GLY B 337 5.52 1.78 16.72
CA GLY B 337 5.82 2.99 17.44
C GLY B 337 4.75 3.43 18.43
N THR B 338 3.89 2.51 18.85
CA THR B 338 2.74 2.86 19.68
C THR B 338 2.92 2.53 21.15
N GLY B 339 3.99 1.82 21.53
CA GLY B 339 4.16 1.36 22.90
C GLY B 339 5.16 2.19 23.68
N ASN B 340 4.88 2.36 24.97
CA ASN B 340 5.84 3.00 25.85
C ASN B 340 7.01 2.08 26.18
N MET B 341 6.72 0.80 26.38
CA MET B 341 7.72 -0.21 26.70
C MET B 341 7.85 -1.19 25.55
N GLU B 342 9.09 -1.54 25.21
CA GLU B 342 9.36 -2.57 24.23
C GLU B 342 10.30 -3.59 24.84
N LEU B 343 9.96 -4.87 24.72
CA LEU B 343 10.80 -5.95 25.21
C LEU B 343 10.98 -6.95 24.07
N HIS B 344 12.21 -7.11 23.61
CA HIS B 344 12.51 -7.95 22.47
C HIS B 344 13.10 -9.28 22.94
N LEU B 345 12.48 -10.37 22.52
CA LEU B 345 13.01 -11.71 22.73
C LEU B 345 13.79 -12.13 21.49
N SER B 346 14.93 -12.76 21.72
CA SER B 346 15.83 -13.15 20.64
C SER B 346 15.80 -14.66 20.46
N ARG B 347 15.60 -15.09 19.21
CA ARG B 347 15.55 -16.52 18.93
C ARG B 347 16.89 -17.19 19.20
N LYS B 348 17.99 -16.56 18.79
CA LYS B 348 19.30 -17.18 18.91
C LYS B 348 19.68 -17.41 20.36
N ILE B 349 19.33 -16.48 21.25
CA ILE B 349 19.59 -16.67 22.67
C ILE B 349 18.82 -17.88 23.18
N ALA B 350 17.60 -18.07 22.69
CA ALA B 350 16.83 -19.24 23.10
C ALA B 350 17.44 -20.53 22.54
N GLU B 351 17.97 -20.47 21.32
CA GLU B 351 18.59 -21.66 20.74
C GLU B 351 19.81 -22.09 21.54
N LYS B 352 20.48 -21.16 22.21
CA LYS B 352 21.58 -21.50 23.09
C LYS B 352 21.11 -22.01 24.44
N ARG B 353 19.80 -22.25 24.59
CA ARG B 353 19.22 -22.78 25.81
C ARG B 353 19.53 -21.89 27.01
N VAL B 354 19.49 -20.57 26.78
CA VAL B 354 19.71 -19.57 27.81
C VAL B 354 18.42 -18.80 27.99
N PHE B 355 17.90 -18.78 29.22
CA PHE B 355 16.65 -18.10 29.50
C PHE B 355 16.80 -17.18 30.70
N PRO B 356 16.15 -16.01 30.68
CA PRO B 356 15.25 -15.48 29.64
C PRO B 356 16.00 -15.01 28.41
N ALA B 357 15.46 -15.26 27.22
CA ALA B 357 16.12 -14.89 25.97
C ALA B 357 15.74 -13.46 25.58
N ILE B 358 16.27 -12.51 26.35
CA ILE B 358 15.94 -11.10 26.21
C ILE B 358 17.06 -10.38 25.47
N ASP B 359 16.70 -9.64 24.42
CA ASP B 359 17.64 -8.80 23.71
C ASP B 359 17.77 -7.49 24.47
N TYR B 360 18.79 -7.40 25.33
CA TYR B 360 18.90 -6.27 26.25
C TYR B 360 19.09 -4.96 25.51
N ASN B 361 19.91 -4.96 24.46
CA ASN B 361 20.26 -3.71 23.78
C ASN B 361 19.04 -3.09 23.12
N ARG B 362 18.15 -3.90 22.54
CA ARG B 362 17.03 -3.40 21.78
C ARG B 362 15.77 -3.16 22.61
N SER B 363 15.80 -3.46 23.90
CA SER B 363 14.63 -3.35 24.75
C SER B 363 14.82 -2.24 25.78
N GLY B 364 13.77 -1.46 25.97
CA GLY B 364 13.82 -0.37 26.93
C GLY B 364 12.46 0.26 27.11
N THR B 365 12.43 1.38 27.83
CA THR B 365 11.21 2.11 28.11
C THR B 365 11.41 3.59 27.86
N ARG B 366 10.31 4.28 27.57
CA ARG B 366 10.31 5.72 27.42
C ARG B 366 9.97 6.37 28.75
N LYS B 367 10.60 7.52 29.02
CA LYS B 367 10.35 8.27 30.25
C LYS B 367 10.58 7.41 31.49
N GLU B 368 11.64 6.61 31.47
CA GLU B 368 11.91 5.71 32.58
C GLU B 368 12.34 6.44 33.83
N GLU B 369 12.74 7.70 33.73
CA GLU B 369 13.16 8.44 34.92
C GLU B 369 12.01 8.68 35.87
N LEU B 370 10.76 8.62 35.40
CA LEU B 370 9.62 8.77 36.28
C LEU B 370 9.40 7.52 37.13
N LEU B 371 9.65 6.35 36.55
CA LEU B 371 9.38 5.11 37.27
C LEU B 371 10.39 4.87 38.39
N THR B 372 11.67 5.08 38.09
CA THR B 372 12.73 4.78 39.04
C THR B 372 13.13 6.02 39.82
N THR B 373 14.00 5.82 40.81
CA THR B 373 14.54 6.91 41.61
C THR B 373 15.69 7.55 40.85
N GLN B 374 16.42 8.44 41.51
CA GLN B 374 17.53 9.12 40.85
C GLN B 374 18.79 8.26 40.89
N GLU B 375 19.14 7.73 42.07
CA GLU B 375 20.34 6.91 42.18
C GLU B 375 20.22 5.63 41.36
N GLU B 376 19.06 4.99 41.39
CA GLU B 376 18.88 3.74 40.65
C GLU B 376 19.02 3.96 39.15
N LEU B 377 18.52 5.10 38.66
CA LEU B 377 18.63 5.39 37.24
C LEU B 377 20.08 5.52 36.81
N GLN B 378 20.92 6.15 37.65
CA GLN B 378 22.33 6.26 37.32
C GLN B 378 22.98 4.89 37.22
N LYS B 379 22.66 3.99 38.16
CA LYS B 379 23.22 2.65 38.12
C LYS B 379 22.76 1.90 36.87
N MET B 380 21.50 2.08 36.47
CA MET B 380 21.01 1.42 35.27
C MET B 380 21.73 1.91 34.03
N TRP B 381 22.03 3.21 33.96
CA TRP B 381 22.77 3.74 32.82
C TRP B 381 24.18 3.17 32.77
N ILE B 382 24.80 2.97 33.93
CA ILE B 382 26.13 2.36 33.96
C ILE B 382 26.07 0.95 33.39
N LEU B 383 25.04 0.18 33.76
CA LEU B 383 24.91 -1.18 33.25
C LEU B 383 24.69 -1.19 31.75
N ARG B 384 23.86 -0.28 31.24
CA ARG B 384 23.61 -0.25 29.81
C ARG B 384 24.86 0.12 29.03
N LYS B 385 25.70 0.99 29.60
CA LYS B 385 26.95 1.33 28.94
C LYS B 385 27.87 0.12 28.81
N ILE B 386 27.92 -0.71 29.87
CA ILE B 386 28.75 -1.92 29.82
C ILE B 386 28.18 -2.92 28.82
N ILE B 387 26.87 -3.10 28.81
CA ILE B 387 26.25 -4.11 27.97
C ILE B 387 26.34 -3.73 26.49
N HIS B 388 26.27 -2.45 26.18
CA HIS B 388 26.14 -1.98 24.80
C HIS B 388 27.18 -2.56 23.84
N PRO B 389 28.48 -2.58 24.16
CA PRO B 389 29.43 -3.21 23.23
C PRO B 389 29.18 -4.70 23.02
N MET B 390 28.68 -5.41 24.03
CA MET B 390 28.59 -6.86 23.97
C MET B 390 27.53 -7.30 22.96
N GLY B 391 27.69 -8.53 22.46
CA GLY B 391 26.71 -9.11 21.57
C GLY B 391 25.46 -9.57 22.30
N GLU B 392 24.43 -9.87 21.52
CA GLU B 392 23.15 -10.23 22.10
C GLU B 392 23.23 -11.50 22.92
N ILE B 393 23.91 -12.53 22.39
CA ILE B 393 24.04 -13.77 23.13
C ILE B 393 24.98 -13.60 24.32
N ASP B 394 26.08 -12.86 24.12
CA ASP B 394 27.05 -12.67 25.20
C ASP B 394 26.46 -11.86 26.33
N ALA B 395 25.65 -10.85 26.02
CA ALA B 395 25.12 -9.97 27.05
C ALA B 395 24.24 -10.73 28.04
N MET B 396 23.35 -11.59 27.52
CA MET B 396 22.45 -12.31 28.42
C MET B 396 23.21 -13.32 29.26
N GLU B 397 24.18 -14.03 28.67
CA GLU B 397 24.99 -14.96 29.44
C GLU B 397 25.77 -14.24 30.52
N PHE B 398 26.34 -13.09 30.18
CA PHE B 398 27.06 -12.29 31.18
C PHE B 398 26.12 -11.78 32.25
N LEU B 399 24.92 -11.34 31.86
CA LEU B 399 24.01 -10.73 32.82
C LEU B 399 23.53 -11.72 33.88
N ILE B 400 23.17 -12.94 33.45
CA ILE B 400 22.66 -13.92 34.41
C ILE B 400 23.76 -14.38 35.36
N ASN B 401 25.00 -14.45 34.88
CA ASN B 401 26.11 -14.86 35.75
C ASN B 401 26.30 -13.89 36.89
N LYS B 402 26.21 -12.58 36.62
CA LYS B 402 26.36 -11.59 37.67
C LYS B 402 25.12 -11.52 38.57
N LEU B 403 23.95 -11.91 38.06
CA LEU B 403 22.75 -11.87 38.88
C LEU B 403 22.59 -13.13 39.73
N ALA B 404 23.16 -14.25 39.28
CA ALA B 404 23.00 -15.50 40.03
C ALA B 404 23.67 -15.42 41.40
N MET B 405 24.86 -14.81 41.46
CA MET B 405 25.59 -14.75 42.72
C MET B 405 24.86 -13.87 43.74
N THR B 406 24.27 -12.76 43.30
CA THR B 406 23.56 -11.88 44.20
C THR B 406 22.11 -12.32 44.36
N LYS B 407 21.43 -11.72 45.34
CA LYS B 407 20.04 -12.04 45.62
C LYS B 407 19.08 -10.92 45.30
N THR B 408 19.55 -9.67 45.29
CA THR B 408 18.72 -8.51 45.00
C THR B 408 19.44 -7.61 44.01
N ASN B 409 18.67 -6.85 43.24
CA ASN B 409 19.27 -5.94 42.27
C ASN B 409 20.10 -4.88 42.96
N ASP B 410 19.73 -4.47 44.17
CA ASP B 410 20.55 -3.52 44.92
C ASP B 410 21.92 -4.10 45.21
N ASP B 411 21.97 -5.36 45.63
CA ASP B 411 23.27 -6.02 45.85
C ASP B 411 24.02 -6.19 44.54
N PHE B 412 23.29 -6.48 43.45
CA PHE B 412 23.94 -6.63 42.15
C PHE B 412 24.61 -5.34 41.72
N PHE B 413 23.94 -4.20 41.93
CA PHE B 413 24.56 -2.91 41.62
C PHE B 413 25.77 -2.66 42.51
N GLU B 414 25.67 -2.99 43.79
CA GLU B 414 26.78 -2.77 44.70
C GLU B 414 27.99 -3.60 44.31
N MET B 415 27.79 -4.87 43.99
CA MET B 415 28.89 -5.72 43.57
C MET B 415 29.48 -5.25 42.25
N MET B 416 28.63 -4.86 41.30
CA MET B 416 29.11 -4.36 40.02
C MET B 416 29.83 -3.03 40.18
N LYS B 417 29.45 -2.24 41.18
CA LYS B 417 30.09 -0.95 41.40
C LYS B 417 31.56 -1.10 41.77
N ARG B 418 31.87 -2.09 42.61
CA ARG B 418 33.24 -2.32 43.03
C ARG B 418 33.94 -3.33 42.12
N MET C 1 -23.40 29.89 29.12
CA MET C 1 -24.00 30.49 27.94
C MET C 1 -22.96 30.78 26.88
N ASN C 2 -21.70 30.51 27.19
CA ASN C 2 -20.60 30.66 26.25
C ASN C 2 -20.05 29.28 25.94
N LEU C 3 -20.12 28.88 24.67
CA LEU C 3 -19.76 27.52 24.30
C LEU C 3 -18.28 27.24 24.55
N THR C 4 -17.41 28.19 24.21
CA THR C 4 -15.98 27.94 24.37
C THR C 4 -15.56 27.91 25.83
N GLU C 5 -16.36 28.52 26.71
CA GLU C 5 -16.07 28.42 28.14
C GLU C 5 -16.46 27.06 28.69
N LEU C 6 -17.57 26.50 28.20
CA LEU C 6 -17.98 25.17 28.64
C LEU C 6 -16.95 24.12 28.23
N LYS C 7 -16.41 24.23 27.02
CA LYS C 7 -15.46 23.24 26.54
C LYS C 7 -14.17 23.26 27.36
N ASN C 8 -13.79 24.42 27.88
CA ASN C 8 -12.59 24.52 28.71
C ASN C 8 -12.85 24.11 30.16
N THR C 9 -14.10 23.92 30.54
CA THR C 9 -14.42 23.53 31.91
C THR C 9 -14.03 22.07 32.13
N PRO C 10 -13.47 21.73 33.29
CA PRO C 10 -13.22 20.32 33.60
C PRO C 10 -14.51 19.53 33.65
N VAL C 11 -14.41 18.25 33.28
CA VAL C 11 -15.59 17.41 33.17
C VAL C 11 -16.32 17.30 34.50
N SER C 12 -15.56 17.24 35.61
CA SER C 12 -16.18 17.16 36.91
C SER C 12 -17.03 18.39 37.21
N GLU C 13 -16.54 19.58 36.83
CA GLU C 13 -17.30 20.80 37.05
C GLU C 13 -18.53 20.87 36.17
N LEU C 14 -18.46 20.32 34.96
CA LEU C 14 -19.63 20.31 34.10
C LEU C 14 -20.77 19.50 34.70
N ILE C 15 -20.43 18.39 35.37
CA ILE C 15 -21.47 17.58 36.01
C ILE C 15 -22.17 18.38 37.09
N THR C 16 -21.40 19.09 37.92
CA THR C 16 -22.00 19.91 38.97
C THR C 16 -22.88 21.01 38.37
N LEU C 17 -22.43 21.61 37.27
CA LEU C 17 -23.23 22.62 36.60
C LEU C 17 -24.54 22.02 36.08
N GLY C 18 -24.48 20.80 35.53
CA GLY C 18 -25.69 20.17 35.03
C GLY C 18 -26.66 19.81 36.14
N GLU C 19 -26.15 19.34 37.28
CA GLU C 19 -27.02 18.96 38.38
C GLU C 19 -27.79 20.16 38.92
N ASN C 20 -27.14 21.31 39.04
CA ASN C 20 -27.83 22.51 39.52
C ASN C 20 -28.92 22.92 38.54
N MET C 21 -28.67 22.77 37.24
CA MET C 21 -29.61 23.18 36.22
C MET C 21 -30.79 22.23 36.08
N GLY C 22 -30.76 21.09 36.75
CA GLY C 22 -31.86 20.15 36.72
C GLY C 22 -31.64 18.90 35.90
N LEU C 23 -30.44 18.70 35.36
CA LEU C 23 -30.16 17.52 34.56
C LEU C 23 -29.68 16.38 35.46
N GLU C 24 -29.61 15.18 34.87
CA GLU C 24 -29.17 13.99 35.59
C GLU C 24 -28.67 12.97 34.59
N ASN C 25 -27.99 11.96 35.10
CA ASN C 25 -27.41 10.89 34.29
C ASN C 25 -26.37 11.43 33.31
N LEU C 26 -25.69 12.52 33.69
CA LEU C 26 -24.66 13.10 32.84
C LEU C 26 -23.27 12.54 33.13
N ALA C 27 -23.11 11.74 34.18
CA ALA C 27 -21.78 11.32 34.58
C ALA C 27 -21.17 10.34 33.59
N ARG C 28 -21.99 9.45 33.04
CA ARG C 28 -21.51 8.34 32.21
C ARG C 28 -21.74 8.59 30.73
N MET C 29 -21.57 9.83 30.26
CA MET C 29 -21.63 10.14 28.84
C MET C 29 -20.44 10.99 28.45
N ARG C 30 -20.17 11.01 27.15
CA ARG C 30 -19.01 11.74 26.65
C ARG C 30 -19.14 13.23 26.92
N LYS C 31 -17.99 13.91 26.99
CA LYS C 31 -17.99 15.33 27.33
C LYS C 31 -18.77 16.15 26.32
N GLN C 32 -18.70 15.77 25.04
CA GLN C 32 -19.45 16.48 24.01
C GLN C 32 -20.95 16.35 24.25
N ASP C 33 -21.40 15.16 24.66
CA ASP C 33 -22.81 14.98 24.98
C ASP C 33 -23.21 15.80 26.20
N ILE C 34 -22.34 15.89 27.20
CA ILE C 34 -22.64 16.71 28.37
C ILE C 34 -22.80 18.17 27.97
N ILE C 35 -21.88 18.68 27.14
CA ILE C 35 -21.95 20.06 26.70
C ILE C 35 -23.22 20.30 25.88
N PHE C 36 -23.55 19.36 24.99
CA PHE C 36 -24.77 19.50 24.20
C PHE C 36 -26.00 19.50 25.08
N ALA C 37 -26.05 18.63 26.08
CA ALA C 37 -27.20 18.57 26.97
C ALA C 37 -27.31 19.82 27.82
N ILE C 38 -26.17 20.35 28.28
CA ILE C 38 -26.19 21.57 29.08
C ILE C 38 -26.72 22.75 28.28
N LEU C 39 -26.28 22.86 27.02
CA LEU C 39 -26.73 23.97 26.19
C LEU C 39 -28.24 23.93 25.95
N LYS C 40 -28.77 22.73 25.68
CA LYS C 40 -30.22 22.62 25.43
C LYS C 40 -31.02 23.05 26.65
N GLN C 41 -30.60 22.62 27.84
CA GLN C 41 -31.30 23.02 29.06
C GLN C 41 -31.21 24.52 29.28
N HIS C 42 -30.03 25.10 29.07
CA HIS C 42 -29.88 26.54 29.23
C HIS C 42 -30.59 27.31 28.12
N ALA C 43 -30.81 26.68 26.97
CA ALA C 43 -31.46 27.37 25.87
C ALA C 43 -32.94 27.61 26.14
N LYS C 44 -33.58 26.73 26.90
CA LYS C 44 -35.02 26.89 27.17
C LYS C 44 -35.30 28.16 27.95
N SER C 45 -34.31 28.65 28.72
CA SER C 45 -34.48 29.89 29.45
C SER C 45 -34.54 31.11 28.54
N GLY C 46 -34.14 30.97 27.27
CA GLY C 46 -34.21 32.05 26.32
C GLY C 46 -33.00 32.95 26.26
N GLU C 47 -32.03 32.77 27.15
CA GLU C 47 -30.84 33.60 27.15
C GLU C 47 -30.00 33.35 25.91
N ASP C 48 -29.25 34.37 25.50
CA ASP C 48 -28.39 34.25 24.32
C ASP C 48 -27.24 33.29 24.61
N ILE C 49 -26.87 32.53 23.59
CA ILE C 49 -25.78 31.55 23.68
C ILE C 49 -24.73 31.92 22.63
N PHE C 50 -23.49 32.03 23.06
CA PHE C 50 -22.39 32.39 22.18
C PHE C 50 -21.51 31.18 21.91
N GLY C 51 -20.84 31.19 20.76
CA GLY C 51 -19.96 30.10 20.40
C GLY C 51 -19.09 30.51 19.23
N ASP C 52 -18.07 29.69 18.99
CA ASP C 52 -17.12 29.97 17.92
C ASP C 52 -16.45 28.67 17.51
N GLY C 53 -15.78 28.71 16.36
CA GLY C 53 -15.10 27.53 15.88
C GLY C 53 -14.48 27.79 14.52
N VAL C 54 -13.93 26.74 13.95
CA VAL C 54 -13.29 26.79 12.64
C VAL C 54 -14.20 26.09 11.64
N LEU C 55 -14.56 26.80 10.57
CA LEU C 55 -15.51 26.27 9.61
C LEU C 55 -14.90 25.13 8.80
N GLU C 56 -15.67 24.06 8.64
CA GLU C 56 -15.29 22.94 7.78
C GLU C 56 -16.46 22.65 6.86
N ILE C 57 -16.29 22.95 5.57
CA ILE C 57 -17.35 22.79 4.58
C ILE C 57 -17.29 21.37 4.03
N LEU C 58 -18.40 20.66 4.13
CA LEU C 58 -18.50 19.31 3.58
C LEU C 58 -18.86 19.36 2.10
N GLN C 59 -18.85 18.19 1.47
CA GLN C 59 -19.11 18.12 0.04
C GLN C 59 -20.55 18.48 -0.30
N ASP C 60 -21.48 18.26 0.63
CA ASP C 60 -22.88 18.50 0.36
C ASP C 60 -23.24 19.99 0.33
N GLY C 61 -22.32 20.88 0.74
CA GLY C 61 -22.51 22.31 0.67
C GLY C 61 -22.56 22.99 2.03
N PHE C 62 -23.07 22.31 3.04
CA PHE C 62 -23.13 22.87 4.38
C PHE C 62 -21.82 22.62 5.11
N GLY C 63 -21.68 23.26 6.27
CA GLY C 63 -20.46 23.14 7.05
C GLY C 63 -20.74 23.19 8.52
N PHE C 64 -19.74 22.78 9.30
CA PHE C 64 -19.82 22.79 10.75
C PHE C 64 -18.65 23.58 11.32
N LEU C 65 -18.87 24.21 12.46
CA LEU C 65 -17.82 24.93 13.18
C LEU C 65 -17.17 23.96 14.17
N ARG C 66 -16.07 23.34 13.76
CA ARG C 66 -15.36 22.45 14.66
C ARG C 66 -14.66 23.24 15.75
N SER C 67 -14.34 22.55 16.84
CA SER C 67 -13.69 23.17 17.99
C SER C 67 -12.26 22.66 18.10
N ALA C 68 -11.32 23.58 18.29
CA ALA C 68 -9.91 23.20 18.41
C ALA C 68 -9.62 22.49 19.74
N ASP C 69 -10.50 22.62 20.72
CA ASP C 69 -10.29 21.96 22.01
C ASP C 69 -10.31 20.45 21.86
N SER C 70 -11.22 19.93 21.04
CA SER C 70 -11.31 18.50 20.78
C SER C 70 -10.60 18.10 19.50
N SER C 71 -9.63 18.91 19.06
CA SER C 71 -8.86 18.65 17.83
C SER C 71 -9.78 18.51 16.62
N TYR C 72 -10.80 19.39 16.56
CA TYR C 72 -11.72 19.46 15.44
C TYR C 72 -12.44 18.14 15.18
N LEU C 73 -12.70 17.39 16.24
CA LEU C 73 -13.43 16.13 16.12
C LEU C 73 -14.91 16.42 15.95
N ALA C 74 -15.54 15.68 15.03
CA ALA C 74 -16.96 15.85 14.81
C ALA C 74 -17.73 15.31 16.01
N GLY C 75 -18.65 16.12 16.53
CA GLY C 75 -19.38 15.75 17.71
C GLY C 75 -20.75 16.41 17.77
N PRO C 76 -21.54 16.04 18.77
CA PRO C 76 -22.89 16.61 18.89
C PRO C 76 -22.90 18.12 19.11
N ASP C 77 -21.84 18.67 19.69
CA ASP C 77 -21.81 20.08 20.05
C ASP C 77 -21.39 20.98 18.90
N ASP C 78 -21.07 20.42 17.73
CA ASP C 78 -20.68 21.24 16.59
C ASP C 78 -21.85 22.10 16.11
N ILE C 79 -21.50 23.25 15.53
CA ILE C 79 -22.48 24.24 15.12
C ILE C 79 -22.69 24.11 13.62
N TYR C 80 -23.95 23.91 13.20
CA TYR C 80 -24.28 23.77 11.80
C TYR C 80 -24.33 25.12 11.11
N VAL C 81 -23.73 25.19 9.93
CA VAL C 81 -23.72 26.40 9.12
C VAL C 81 -24.41 26.10 7.80
N SER C 82 -25.51 26.80 7.52
CA SER C 82 -26.29 26.54 6.33
C SER C 82 -25.52 26.96 5.09
N PRO C 83 -25.80 26.34 3.94
CA PRO C 83 -25.11 26.76 2.71
C PRO C 83 -25.35 28.20 2.33
N SER C 84 -26.50 28.76 2.70
CA SER C 84 -26.77 30.16 2.39
C SER C 84 -25.80 31.09 3.10
N GLN C 85 -25.48 30.79 4.37
CA GLN C 85 -24.54 31.63 5.11
C GLN C 85 -23.15 31.54 4.51
N ILE C 86 -22.74 30.36 4.06
CA ILE C 86 -21.46 30.21 3.39
C ILE C 86 -21.42 30.99 2.08
N ARG C 87 -22.59 31.35 1.55
CA ARG C 87 -22.71 32.19 0.37
C ARG C 87 -22.96 33.65 0.72
N ARG C 88 -23.77 33.92 1.75
CA ARG C 88 -24.02 35.28 2.17
C ARG C 88 -22.74 35.96 2.61
N PHE C 89 -21.92 35.27 3.40
CA PHE C 89 -20.56 35.67 3.70
C PHE C 89 -19.63 34.79 2.90
N ASN C 90 -18.67 35.38 2.20
CA ASN C 90 -17.80 34.61 1.32
C ASN C 90 -16.84 33.82 2.20
N LEU C 91 -17.32 32.67 2.66
CA LEU C 91 -16.62 31.86 3.64
C LEU C 91 -15.94 30.67 2.96
N ARG C 92 -14.67 30.46 3.28
CA ARG C 92 -13.94 29.29 2.87
C ARG C 92 -13.74 28.37 4.07
N THR C 93 -13.31 27.15 3.80
CA THR C 93 -12.97 26.23 4.88
C THR C 93 -11.76 26.77 5.63
N GLY C 94 -11.83 26.73 6.96
CA GLY C 94 -10.78 27.25 7.80
C GLY C 94 -11.04 28.62 8.40
N ASP C 95 -12.16 29.25 8.06
CA ASP C 95 -12.50 30.53 8.66
C ASP C 95 -12.91 30.35 10.12
N THR C 96 -12.39 31.21 10.98
CA THR C 96 -12.74 31.20 12.40
C THR C 96 -13.92 32.13 12.60
N ILE C 97 -15.11 31.55 12.78
CA ILE C 97 -16.34 32.30 12.88
C ILE C 97 -16.78 32.35 14.33
N SER C 98 -17.16 33.52 14.80
CA SER C 98 -17.65 33.72 16.16
C SER C 98 -18.99 34.44 16.11
N GLY C 99 -19.91 34.02 16.97
CA GLY C 99 -21.21 34.66 17.01
C GLY C 99 -22.17 33.87 17.88
N LYS C 100 -23.43 34.29 17.83
CA LYS C 100 -24.47 33.64 18.61
C LYS C 100 -25.03 32.44 17.86
N ILE C 101 -25.52 31.46 18.63
CA ILE C 101 -26.07 30.24 18.08
C ILE C 101 -27.48 30.04 18.63
N ARG C 102 -28.22 29.15 17.99
CA ARG C 102 -29.61 28.90 18.34
C ARG C 102 -29.84 27.42 18.53
N PRO C 103 -30.83 27.04 19.35
CA PRO C 103 -31.07 25.62 19.62
C PRO C 103 -31.62 24.92 18.38
N PRO C 104 -31.44 23.61 18.28
CA PRO C 104 -32.02 22.88 17.16
C PRO C 104 -33.54 22.87 17.22
N LYS C 105 -34.16 22.81 16.06
CA LYS C 105 -35.60 22.69 15.95
C LYS C 105 -35.97 21.23 15.73
N GLU C 106 -37.25 20.98 15.45
CA GLU C 106 -37.68 19.63 15.13
C GLU C 106 -37.08 19.18 13.81
N GLY C 107 -36.59 17.94 13.79
CA GLY C 107 -35.91 17.41 12.63
C GLY C 107 -34.46 17.82 12.52
N GLU C 108 -33.93 18.58 13.48
CA GLU C 108 -32.55 19.00 13.49
C GLU C 108 -31.86 18.39 14.71
N ARG C 109 -30.57 18.08 14.56
CA ARG C 109 -29.80 17.52 15.65
C ARG C 109 -28.50 18.28 15.92
N TYR C 110 -28.41 19.53 15.45
CA TYR C 110 -27.24 20.35 15.68
C TYR C 110 -27.67 21.78 16.00
N PHE C 111 -26.89 22.44 16.84
CA PHE C 111 -27.07 23.87 17.02
C PHE C 111 -26.71 24.60 15.74
N ALA C 112 -27.47 25.64 15.42
CA ALA C 112 -27.30 26.38 14.17
C ALA C 112 -26.80 27.78 14.47
N LEU C 113 -25.89 28.27 13.64
CA LEU C 113 -25.39 29.62 13.77
C LEU C 113 -26.52 30.61 13.55
N LEU C 114 -26.60 31.62 14.42
CA LEU C 114 -27.69 32.59 14.40
C LEU C 114 -27.24 33.95 13.88
N LYS C 115 -26.15 34.49 14.43
CA LYS C 115 -25.64 35.78 14.01
C LYS C 115 -24.12 35.71 13.98
N VAL C 116 -23.52 36.31 12.95
CA VAL C 116 -22.08 36.32 12.78
C VAL C 116 -21.55 37.64 13.31
N ASN C 117 -20.65 37.57 14.30
CA ASN C 117 -20.04 38.75 14.88
C ASN C 117 -18.66 39.04 14.31
N GLU C 118 -17.79 38.03 14.26
CA GLU C 118 -16.44 38.22 13.74
C GLU C 118 -16.08 37.03 12.84
N VAL C 119 -15.29 37.31 11.81
CA VAL C 119 -14.73 36.29 10.94
C VAL C 119 -13.22 36.50 10.92
N ASN C 120 -12.47 35.48 11.32
CA ASN C 120 -11.02 35.57 11.43
C ASN C 120 -10.61 36.74 12.31
N PHE C 121 -11.32 36.91 13.42
CA PHE C 121 -11.05 37.98 14.39
C PHE C 121 -11.12 39.35 13.71
N ASP C 122 -12.09 39.52 12.81
CA ASP C 122 -12.27 40.77 12.10
C ASP C 122 -13.73 40.91 11.71
N LYS C 123 -14.11 42.13 11.35
CA LYS C 123 -15.49 42.39 10.98
C LYS C 123 -15.86 41.58 9.74
N PRO C 124 -17.10 41.12 9.64
CA PRO C 124 -17.49 40.30 8.48
C PRO C 124 -17.34 41.02 7.15
N GLU C 125 -17.43 42.35 7.13
CA GLU C 125 -17.25 43.09 5.89
C GLU C 125 -15.80 43.04 5.43
N ASN C 126 -14.85 43.23 6.35
CA ASN C 126 -13.44 43.26 5.97
C ASN C 126 -12.88 41.88 5.70
N ALA C 127 -13.51 40.82 6.20
CA ALA C 127 -12.96 39.48 6.03
C ALA C 127 -13.16 38.95 4.62
N ARG C 128 -14.19 39.40 3.92
CA ARG C 128 -14.51 38.92 2.59
C ARG C 128 -13.75 39.65 1.50
N ASN C 129 -12.92 40.63 1.85
CA ASN C 129 -12.13 41.39 0.88
C ASN C 129 -10.64 41.06 0.96
N LYS C 130 -10.29 39.93 1.56
CA LYS C 130 -8.90 39.54 1.70
C LYS C 130 -8.50 38.64 0.55
N ILE C 131 -7.39 38.99 -0.12
CA ILE C 131 -6.95 38.23 -1.28
C ILE C 131 -6.61 36.81 -0.87
N LEU C 132 -6.92 35.87 -1.76
CA LEU C 132 -6.72 34.46 -1.47
C LEU C 132 -5.24 34.14 -1.29
N PHE C 133 -4.97 33.07 -0.54
CA PHE C 133 -3.60 32.68 -0.23
C PHE C 133 -2.84 32.29 -1.49
N GLU C 134 -3.51 31.63 -2.43
CA GLU C 134 -2.84 31.16 -3.63
C GLU C 134 -2.38 32.31 -4.52
N ASN C 135 -2.95 33.49 -4.38
CA ASN C 135 -2.61 34.64 -5.20
C ASN C 135 -1.44 35.44 -4.65
N LEU C 136 -0.88 35.04 -3.52
CA LEU C 136 0.21 35.78 -2.90
C LEU C 136 1.55 35.23 -3.38
N THR C 137 2.49 36.14 -3.64
CA THR C 137 3.78 35.77 -4.19
C THR C 137 4.73 35.35 -3.08
N PRO C 138 5.24 34.13 -3.09
CA PRO C 138 6.19 33.71 -2.05
C PRO C 138 7.54 34.39 -2.23
N LEU C 139 8.26 34.49 -1.11
CA LEU C 139 9.60 35.06 -1.09
C LEU C 139 10.48 34.19 -0.20
N HIS C 140 11.77 34.47 -0.23
CA HIS C 140 12.69 33.87 0.74
C HIS C 140 12.49 34.51 2.11
N ALA C 141 12.73 33.72 3.15
CA ALA C 141 12.62 34.23 4.50
C ALA C 141 13.71 35.27 4.77
N ASN C 142 13.32 36.42 5.30
CA ASN C 142 14.27 37.49 5.59
C ASN C 142 14.10 38.09 6.98
N SER C 143 13.18 37.57 7.79
CA SER C 143 13.00 38.02 9.17
C SER C 143 13.35 36.87 10.09
N ARG C 144 14.34 37.08 10.95
CA ARG C 144 14.88 36.00 11.78
C ARG C 144 13.98 35.72 12.97
N LEU C 145 13.78 34.43 13.25
CA LEU C 145 13.11 33.98 14.46
C LEU C 145 14.18 33.48 15.43
N ARG C 146 14.60 34.36 16.32
CA ARG C 146 15.72 34.06 17.22
C ARG C 146 15.24 33.18 18.36
N MET C 147 15.74 31.95 18.41
CA MET C 147 15.33 31.01 19.44
C MET C 147 15.99 31.30 20.79
N GLU C 148 17.17 31.92 20.78
CA GLU C 148 17.94 32.09 22.00
C GLU C 148 17.20 32.99 23.00
N ARG C 149 16.85 32.42 24.15
CA ARG C 149 16.22 33.21 25.20
C ARG C 149 17.23 34.05 25.96
N GLY C 150 18.44 33.55 26.16
CA GLY C 150 19.49 34.31 26.80
C GLY C 150 19.47 34.29 28.31
N ASN C 151 18.63 33.47 28.94
CA ASN C 151 18.61 33.40 30.39
C ASN C 151 19.70 32.52 30.97
N GLY C 152 20.40 31.75 30.14
CA GLY C 152 21.50 30.95 30.62
C GLY C 152 21.15 29.61 31.22
N SER C 153 19.89 29.18 31.11
CA SER C 153 19.50 27.90 31.66
C SER C 153 20.06 26.75 30.81
N THR C 154 20.02 25.55 31.38
CA THR C 154 20.51 24.38 30.67
C THR C 154 19.67 24.08 29.44
N GLU C 155 18.35 24.22 29.56
CA GLU C 155 17.48 24.00 28.41
C GLU C 155 17.68 25.05 27.31
N ASP C 156 18.27 26.19 27.65
CA ASP C 156 18.55 27.20 26.64
C ASP C 156 19.67 26.78 25.70
N LEU C 157 20.45 25.76 26.06
CA LEU C 157 21.53 25.31 25.20
C LEU C 157 21.00 24.78 23.88
N THR C 158 19.88 24.06 23.92
CA THR C 158 19.30 23.53 22.68
C THR C 158 18.89 24.66 21.74
N ALA C 159 18.30 25.72 22.28
CA ALA C 159 17.91 26.84 21.45
C ALA C 159 19.13 27.54 20.86
N ARG C 160 20.21 27.66 21.64
CA ARG C 160 21.40 28.34 21.15
C ARG C 160 22.08 27.54 20.04
N VAL C 161 22.09 26.22 20.14
CA VAL C 161 22.69 25.40 19.10
C VAL C 161 21.92 25.55 17.79
N LEU C 162 20.60 25.68 17.87
CA LEU C 162 19.80 25.87 16.66
C LEU C 162 20.17 27.16 15.94
N ASP C 163 20.45 28.23 16.68
CA ASP C 163 20.84 29.48 16.06
C ASP C 163 22.14 29.32 15.29
N LEU C 164 23.10 28.59 15.85
CA LEU C 164 24.37 28.40 15.17
C LEU C 164 24.25 27.44 14.01
N ALA C 165 23.49 26.36 14.18
CA ALA C 165 23.44 25.32 13.16
C ALA C 165 22.53 25.71 12.00
N SER C 166 21.25 25.94 12.28
CA SER C 166 20.27 26.24 11.26
C SER C 166 19.38 27.39 11.70
N PRO C 167 19.69 28.61 11.30
CA PRO C 167 18.82 29.75 11.63
C PRO C 167 17.43 29.57 11.03
N ILE C 168 16.42 30.00 11.78
CA ILE C 168 15.03 29.87 11.37
C ILE C 168 14.45 31.26 11.19
N GLY C 169 13.82 31.48 10.03
CA GLY C 169 13.19 32.75 9.73
C GLY C 169 11.70 32.57 9.49
N ARG C 170 11.00 33.69 9.43
CA ARG C 170 9.57 33.67 9.18
C ARG C 170 9.31 33.24 7.75
N GLY C 171 8.58 32.15 7.57
CA GLY C 171 8.35 31.59 6.27
C GLY C 171 9.27 30.45 5.87
N GLN C 172 10.07 29.95 6.80
CA GLN C 172 10.94 28.82 6.51
C GLN C 172 10.12 27.56 6.29
N ARG C 173 10.62 26.69 5.42
CA ARG C 173 10.08 25.35 5.22
C ARG C 173 11.08 24.38 5.82
N GLY C 174 10.95 24.15 7.12
CA GLY C 174 11.92 23.37 7.85
C GLY C 174 11.64 21.88 7.81
N LEU C 175 12.70 21.10 7.95
CA LEU C 175 12.60 19.65 8.05
C LEU C 175 13.58 19.15 9.09
N ILE C 176 13.10 18.32 10.00
CA ILE C 176 13.94 17.75 11.05
C ILE C 176 14.03 16.24 10.80
N VAL C 177 15.22 15.77 10.45
CA VAL C 177 15.44 14.37 10.15
C VAL C 177 15.88 13.69 11.44
N ALA C 178 14.99 12.90 12.04
CA ALA C 178 15.20 12.35 13.38
C ALA C 178 15.04 10.84 13.36
N PRO C 179 16.08 10.09 13.71
CA PRO C 179 15.91 8.66 13.96
C PRO C 179 15.20 8.44 15.28
N PRO C 180 14.65 7.25 15.52
CA PRO C 180 13.96 7.00 16.78
C PRO C 180 14.90 7.09 17.98
N LYS C 181 14.33 7.53 19.11
CA LYS C 181 15.08 7.65 20.36
C LYS C 181 16.27 8.59 20.21
N ALA C 182 16.01 9.79 19.68
CA ALA C 182 17.06 10.79 19.48
C ALA C 182 16.68 12.13 20.09
N GLY C 183 15.68 12.16 20.96
CA GLY C 183 15.27 13.42 21.57
C GLY C 183 14.48 14.33 20.67
N LYS C 184 13.75 13.78 19.71
CA LYS C 184 12.98 14.60 18.79
C LYS C 184 11.86 15.35 19.51
N THR C 185 11.17 14.68 20.44
CA THR C 185 10.03 15.30 21.09
C THR C 185 10.44 16.50 21.93
N MET C 186 11.52 16.36 22.70
CA MET C 186 11.99 17.47 23.53
C MET C 186 12.60 18.58 22.68
N LEU C 187 13.03 18.27 21.47
CA LEU C 187 13.50 19.32 20.57
C LEU C 187 12.36 20.23 20.14
N LEU C 188 11.22 19.64 19.78
CA LEU C 188 10.06 20.44 19.38
C LEU C 188 9.51 21.24 20.56
N GLN C 189 9.47 20.63 21.74
CA GLN C 189 9.00 21.36 22.92
C GLN C 189 9.91 22.54 23.24
N ASN C 190 11.22 22.36 23.07
CA ASN C 190 12.14 23.46 23.29
C ASN C 190 11.92 24.58 22.28
N ILE C 191 11.66 24.22 21.02
CA ILE C 191 11.40 25.23 20.00
C ILE C 191 10.12 26.00 20.32
N ALA C 192 9.07 25.27 20.70
CA ALA C 192 7.80 25.92 21.01
C ALA C 192 7.92 26.82 22.23
N GLN C 193 8.74 26.43 23.21
CA GLN C 193 8.92 27.25 24.39
C GLN C 193 9.59 28.58 24.04
N SER C 194 10.58 28.55 23.14
CA SER C 194 11.29 29.77 22.79
C SER C 194 10.45 30.68 21.90
N ILE C 195 9.62 30.10 21.03
CA ILE C 195 8.77 30.91 20.16
C ILE C 195 7.77 31.70 21.00
N ALA C 196 7.17 31.06 22.00
CA ALA C 196 6.20 31.74 22.84
C ALA C 196 6.83 32.88 23.62
N TYR C 197 8.07 32.69 24.09
CA TYR C 197 8.73 33.71 24.89
C TYR C 197 9.25 34.84 24.02
N ASN C 198 9.99 34.50 22.96
CA ASN C 198 10.63 35.53 22.14
C ASN C 198 9.64 36.25 21.23
N HIS C 199 8.68 35.52 20.66
CA HIS C 199 7.77 36.06 19.66
C HIS C 199 6.33 35.79 20.07
N PRO C 200 5.79 36.58 21.02
CA PRO C 200 4.38 36.41 21.39
C PRO C 200 3.42 36.75 20.28
N ASP C 201 3.84 37.55 19.30
CA ASP C 201 2.93 37.97 18.24
C ASP C 201 2.62 36.86 17.25
N CYS C 202 3.58 35.97 17.00
CA CYS C 202 3.36 34.88 16.06
C CYS C 202 2.32 33.90 16.59
N VAL C 203 1.50 33.39 15.69
CA VAL C 203 0.48 32.40 16.05
C VAL C 203 1.12 31.02 15.96
N LEU C 204 1.15 30.31 17.08
CA LEU C 204 1.82 29.03 17.17
C LEU C 204 0.79 27.91 17.20
N MET C 205 0.94 26.96 16.28
CA MET C 205 0.09 25.78 16.23
C MET C 205 0.96 24.54 16.17
N VAL C 206 0.72 23.60 17.08
CA VAL C 206 1.46 22.35 17.13
C VAL C 206 0.53 21.24 16.68
N LEU C 207 0.93 20.54 15.63
CA LEU C 207 0.13 19.47 15.04
C LEU C 207 0.84 18.14 15.26
N LEU C 208 0.18 17.22 15.94
CA LEU C 208 0.71 15.89 16.21
C LEU C 208 -0.14 14.87 15.49
N ILE C 209 0.50 14.04 14.66
CA ILE C 209 -0.19 13.05 13.84
C ILE C 209 0.22 11.67 14.32
N ASP C 210 -0.77 10.80 14.55
CA ASP C 210 -0.53 9.41 14.94
C ASP C 210 0.27 9.32 16.22
N GLU C 211 -0.03 10.21 17.17
CA GLU C 211 0.71 10.30 18.42
C GLU C 211 0.14 9.36 19.46
N ARG C 212 0.82 9.27 20.60
CA ARG C 212 0.35 8.48 21.73
C ARG C 212 -0.47 9.36 22.67
N PRO C 213 -1.51 8.80 23.29
CA PRO C 213 -2.40 9.63 24.11
C PRO C 213 -1.70 10.35 25.25
N GLU C 214 -0.72 9.72 25.90
CA GLU C 214 -0.03 10.39 27.00
C GLU C 214 0.85 11.53 26.50
N GLU C 215 1.32 11.44 25.26
CA GLU C 215 2.15 12.51 24.70
C GLU C 215 1.33 13.73 24.33
N VAL C 216 0.06 13.55 23.98
CA VAL C 216 -0.78 14.67 23.60
C VAL C 216 -1.05 15.57 24.80
N THR C 217 -1.40 14.98 25.94
CA THR C 217 -1.69 15.79 27.12
C THR C 217 -0.45 16.48 27.64
N GLU C 218 0.72 15.84 27.54
CA GLU C 218 1.95 16.48 27.97
C GLU C 218 2.23 17.73 27.15
N MET C 219 2.05 17.65 25.84
CA MET C 219 2.30 18.80 24.97
C MET C 219 1.33 19.94 25.27
N GLN C 220 0.07 19.62 25.54
CA GLN C 220 -0.93 20.66 25.77
C GLN C 220 -0.61 21.45 27.04
N ARG C 221 -0.11 20.79 28.07
CA ARG C 221 0.25 21.50 29.29
C ARG C 221 1.42 22.46 29.05
N LEU C 222 2.38 22.06 28.22
CA LEU C 222 3.59 22.85 28.04
C LEU C 222 3.39 23.98 27.04
N VAL C 223 2.93 23.65 25.83
CA VAL C 223 2.92 24.62 24.74
C VAL C 223 1.94 25.74 25.05
N LYS C 224 2.40 26.98 24.92
CA LYS C 224 1.56 28.16 25.13
C LYS C 224 0.97 28.62 23.79
N GLY C 225 0.22 27.72 23.19
CA GLY C 225 -0.41 27.99 21.91
C GLY C 225 -1.58 27.06 21.71
N GLU C 226 -1.80 26.68 20.46
CA GLU C 226 -2.88 25.77 20.09
C GLU C 226 -2.28 24.43 19.69
N VAL C 227 -2.68 23.37 20.40
CA VAL C 227 -2.19 22.03 20.15
C VAL C 227 -3.36 21.18 19.69
N VAL C 228 -3.25 20.62 18.49
CA VAL C 228 -4.25 19.73 17.94
C VAL C 228 -3.55 18.43 17.55
N ALA C 229 -4.13 17.30 17.95
CA ALA C 229 -3.48 16.02 17.75
C ALA C 229 -4.51 14.96 17.44
N SER C 230 -4.07 13.91 16.75
CA SER C 230 -4.88 12.74 16.47
C SER C 230 -4.08 11.51 16.90
N THR C 231 -4.55 10.83 17.93
CA THR C 231 -3.82 9.70 18.47
C THR C 231 -3.88 8.51 17.52
N PHE C 232 -3.01 7.53 17.77
CA PHE C 232 -2.86 6.41 16.85
C PHE C 232 -4.06 5.47 16.85
N ASP C 233 -4.99 5.60 17.80
CA ASP C 233 -6.16 4.75 17.84
C ASP C 233 -7.34 5.36 17.11
N GLU C 234 -7.09 6.12 16.05
CA GLU C 234 -8.11 6.79 15.27
C GLU C 234 -7.92 6.45 13.80
N PRO C 235 -8.99 6.53 13.00
CA PRO C 235 -8.88 6.14 11.59
C PRO C 235 -7.94 7.04 10.82
N ALA C 236 -7.42 6.52 9.71
CA ALA C 236 -6.53 7.31 8.87
C ALA C 236 -7.25 8.51 8.28
N SER C 237 -8.56 8.40 8.04
CA SER C 237 -9.32 9.56 7.60
C SER C 237 -9.33 10.66 8.65
N ARG C 238 -9.22 10.28 9.93
CA ARG C 238 -9.16 11.28 10.98
C ARG C 238 -7.82 11.99 11.00
N HIS C 239 -6.73 11.27 10.70
CA HIS C 239 -5.43 11.92 10.60
C HIS C 239 -5.42 12.95 9.49
N VAL C 240 -6.00 12.61 8.33
CA VAL C 240 -6.06 13.54 7.22
C VAL C 240 -6.89 14.75 7.57
N GLN C 241 -8.04 14.55 8.22
CA GLN C 241 -8.95 15.65 8.51
C GLN C 241 -8.29 16.71 9.38
N VAL C 242 -7.56 16.28 10.42
CA VAL C 242 -6.93 17.24 11.31
C VAL C 242 -5.89 18.07 10.56
N ALA C 243 -5.09 17.41 9.72
CA ALA C 243 -4.07 18.14 8.97
C ALA C 243 -4.69 19.14 8.00
N GLU C 244 -5.79 18.75 7.34
CA GLU C 244 -6.46 19.67 6.42
C GLU C 244 -7.01 20.89 7.16
N MET C 245 -7.59 20.67 8.34
CA MET C 245 -8.14 21.78 9.11
C MET C 245 -7.05 22.74 9.57
N VAL C 246 -5.88 22.21 9.96
CA VAL C 246 -4.81 23.06 10.45
C VAL C 246 -4.26 23.93 9.32
N ILE C 247 -3.96 23.32 8.17
CA ILE C 247 -3.33 24.06 7.09
C ILE C 247 -4.29 25.10 6.52
N GLU C 248 -5.58 24.81 6.47
CA GLU C 248 -6.54 25.79 5.97
C GLU C 248 -6.71 26.94 6.95
N LYS C 249 -6.72 26.64 8.25
CA LYS C 249 -6.80 27.70 9.24
C LYS C 249 -5.58 28.60 9.19
N ALA C 250 -4.41 28.02 8.97
CA ALA C 250 -3.19 28.82 8.86
C ALA C 250 -3.25 29.74 7.64
N LYS C 251 -3.75 29.23 6.52
CA LYS C 251 -3.82 30.05 5.31
C LYS C 251 -4.73 31.24 5.49
N ARG C 252 -5.87 31.06 6.17
CA ARG C 252 -6.79 32.16 6.39
C ARG C 252 -6.15 33.26 7.23
N LEU C 253 -5.36 32.87 8.23
CA LEU C 253 -4.69 33.87 9.06
C LEU C 253 -3.64 34.64 8.26
N VAL C 254 -2.91 33.95 7.38
CA VAL C 254 -1.88 34.62 6.59
C VAL C 254 -2.51 35.69 5.70
N GLU C 255 -3.71 35.42 5.19
CA GLU C 255 -4.41 36.43 4.40
C GLU C 255 -4.68 37.70 5.18
N HIS C 256 -4.66 37.63 6.51
CA HIS C 256 -4.83 38.79 7.38
C HIS C 256 -3.50 39.34 7.88
N LYS C 257 -2.43 39.17 7.13
CA LYS C 257 -1.11 39.70 7.46
C LYS C 257 -0.61 39.17 8.81
N LYS C 258 -0.83 37.88 9.05
CA LYS C 258 -0.41 37.25 10.28
C LYS C 258 0.79 36.35 10.04
N ASP C 259 1.62 36.19 11.07
CA ASP C 259 2.74 35.25 11.05
C ASP C 259 2.32 34.02 11.85
N VAL C 260 2.20 32.89 11.17
CA VAL C 260 1.77 31.65 11.80
C VAL C 260 2.90 30.63 11.68
N ILE C 261 3.10 29.86 12.76
CA ILE C 261 4.13 28.84 12.82
C ILE C 261 3.45 27.51 13.10
N ILE C 262 3.77 26.50 12.29
CA ILE C 262 3.21 25.17 12.44
C ILE C 262 4.36 24.20 12.74
N LEU C 263 4.27 23.51 13.87
CA LEU C 263 5.22 22.48 14.24
C LEU C 263 4.55 21.13 14.04
N LEU C 264 4.95 20.42 13.00
CA LEU C 264 4.30 19.18 12.60
C LEU C 264 5.14 17.99 13.04
N ASP C 265 4.47 17.01 13.65
CA ASP C 265 5.11 15.77 14.10
C ASP C 265 4.13 14.63 13.81
N SER C 266 4.32 13.95 12.68
CA SER C 266 5.40 14.18 11.74
C SER C 266 4.89 14.16 10.31
N ILE C 267 5.75 14.55 9.36
CA ILE C 267 5.38 14.46 7.96
C ILE C 267 5.37 13.02 7.49
N THR C 268 6.10 12.13 8.15
CA THR C 268 6.09 10.72 7.77
C THR C 268 4.75 10.07 8.12
N ARG C 269 4.25 10.32 9.33
CA ARG C 269 2.95 9.76 9.71
C ARG C 269 1.84 10.35 8.86
N LEU C 270 1.93 11.64 8.55
CA LEU C 270 0.91 12.27 7.71
C LEU C 270 0.90 11.68 6.32
N ALA C 271 2.09 11.46 5.73
CA ALA C 271 2.17 10.87 4.40
C ALA C 271 1.63 9.45 4.41
N ARG C 272 1.93 8.70 5.46
CA ARG C 272 1.41 7.33 5.57
C ARG C 272 -0.11 7.34 5.68
N ALA C 273 -0.67 8.31 6.40
CA ALA C 273 -2.12 8.40 6.52
C ALA C 273 -2.77 8.67 5.17
N TYR C 274 -2.19 9.56 4.38
CA TYR C 274 -2.73 9.83 3.05
C TYR C 274 -2.64 8.60 2.15
N ASN C 275 -1.60 7.78 2.33
CA ASN C 275 -1.45 6.59 1.51
C ASN C 275 -2.63 5.65 1.70
N THR C 276 -3.13 5.53 2.93
CA THR C 276 -4.29 4.68 3.18
C THR C 276 -5.56 5.27 2.57
N VAL C 277 -5.77 6.57 2.75
CA VAL C 277 -7.03 7.19 2.37
C VAL C 277 -7.18 7.25 0.85
N VAL C 278 -6.12 7.66 0.16
CA VAL C 278 -6.23 7.97 -1.28
C VAL C 278 -6.54 6.69 -2.04
N PRO C 279 -7.39 6.73 -3.06
CA PRO C 279 -7.61 5.54 -3.89
C PRO C 279 -6.38 5.18 -4.69
N ALA C 280 -6.23 3.88 -4.95
CA ALA C 280 -5.08 3.41 -5.70
C ALA C 280 -5.17 3.87 -7.15
N SER C 281 -4.03 4.28 -7.70
CA SER C 281 -3.96 4.77 -9.07
C SER C 281 -3.33 3.75 -10.03
N GLY C 282 -2.89 2.60 -9.53
CA GLY C 282 -2.28 1.58 -10.34
C GLY C 282 -0.76 1.63 -10.39
N LYS C 283 -0.16 2.75 -10.03
CA LYS C 283 1.29 2.89 -9.97
C LYS C 283 1.71 2.93 -8.50
N VAL C 284 2.46 1.91 -8.07
CA VAL C 284 2.88 1.78 -6.69
C VAL C 284 4.41 1.80 -6.64
N LEU C 285 4.96 2.69 -5.83
CA LEU C 285 6.40 2.78 -5.66
C LEU C 285 6.90 1.64 -4.77
N THR C 286 8.20 1.66 -4.51
CA THR C 286 8.78 0.68 -3.60
C THR C 286 8.26 0.89 -2.19
N GLY C 287 8.11 -0.22 -1.46
CA GLY C 287 7.56 -0.16 -0.13
C GLY C 287 6.06 -0.03 -0.06
N GLY C 288 5.35 -0.28 -1.15
CA GLY C 288 3.90 -0.20 -1.15
C GLY C 288 3.35 1.19 -0.95
N VAL C 289 3.93 2.19 -1.62
CA VAL C 289 3.49 3.57 -1.51
C VAL C 289 2.93 4.00 -2.87
N ASP C 290 1.68 4.45 -2.86
CA ASP C 290 1.05 4.92 -4.09
C ASP C 290 1.75 6.18 -4.59
N ALA C 291 1.82 6.31 -5.92
CA ALA C 291 2.47 7.46 -6.51
C ALA C 291 1.73 8.76 -6.20
N ASN C 292 0.40 8.74 -6.30
CA ASN C 292 -0.40 9.92 -6.04
C ASN C 292 -0.66 10.15 -4.55
N ALA C 293 -0.22 9.23 -3.69
CA ALA C 293 -0.42 9.40 -2.25
C ALA C 293 0.36 10.60 -1.73
N LEU C 294 1.56 10.83 -2.24
CA LEU C 294 2.42 11.89 -1.74
C LEU C 294 2.09 13.26 -2.33
N HIS C 295 1.15 13.33 -3.25
CA HIS C 295 0.77 14.64 -3.81
C HIS C 295 0.14 15.53 -2.76
N ARG C 296 -0.60 14.95 -1.82
CA ARG C 296 -1.32 15.71 -0.81
C ARG C 296 -0.42 16.23 0.30
N PRO C 297 0.46 15.40 0.89
CA PRO C 297 1.38 15.94 1.89
C PRO C 297 2.30 17.02 1.36
N LYS C 298 2.72 16.93 0.10
CA LYS C 298 3.57 17.95 -0.47
C LYS C 298 2.84 19.29 -0.58
N ARG C 299 1.54 19.25 -0.86
CA ARG C 299 0.75 20.48 -0.84
C ARG C 299 0.72 21.09 0.56
N PHE C 300 0.65 20.24 1.58
CA PHE C 300 0.74 20.73 2.95
C PHE C 300 2.10 21.35 3.22
N PHE C 301 3.17 20.62 2.89
CA PHE C 301 4.51 21.09 3.18
C PHE C 301 4.90 22.28 2.32
N GLY C 302 4.42 22.32 1.07
CA GLY C 302 4.78 23.39 0.17
C GLY C 302 4.09 24.70 0.42
N ALA C 303 3.13 24.74 1.34
CA ALA C 303 2.42 25.98 1.65
C ALA C 303 3.26 26.95 2.48
N ALA C 304 4.38 26.51 3.03
CA ALA C 304 5.22 27.39 3.83
C ALA C 304 5.90 28.40 2.94
N ARG C 305 5.70 29.68 3.22
CA ARG C 305 6.27 30.73 2.40
C ARG C 305 6.31 32.03 3.18
N ASN C 306 7.12 32.96 2.68
CA ASN C 306 7.16 34.33 3.18
C ASN C 306 6.40 35.20 2.19
N VAL C 307 5.21 35.63 2.57
CA VAL C 307 4.35 36.38 1.67
C VAL C 307 4.91 37.79 1.50
N GLU C 308 5.04 38.23 0.25
CA GLU C 308 5.55 39.56 -0.02
C GLU C 308 4.61 40.65 0.49
N GLU C 309 3.30 40.44 0.35
CA GLU C 309 2.34 41.45 0.79
C GLU C 309 2.40 41.67 2.29
N GLY C 310 2.51 40.59 3.06
CA GLY C 310 2.57 40.69 4.51
C GLY C 310 2.22 39.38 5.17
N GLY C 311 2.85 39.10 6.31
CA GLY C 311 2.65 37.84 6.98
C GLY C 311 3.50 36.74 6.39
N SER C 312 3.44 35.57 7.02
CA SER C 312 4.22 34.43 6.58
C SER C 312 3.63 33.17 7.20
N LEU C 313 4.04 32.04 6.65
CA LEU C 313 3.64 30.72 7.15
C LEU C 313 4.90 29.87 7.28
N THR C 314 5.25 29.54 8.52
CA THR C 314 6.43 28.74 8.82
C THR C 314 6.02 27.33 9.21
N ILE C 315 6.57 26.33 8.53
CA ILE C 315 6.28 24.94 8.81
C ILE C 315 7.60 24.26 9.15
N ILE C 316 7.66 23.63 10.32
CA ILE C 316 8.83 22.85 10.73
C ILE C 316 8.32 21.46 11.05
N ALA C 317 8.55 20.52 10.14
CA ALA C 317 8.03 19.17 10.24
C ALA C 317 9.17 18.18 10.41
N THR C 318 8.95 17.18 11.25
CA THR C 318 9.94 16.14 11.46
C THR C 318 9.71 14.98 10.51
N ALA C 319 10.78 14.30 10.14
CA ALA C 319 10.73 13.13 9.28
C ALA C 319 11.50 12.00 9.95
N LEU C 320 10.89 10.81 9.98
CA LEU C 320 11.51 9.67 10.63
C LEU C 320 12.36 8.89 9.65
N ILE C 321 13.55 8.49 10.11
CA ILE C 321 14.45 7.64 9.35
C ILE C 321 14.92 6.51 10.25
N ASP C 322 15.42 5.44 9.61
CA ASP C 322 15.95 4.28 10.32
C ASP C 322 14.89 3.68 11.26
N THR C 323 13.64 3.66 10.80
CA THR C 323 12.56 3.06 11.57
C THR C 323 12.33 1.60 11.23
N GLY C 324 13.09 1.04 10.30
CA GLY C 324 12.92 -0.32 9.88
C GLY C 324 11.81 -0.55 8.87
N SER C 325 11.15 0.50 8.40
CA SER C 325 10.07 0.40 7.43
C SER C 325 10.55 0.92 6.09
N LYS C 326 10.29 0.14 5.03
CA LYS C 326 10.63 0.60 3.69
C LYS C 326 9.77 1.78 3.27
N MET C 327 8.53 1.84 3.75
CA MET C 327 7.64 2.95 3.40
C MET C 327 8.17 4.27 3.92
N ASP C 328 8.72 4.27 5.14
CA ASP C 328 9.28 5.51 5.68
C ASP C 328 10.47 5.98 4.86
N GLU C 329 11.32 5.05 4.41
CA GLU C 329 12.51 5.44 3.67
C GLU C 329 12.16 6.06 2.32
N VAL C 330 11.15 5.53 1.64
CA VAL C 330 10.77 6.11 0.36
C VAL C 330 9.98 7.40 0.52
N ILE C 331 9.35 7.61 1.67
CA ILE C 331 8.70 8.89 1.92
C ILE C 331 9.74 9.98 2.15
N TYR C 332 10.78 9.69 2.90
CA TYR C 332 11.79 10.69 3.20
C TYR C 332 12.54 11.13 1.95
N GLU C 333 12.87 10.20 1.06
CA GLU C 333 13.62 10.55 -0.12
C GLU C 333 12.80 11.37 -1.12
N GLU C 334 11.48 11.41 -0.95
CA GLU C 334 10.64 12.26 -1.78
C GLU C 334 10.50 13.67 -1.22
N PHE C 335 10.77 13.87 0.07
CA PHE C 335 10.78 15.18 0.68
C PHE C 335 12.17 15.74 0.89
N LYS C 336 13.18 15.12 0.26
CA LYS C 336 14.56 15.47 0.57
C LYS C 336 14.89 16.89 0.14
N GLY C 337 14.74 17.20 -1.14
CA GLY C 337 15.12 18.50 -1.63
C GLY C 337 13.96 19.48 -1.73
N THR C 338 13.15 19.57 -0.67
CA THR C 338 11.98 20.43 -0.68
C THR C 338 12.01 21.53 0.36
N GLY C 339 12.82 21.42 1.40
CA GLY C 339 12.84 22.38 2.47
C GLY C 339 14.00 23.36 2.39
N ASN C 340 13.78 24.57 2.89
CA ASN C 340 14.85 25.55 2.96
C ASN C 340 15.82 25.25 4.10
N MET C 341 15.29 24.74 5.22
CA MET C 341 16.09 24.44 6.40
C MET C 341 16.02 22.95 6.68
N GLU C 342 17.16 22.36 7.02
CA GLU C 342 17.24 20.97 7.44
C GLU C 342 18.04 20.88 8.73
N LEU C 343 17.56 20.04 9.64
CA LEU C 343 18.23 19.80 10.92
C LEU C 343 18.27 18.29 11.14
N HIS C 344 19.48 17.74 11.19
CA HIS C 344 19.66 16.30 11.32
C HIS C 344 19.98 15.95 12.76
N LEU C 345 19.19 15.03 13.33
CA LEU C 345 19.50 14.46 14.63
C LEU C 345 20.25 13.15 14.43
N SER C 346 21.20 12.89 15.33
CA SER C 346 22.06 11.73 15.21
C SER C 346 21.80 10.77 16.36
N ARG C 347 21.57 9.49 16.04
CA ARG C 347 21.39 8.49 17.08
C ARG C 347 22.67 8.24 17.86
N LYS C 348 23.82 8.37 17.20
CA LYS C 348 25.10 8.14 17.87
C LYS C 348 25.32 9.13 19.01
N ILE C 349 24.99 10.40 18.78
CA ILE C 349 25.13 11.39 19.84
C ILE C 349 24.12 11.14 20.95
N ALA C 350 22.91 10.71 20.59
CA ALA C 350 21.88 10.49 21.58
C ALA C 350 22.24 9.36 22.54
N GLU C 351 22.80 8.27 22.02
CA GLU C 351 23.14 7.14 22.87
C GLU C 351 24.28 7.44 23.83
N LYS C 352 24.98 8.55 23.64
CA LYS C 352 25.99 9.03 24.59
C LYS C 352 25.39 9.92 25.67
N ARG C 353 24.05 10.06 25.69
CA ARG C 353 23.37 10.96 26.62
C ARG C 353 23.89 12.39 26.49
N VAL C 354 24.16 12.81 25.26
CA VAL C 354 24.57 14.18 24.96
C VAL C 354 23.43 14.83 24.19
N PHE C 355 22.86 15.89 24.75
CA PHE C 355 21.73 16.55 24.12
C PHE C 355 22.00 18.05 24.03
N PRO C 356 21.56 18.70 22.95
CA PRO C 356 20.81 18.15 21.82
C PRO C 356 21.68 17.31 20.89
N ALA C 357 21.16 16.21 20.38
CA ALA C 357 21.92 15.30 19.52
C ALA C 357 21.76 15.77 18.08
N ILE C 358 22.50 16.80 17.72
CA ILE C 358 22.38 17.46 16.43
C ILE C 358 23.63 17.17 15.61
N ASP C 359 23.44 16.67 14.40
CA ASP C 359 24.54 16.47 13.45
C ASP C 359 24.84 17.81 12.82
N TYR C 360 25.82 18.50 13.39
CA TYR C 360 26.06 19.90 13.02
C TYR C 360 26.46 20.03 11.56
N ASN C 361 27.34 19.15 11.07
CA ASN C 361 27.85 19.28 9.72
C ASN C 361 26.79 19.00 8.67
N ARG C 362 25.77 18.22 9.00
CA ARG C 362 24.75 17.83 8.04
C ARG C 362 23.55 18.76 8.03
N SER C 363 23.52 19.80 8.86
CA SER C 363 22.37 20.65 9.02
C SER C 363 22.71 22.09 8.64
N GLY C 364 21.76 22.76 8.01
CA GLY C 364 21.95 24.14 7.61
C GLY C 364 20.71 24.65 6.92
N THR C 365 20.78 25.91 6.49
CA THR C 365 19.68 26.55 5.79
C THR C 365 20.16 27.15 4.49
N ARG C 366 19.25 27.22 3.52
CA ARG C 366 19.53 27.89 2.26
C ARG C 366 19.22 29.37 2.40
N LYS C 367 20.07 30.20 1.78
CA LYS C 367 19.92 31.66 1.82
C LYS C 367 19.94 32.17 3.26
N GLU C 368 20.97 31.76 4.01
CA GLU C 368 21.12 32.21 5.38
C GLU C 368 21.71 33.62 5.47
N GLU C 369 22.14 34.19 4.35
CA GLU C 369 22.63 35.57 4.38
C GLU C 369 21.51 36.55 4.66
N LEU C 370 20.28 36.20 4.28
CA LEU C 370 19.16 37.12 4.48
C LEU C 370 18.74 37.17 5.94
N LEU C 371 18.82 36.04 6.65
CA LEU C 371 18.37 36.00 8.03
C LEU C 371 19.34 36.72 8.96
N THR C 372 20.64 36.52 8.77
CA THR C 372 21.64 37.02 9.69
C THR C 372 22.16 38.39 9.23
N THR C 373 23.00 38.99 10.06
CA THR C 373 23.68 40.23 9.72
C THR C 373 25.05 39.93 9.11
N GLN C 374 25.77 40.99 8.74
CA GLN C 374 27.09 40.81 8.16
C GLN C 374 28.07 40.21 9.18
N GLU C 375 28.14 40.82 10.36
CA GLU C 375 29.09 40.35 11.37
C GLU C 375 28.71 38.96 11.88
N GLU C 376 27.41 38.73 12.10
CA GLU C 376 26.97 37.43 12.61
C GLU C 376 27.27 36.32 11.61
N LEU C 377 27.05 36.58 10.32
CA LEU C 377 27.30 35.55 9.33
C LEU C 377 28.77 35.19 9.23
N GLN C 378 29.65 36.19 9.32
CA GLN C 378 31.09 35.90 9.26
C GLN C 378 31.52 35.04 10.44
N LYS C 379 31.01 35.34 11.63
CA LYS C 379 31.35 34.54 12.80
C LYS C 379 30.84 33.11 12.68
N MET C 380 29.64 32.94 12.12
CA MET C 380 29.11 31.59 11.93
C MET C 380 29.96 30.81 10.93
N TRP C 381 30.42 31.47 9.87
CA TRP C 381 31.29 30.81 8.90
C TRP C 381 32.59 30.35 9.55
N ILE C 382 33.12 31.15 10.48
CA ILE C 382 34.33 30.76 11.19
C ILE C 382 34.08 29.49 11.99
N LEU C 383 32.93 29.41 12.67
CA LEU C 383 32.62 28.23 13.46
C LEU C 383 32.48 26.99 12.58
N ARG C 384 31.87 27.14 11.40
CA ARG C 384 31.72 26.00 10.50
C ARG C 384 33.08 25.43 10.11
N LYS C 385 34.06 26.30 9.88
CA LYS C 385 35.39 25.84 9.52
C LYS C 385 36.03 25.04 10.65
N ILE C 386 35.82 25.46 11.89
CA ILE C 386 36.38 24.74 13.03
C ILE C 386 35.68 23.41 13.22
N ILE C 387 34.34 23.40 13.14
CA ILE C 387 33.58 22.19 13.41
C ILE C 387 33.76 21.16 12.31
N HIS C 388 33.97 21.59 11.07
CA HIS C 388 33.92 20.70 9.92
C HIS C 388 34.86 19.49 10.03
N PRO C 389 36.13 19.62 10.40
CA PRO C 389 36.97 18.42 10.52
C PRO C 389 36.55 17.48 11.64
N MET C 390 35.87 17.97 12.67
CA MET C 390 35.55 17.15 13.83
C MET C 390 34.50 16.11 13.50
N GLY C 391 34.47 15.05 14.31
CA GLY C 391 33.47 14.02 14.17
C GLY C 391 32.13 14.47 14.70
N GLU C 392 31.10 13.67 14.39
CA GLU C 392 29.73 14.05 14.78
C GLU C 392 29.57 14.10 16.29
N ILE C 393 30.10 13.11 17.00
CA ILE C 393 30.01 13.11 18.46
C ILE C 393 30.92 14.19 19.04
N ASP C 394 32.13 14.33 18.48
CA ASP C 394 33.07 15.31 19.01
C ASP C 394 32.58 16.73 18.79
N ALA C 395 31.89 16.99 17.68
CA ALA C 395 31.43 18.34 17.39
C ALA C 395 30.43 18.83 18.43
N MET C 396 29.48 17.98 18.81
CA MET C 396 28.46 18.41 19.76
C MET C 396 29.04 18.57 21.16
N GLU C 397 29.92 17.65 21.57
CA GLU C 397 30.54 17.77 22.88
C GLU C 397 31.40 19.02 22.97
N PHE C 398 32.16 19.32 21.93
CA PHE C 398 32.94 20.54 21.90
C PHE C 398 32.05 21.78 21.91
N LEU C 399 30.95 21.73 21.15
CA LEU C 399 30.07 22.89 21.06
C LEU C 399 29.32 23.12 22.37
N ILE C 400 28.84 22.04 23.00
CA ILE C 400 28.11 22.18 24.25
C ILE C 400 29.02 22.73 25.34
N ASN C 401 30.25 22.22 25.42
CA ASN C 401 31.18 22.67 26.45
C ASN C 401 31.47 24.16 26.31
N LYS C 402 31.68 24.62 25.07
CA LYS C 402 31.96 26.04 24.85
C LYS C 402 30.75 26.90 25.17
N LEU C 403 29.55 26.44 24.83
CA LEU C 403 28.36 27.24 25.06
C LEU C 403 27.99 27.32 26.54
N ALA C 404 28.36 26.30 27.32
CA ALA C 404 27.97 26.29 28.73
C ALA C 404 28.65 27.40 29.51
N MET C 405 29.88 27.73 29.16
CA MET C 405 30.65 28.73 29.90
C MET C 405 30.32 30.16 29.46
N THR C 406 29.20 30.37 28.79
CA THR C 406 28.79 31.72 28.40
C THR C 406 27.28 31.77 28.36
N LYS C 407 26.74 32.99 28.45
CA LYS C 407 25.30 33.20 28.56
C LYS C 407 24.63 33.48 27.22
N THR C 408 25.32 34.15 26.29
CA THR C 408 24.75 34.47 25.00
C THR C 408 25.72 34.06 23.91
N ASN C 409 25.18 33.87 22.69
CA ASN C 409 26.02 33.51 21.55
C ASN C 409 26.99 34.63 21.20
N ASP C 410 26.60 35.89 21.44
CA ASP C 410 27.50 36.99 21.15
C ASP C 410 28.76 36.92 22.00
N ASP C 411 28.61 36.61 23.29
CA ASP C 411 29.77 36.39 24.14
C ASP C 411 30.54 35.15 23.72
N PHE C 412 29.82 34.12 23.26
CA PHE C 412 30.49 32.92 22.76
C PHE C 412 31.37 33.24 21.56
N PHE C 413 30.88 34.10 20.66
CA PHE C 413 31.69 34.51 19.52
C PHE C 413 32.91 35.32 19.96
N GLU C 414 32.73 36.18 20.96
CA GLU C 414 33.87 36.93 21.48
C GLU C 414 34.91 36.00 22.10
N MET C 415 34.45 34.99 22.84
CA MET C 415 35.37 34.01 23.40
C MET C 415 36.08 33.22 22.31
N MET C 416 35.35 32.83 21.27
CA MET C 416 35.97 32.11 20.16
C MET C 416 36.98 32.97 19.42
N LYS C 417 36.82 34.29 19.46
CA LYS C 417 37.80 35.17 18.84
C LYS C 417 39.16 35.05 19.51
N ARG C 418 39.18 34.95 20.84
CA ARG C 418 40.41 34.80 21.58
C ARG C 418 40.86 33.33 21.61
N MET D 1 -10.95 43.81 -23.87
CA MET D 1 -9.56 44.19 -23.70
C MET D 1 -8.63 43.06 -24.07
N ASN D 2 -7.33 43.31 -23.98
CA ASN D 2 -6.35 42.27 -24.24
C ASN D 2 -6.33 41.28 -23.09
N LEU D 3 -6.36 39.99 -23.43
CA LEU D 3 -6.32 38.97 -22.37
C LEU D 3 -4.94 38.88 -21.75
N THR D 4 -3.88 38.99 -22.55
CA THR D 4 -2.54 38.81 -22.02
C THR D 4 -2.14 39.96 -21.10
N GLU D 5 -2.75 41.14 -21.27
CA GLU D 5 -2.46 42.23 -20.34
C GLU D 5 -3.17 42.05 -19.01
N LEU D 6 -4.29 41.33 -19.00
CA LEU D 6 -4.94 41.00 -17.74
C LEU D 6 -4.09 40.05 -16.91
N LYS D 7 -3.48 39.06 -17.55
CA LYS D 7 -2.67 38.09 -16.83
C LYS D 7 -1.37 38.67 -16.29
N ASN D 8 -1.00 39.88 -16.70
CA ASN D 8 0.19 40.52 -16.17
C ASN D 8 -0.09 41.49 -15.03
N THR D 9 -1.32 41.99 -14.92
CA THR D 9 -1.65 42.89 -13.84
C THR D 9 -1.67 42.16 -12.51
N PRO D 10 -1.28 42.83 -11.42
CA PRO D 10 -1.35 42.20 -10.11
C PRO D 10 -2.80 42.00 -9.67
N VAL D 11 -2.99 41.03 -8.76
CA VAL D 11 -4.33 40.63 -8.36
C VAL D 11 -5.07 41.79 -7.69
N SER D 12 -4.36 42.64 -6.96
CA SER D 12 -5.02 43.76 -6.29
C SER D 12 -5.63 44.71 -7.32
N GLU D 13 -4.93 44.97 -8.42
CA GLU D 13 -5.48 45.84 -9.46
C GLU D 13 -6.63 45.18 -10.21
N LEU D 14 -6.59 43.85 -10.35
CA LEU D 14 -7.68 43.16 -11.03
C LEU D 14 -8.99 43.31 -10.27
N ILE D 15 -8.92 43.24 -8.94
CA ILE D 15 -10.14 43.34 -8.14
C ILE D 15 -10.75 44.74 -8.27
N THR D 16 -9.93 45.78 -8.21
CA THR D 16 -10.44 47.13 -8.37
C THR D 16 -11.04 47.32 -9.76
N LEU D 17 -10.38 46.78 -10.79
CA LEU D 17 -10.95 46.83 -12.13
C LEU D 17 -12.26 46.06 -12.21
N GLY D 18 -12.32 44.89 -11.58
CA GLY D 18 -13.55 44.12 -11.59
C GLY D 18 -14.67 44.77 -10.79
N GLU D 19 -14.33 45.35 -9.64
CA GLU D 19 -15.36 45.89 -8.76
C GLU D 19 -16.07 47.10 -9.40
N ASN D 20 -15.32 47.99 -10.02
CA ASN D 20 -15.95 49.14 -10.65
C ASN D 20 -16.70 48.79 -11.92
N MET D 21 -16.54 47.55 -12.41
CA MET D 21 -17.33 47.05 -13.52
C MET D 21 -18.63 46.39 -13.06
N GLY D 22 -18.89 46.34 -11.77
CA GLY D 22 -20.10 45.76 -11.24
C GLY D 22 -19.93 44.37 -10.63
N LEU D 23 -18.77 43.75 -10.80
CA LEU D 23 -18.55 42.42 -10.23
C LEU D 23 -18.38 42.51 -8.72
N GLU D 24 -18.68 41.40 -8.04
CA GLU D 24 -18.57 41.33 -6.59
C GLU D 24 -18.03 39.97 -6.19
N ASN D 25 -17.51 39.91 -4.97
CA ASN D 25 -16.96 38.69 -4.38
C ASN D 25 -15.79 38.13 -5.19
N LEU D 26 -15.00 39.02 -5.79
CA LEU D 26 -13.84 38.59 -6.56
C LEU D 26 -12.60 38.37 -5.71
N ALA D 27 -12.60 38.81 -4.46
CA ALA D 27 -11.38 38.78 -3.66
C ALA D 27 -11.00 37.35 -3.27
N ARG D 28 -11.98 36.51 -3.01
CA ARG D 28 -11.72 35.19 -2.43
C ARG D 28 -11.53 34.09 -3.47
N MET D 29 -11.55 34.41 -4.76
CA MET D 29 -11.39 33.40 -5.80
C MET D 29 -10.01 33.51 -6.44
N ARG D 30 -9.64 32.45 -7.15
CA ARG D 30 -8.33 32.36 -7.77
C ARG D 30 -8.19 33.40 -8.88
N LYS D 31 -6.94 33.68 -9.25
CA LYS D 31 -6.68 34.70 -10.27
C LYS D 31 -7.29 34.30 -11.61
N GLN D 32 -7.18 33.03 -11.98
CA GLN D 32 -7.76 32.58 -13.24
C GLN D 32 -9.28 32.73 -13.22
N ASP D 33 -9.91 32.50 -12.07
CA ASP D 33 -11.35 32.72 -11.96
C ASP D 33 -11.70 34.19 -12.08
N ILE D 34 -10.87 35.07 -11.51
CA ILE D 34 -11.13 36.50 -11.61
C ILE D 34 -11.04 36.95 -13.07
N ILE D 35 -10.02 36.49 -13.78
CA ILE D 35 -9.84 36.89 -15.17
C ILE D 35 -11.03 36.41 -16.01
N PHE D 36 -11.47 35.17 -15.79
CA PHE D 36 -12.61 34.65 -16.53
C PHE D 36 -13.86 35.46 -16.22
N ALA D 37 -14.06 35.83 -14.96
CA ALA D 37 -15.22 36.62 -14.59
C ALA D 37 -15.19 38.00 -15.23
N ILE D 38 -14.02 38.63 -15.26
CA ILE D 38 -13.91 39.96 -15.85
C ILE D 38 -14.20 39.91 -17.35
N LEU D 39 -13.68 38.89 -18.03
CA LEU D 39 -13.88 38.79 -19.47
C LEU D 39 -15.35 38.66 -19.83
N LYS D 40 -16.09 37.84 -19.08
CA LYS D 40 -17.53 37.70 -19.34
C LYS D 40 -18.25 39.03 -19.14
N GLN D 41 -17.87 39.78 -18.11
CA GLN D 41 -18.52 41.07 -17.87
C GLN D 41 -18.23 42.04 -19.01
N HIS D 42 -17.00 42.05 -19.51
CA HIS D 42 -16.68 42.94 -20.62
C HIS D 42 -17.30 42.45 -21.92
N ALA D 43 -17.55 41.14 -22.04
CA ALA D 43 -18.20 40.62 -23.24
C ALA D 43 -19.63 41.09 -23.37
N LYS D 44 -20.25 41.56 -22.29
CA LYS D 44 -21.60 42.09 -22.36
C LYS D 44 -21.66 43.32 -23.26
N SER D 45 -20.64 44.18 -23.17
CA SER D 45 -20.61 45.40 -23.97
C SER D 45 -20.48 45.14 -25.46
N GLY D 46 -20.14 43.90 -25.86
CA GLY D 46 -19.98 43.58 -27.27
C GLY D 46 -18.65 44.01 -27.86
N GLU D 47 -17.74 44.54 -27.05
CA GLU D 47 -16.45 44.98 -27.57
C GLU D 47 -15.59 43.78 -27.95
N ASP D 48 -14.62 44.02 -28.82
CA ASP D 48 -13.70 42.98 -29.25
C ASP D 48 -12.70 42.71 -28.14
N ILE D 49 -12.48 41.42 -27.84
CA ILE D 49 -11.52 41.00 -26.84
C ILE D 49 -10.48 40.13 -27.52
N PHE D 50 -9.21 40.47 -27.34
CA PHE D 50 -8.11 39.73 -27.94
C PHE D 50 -7.51 38.76 -26.93
N GLY D 51 -6.65 37.89 -27.45
CA GLY D 51 -6.00 36.90 -26.61
C GLY D 51 -4.98 36.14 -27.42
N ASP D 52 -4.13 35.41 -26.70
CA ASP D 52 -3.09 34.63 -27.32
C ASP D 52 -2.65 33.54 -26.36
N GLY D 53 -1.89 32.58 -26.89
CA GLY D 53 -1.41 31.48 -26.08
C GLY D 53 -0.73 30.45 -26.93
N VAL D 54 -0.38 29.34 -26.29
CA VAL D 54 0.31 28.23 -26.93
C VAL D 54 -0.66 27.07 -27.04
N LEU D 55 -0.80 26.51 -28.24
CA LEU D 55 -1.77 25.45 -28.47
C LEU D 55 -1.32 24.15 -27.84
N GLU D 56 -2.27 23.43 -27.23
CA GLU D 56 -2.05 22.11 -26.68
C GLU D 56 -3.20 21.22 -27.13
N ILE D 57 -2.96 20.40 -28.16
CA ILE D 57 -4.00 19.53 -28.70
C ILE D 57 -4.15 18.32 -27.80
N LEU D 58 -5.37 18.05 -27.37
CA LEU D 58 -5.66 16.92 -26.49
C LEU D 58 -5.87 15.66 -27.33
N GLN D 59 -6.16 14.56 -26.64
CA GLN D 59 -6.35 13.28 -27.33
C GLN D 59 -7.60 13.29 -28.19
N ASP D 60 -8.66 13.93 -27.72
CA ASP D 60 -9.94 13.90 -28.43
C ASP D 60 -9.91 14.70 -29.72
N GLY D 61 -8.87 15.50 -29.97
CA GLY D 61 -8.74 16.26 -31.19
C GLY D 61 -8.87 17.75 -31.02
N PHE D 62 -9.48 18.21 -29.94
CA PHE D 62 -9.57 19.64 -29.66
C PHE D 62 -8.41 20.08 -28.79
N GLY D 63 -8.12 21.38 -28.81
CA GLY D 63 -7.00 21.94 -28.09
C GLY D 63 -7.40 23.15 -27.28
N PHE D 64 -6.43 23.65 -26.52
CA PHE D 64 -6.59 24.85 -25.72
C PHE D 64 -5.38 25.74 -25.90
N LEU D 65 -5.58 27.04 -25.67
CA LEU D 65 -4.50 28.02 -25.76
C LEU D 65 -4.07 28.38 -24.35
N ARG D 66 -3.12 27.60 -23.82
CA ARG D 66 -2.58 27.88 -22.50
C ARG D 66 -1.69 29.11 -22.54
N SER D 67 -1.48 29.70 -21.36
CA SER D 67 -0.70 30.92 -21.23
C SER D 67 0.60 30.63 -20.48
N ALA D 68 1.67 31.33 -20.87
CA ALA D 68 2.96 31.13 -20.23
C ALA D 68 3.04 31.77 -18.85
N ASP D 69 2.18 32.74 -18.56
CA ASP D 69 2.19 33.37 -17.24
C ASP D 69 1.80 32.36 -16.16
N SER D 70 0.83 31.51 -16.44
CA SER D 70 0.41 30.46 -15.52
C SER D 70 1.23 29.19 -15.66
N SER D 71 2.35 29.25 -16.39
CA SER D 71 3.18 28.07 -16.67
C SER D 71 2.36 26.98 -17.35
N TYR D 72 1.54 27.37 -18.32
CA TYR D 72 0.76 26.45 -19.14
C TYR D 72 -0.13 25.55 -18.27
N LEU D 73 -0.68 26.12 -17.21
CA LEU D 73 -1.58 25.41 -16.33
C LEU D 73 -3.01 25.51 -16.85
N ALA D 74 -3.72 24.40 -16.85
CA ALA D 74 -5.10 24.40 -17.30
C ALA D 74 -5.95 25.22 -16.34
N GLY D 75 -6.75 26.12 -16.88
CA GLY D 75 -7.58 26.99 -16.07
C GLY D 75 -8.85 27.40 -16.79
N PRO D 76 -9.75 28.06 -16.06
CA PRO D 76 -11.01 28.50 -16.68
C PRO D 76 -10.83 29.51 -17.79
N ASP D 77 -9.70 30.22 -17.82
CA ASP D 77 -9.48 31.28 -18.79
C ASP D 77 -8.81 30.78 -20.06
N ASP D 78 -8.58 29.49 -20.20
CA ASP D 78 -8.01 28.95 -21.43
C ASP D 78 -8.98 29.10 -22.58
N ILE D 79 -8.43 29.22 -23.78
CA ILE D 79 -9.21 29.47 -24.99
C ILE D 79 -9.36 28.15 -25.74
N TYR D 80 -10.60 27.83 -26.10
CA TYR D 80 -10.91 26.57 -26.77
C TYR D 80 -10.86 26.75 -28.29
N VAL D 81 -10.22 25.79 -28.96
CA VAL D 81 -10.14 25.78 -30.42
C VAL D 81 -10.77 24.47 -30.92
N SER D 82 -11.72 24.60 -31.83
CA SER D 82 -12.41 23.43 -32.34
C SER D 82 -11.50 22.61 -33.24
N PRO D 83 -11.74 21.31 -33.36
CA PRO D 83 -10.90 20.48 -34.24
C PRO D 83 -10.90 20.95 -35.68
N SER D 84 -11.98 21.60 -36.13
CA SER D 84 -12.02 22.13 -37.48
C SER D 84 -10.97 23.22 -37.68
N GLN D 85 -10.74 24.05 -36.66
CA GLN D 85 -9.72 25.08 -36.75
C GLN D 85 -8.33 24.48 -36.89
N ILE D 86 -8.06 23.40 -36.17
CA ILE D 86 -6.80 22.69 -36.32
C ILE D 86 -6.69 22.09 -37.72
N ARG D 87 -7.82 21.74 -38.33
CA ARG D 87 -7.81 21.26 -39.70
C ARG D 87 -7.66 22.40 -40.69
N ARG D 88 -8.32 23.54 -40.45
CA ARG D 88 -8.31 24.64 -41.40
C ARG D 88 -6.90 25.19 -41.60
N PHE D 89 -6.23 25.53 -40.52
CA PHE D 89 -4.79 25.78 -40.51
C PHE D 89 -4.14 24.59 -39.84
N ASN D 90 -3.23 23.93 -40.54
CA ASN D 90 -2.63 22.71 -39.98
C ASN D 90 -1.78 23.13 -38.80
N LEU D 91 -2.33 22.98 -37.60
CA LEU D 91 -1.70 23.41 -36.37
C LEU D 91 -1.27 22.20 -35.56
N ARG D 92 -0.09 22.30 -34.94
CA ARG D 92 0.43 21.27 -34.07
C ARG D 92 0.61 21.85 -32.67
N THR D 93 0.82 20.96 -31.71
CA THR D 93 1.06 21.40 -30.34
C THR D 93 2.29 22.30 -30.28
N GLY D 94 2.15 23.43 -29.59
CA GLY D 94 3.22 24.39 -29.48
C GLY D 94 3.11 25.59 -30.38
N ASP D 95 2.09 25.65 -31.23
CA ASP D 95 1.89 26.82 -32.08
C ASP D 95 1.38 27.99 -31.24
N THR D 96 1.97 29.16 -31.43
CA THR D 96 1.57 30.37 -30.73
C THR D 96 0.51 31.08 -31.55
N ILE D 97 -0.74 31.02 -31.10
CA ILE D 97 -1.88 31.57 -31.83
C ILE D 97 -2.34 32.83 -31.11
N SER D 98 -2.54 33.91 -31.86
CA SER D 98 -3.05 35.16 -31.33
C SER D 98 -4.18 35.66 -32.20
N GLY D 99 -5.26 36.10 -31.57
CA GLY D 99 -6.38 36.63 -32.31
C GLY D 99 -7.56 36.90 -31.41
N LYS D 100 -8.66 37.32 -32.03
CA LYS D 100 -9.88 37.64 -31.30
C LYS D 100 -10.53 36.37 -30.77
N ILE D 101 -11.18 36.51 -29.61
CA ILE D 101 -11.89 35.40 -28.97
C ILE D 101 -13.31 35.86 -28.68
N ARG D 102 -14.18 34.90 -28.39
CA ARG D 102 -15.58 35.18 -28.14
C ARG D 102 -16.02 34.55 -26.83
N PRO D 103 -17.01 35.14 -26.16
CA PRO D 103 -17.50 34.56 -24.92
C PRO D 103 -18.19 33.23 -25.18
N PRO D 104 -18.24 32.35 -24.19
CA PRO D 104 -18.90 31.05 -24.39
C PRO D 104 -20.37 31.21 -24.69
N LYS D 105 -20.88 30.30 -25.52
CA LYS D 105 -22.31 30.24 -25.81
C LYS D 105 -22.99 29.39 -24.73
N GLU D 106 -24.28 29.12 -24.93
CA GLU D 106 -25.00 28.29 -23.97
C GLU D 106 -24.56 26.83 -24.12
N GLY D 107 -24.25 26.21 -22.99
CA GLY D 107 -23.73 24.86 -22.98
C GLY D 107 -22.22 24.75 -23.08
N GLU D 108 -21.53 25.86 -23.30
CA GLU D 108 -20.08 25.88 -23.38
C GLU D 108 -19.47 26.26 -22.03
N ARG D 109 -18.17 26.08 -21.93
CA ARG D 109 -17.45 26.37 -20.68
C ARG D 109 -16.33 27.38 -20.86
N TYR D 110 -15.60 27.33 -21.95
CA TYR D 110 -14.42 28.18 -22.15
C TYR D 110 -14.68 29.17 -23.28
N PHE D 111 -13.88 30.24 -23.27
CA PHE D 111 -13.85 31.14 -24.41
C PHE D 111 -13.31 30.40 -25.64
N ALA D 112 -13.83 30.76 -26.80
CA ALA D 112 -13.46 30.10 -28.04
C ALA D 112 -12.77 31.09 -28.97
N LEU D 113 -11.84 30.56 -29.76
CA LEU D 113 -11.13 31.38 -30.73
C LEU D 113 -12.08 31.82 -31.83
N LEU D 114 -11.96 33.08 -32.24
CA LEU D 114 -12.87 33.67 -33.21
C LEU D 114 -12.22 34.00 -34.55
N LYS D 115 -11.00 34.53 -34.54
CA LYS D 115 -10.32 34.90 -35.78
C LYS D 115 -8.82 34.88 -35.54
N VAL D 116 -8.12 33.97 -36.23
CA VAL D 116 -6.68 33.88 -36.07
C VAL D 116 -6.02 35.03 -36.81
N ASN D 117 -5.18 35.79 -36.10
CA ASN D 117 -4.44 36.89 -36.70
C ASN D 117 -3.01 36.50 -37.04
N GLU D 118 -2.29 35.90 -36.10
CA GLU D 118 -0.92 35.47 -36.32
C GLU D 118 -0.72 34.07 -35.78
N VAL D 119 0.15 33.32 -36.44
CA VAL D 119 0.60 32.01 -35.98
C VAL D 119 2.11 32.05 -35.93
N ASN D 120 2.67 31.79 -34.76
CA ASN D 120 4.12 31.85 -34.54
C ASN D 120 4.67 33.21 -34.97
N PHE D 121 3.97 34.27 -34.59
CA PHE D 121 4.36 35.64 -34.91
C PHE D 121 4.49 35.84 -36.41
N ASP D 122 3.58 35.23 -37.17
CA ASP D 122 3.60 35.32 -38.62
C ASP D 122 2.21 35.09 -39.15
N LYS D 123 1.99 35.48 -40.40
CA LYS D 123 0.69 35.30 -41.02
C LYS D 123 0.36 33.81 -41.12
N PRO D 124 -0.92 33.45 -40.97
CA PRO D 124 -1.29 32.02 -41.09
C PRO D 124 -0.95 31.42 -42.44
N GLU D 125 -0.95 32.21 -43.50
CA GLU D 125 -0.62 31.68 -44.83
C GLU D 125 0.82 31.20 -44.90
N ASN D 126 1.75 31.97 -44.33
CA ASN D 126 3.15 31.58 -44.36
C ASN D 126 3.47 30.50 -43.33
N ALA D 127 2.80 30.51 -42.18
CA ALA D 127 3.12 29.58 -41.11
C ALA D 127 2.77 28.14 -41.45
N ARG D 128 1.88 27.92 -42.41
CA ARG D 128 1.50 26.56 -42.78
C ARG D 128 2.50 25.89 -43.70
N ASN D 129 3.43 26.64 -44.29
CA ASN D 129 4.38 26.11 -45.25
C ASN D 129 5.76 25.84 -44.64
N LYS D 130 5.89 25.95 -43.33
CA LYS D 130 7.17 25.70 -42.67
C LYS D 130 7.43 24.20 -42.59
N ILE D 131 8.63 23.79 -42.96
CA ILE D 131 8.99 22.38 -42.93
C ILE D 131 9.04 21.88 -41.49
N LEU D 132 8.64 20.62 -41.29
CA LEU D 132 8.58 20.06 -39.96
C LEU D 132 9.98 19.97 -39.35
N PHE D 133 10.03 19.97 -38.02
CA PHE D 133 11.31 19.98 -37.31
C PHE D 133 12.09 18.70 -37.58
N GLU D 134 11.41 17.55 -37.63
CA GLU D 134 12.10 16.28 -37.81
C GLU D 134 12.76 16.16 -39.18
N ASN D 135 12.33 16.96 -40.15
CA ASN D 135 12.89 16.91 -41.50
C ASN D 135 14.14 17.75 -41.66
N LEU D 136 14.56 18.46 -40.61
CA LEU D 136 15.75 19.30 -40.67
C LEU D 136 16.98 18.50 -40.31
N THR D 137 18.10 18.81 -40.96
CA THR D 137 19.32 18.04 -40.80
C THR D 137 20.15 18.60 -39.64
N PRO D 138 20.45 17.82 -38.61
CA PRO D 138 21.29 18.31 -37.52
C PRO D 138 22.71 18.57 -37.97
N LEU D 139 23.36 19.51 -37.29
CA LEU D 139 24.75 19.84 -37.54
C LEU D 139 25.45 20.13 -36.22
N HIS D 140 26.78 20.11 -36.26
CA HIS D 140 27.56 20.53 -35.11
C HIS D 140 27.45 22.03 -34.93
N ALA D 141 27.57 22.48 -33.67
CA ALA D 141 27.50 23.90 -33.38
C ALA D 141 28.72 24.60 -33.95
N ASN D 142 28.49 25.74 -34.61
CA ASN D 142 29.57 26.53 -35.19
C ASN D 142 29.51 28.01 -34.84
N SER D 143 28.36 28.53 -34.40
CA SER D 143 28.24 29.90 -33.96
C SER D 143 28.28 29.91 -32.43
N ARG D 144 29.20 30.68 -31.86
CA ARG D 144 29.45 30.64 -30.43
C ARG D 144 28.59 31.65 -29.69
N LEU D 145 28.06 31.23 -28.54
CA LEU D 145 27.39 32.11 -27.60
C LEU D 145 28.41 32.52 -26.54
N ARG D 146 28.83 33.78 -26.57
CA ARG D 146 29.87 34.27 -25.68
C ARG D 146 29.23 34.77 -24.38
N MET D 147 29.63 34.17 -23.26
CA MET D 147 29.06 34.53 -21.97
C MET D 147 29.72 35.76 -21.35
N GLU D 148 30.88 36.17 -21.86
CA GLU D 148 31.64 37.25 -21.23
C GLU D 148 31.00 38.58 -21.55
N ARG D 149 30.49 39.27 -20.52
CA ARG D 149 29.92 40.59 -20.72
C ARG D 149 31.00 41.65 -20.88
N GLY D 150 32.11 41.52 -20.15
CA GLY D 150 33.23 42.42 -20.30
C GLY D 150 33.19 43.67 -19.46
N ASN D 151 32.19 43.83 -18.59
CA ASN D 151 32.12 45.02 -17.76
C ASN D 151 33.03 44.96 -16.54
N GLY D 152 33.66 43.82 -16.29
CA GLY D 152 34.63 43.72 -15.22
C GLY D 152 34.07 43.51 -13.83
N SER D 153 32.76 43.35 -13.69
CA SER D 153 32.17 43.13 -12.38
C SER D 153 32.53 41.74 -11.86
N THR D 154 32.37 41.57 -10.55
CA THR D 154 32.68 40.28 -9.94
C THR D 154 31.71 39.19 -10.37
N GLU D 155 30.48 39.57 -10.74
CA GLU D 155 29.52 38.60 -11.25
C GLU D 155 29.91 38.10 -12.64
N ASP D 156 30.78 38.81 -13.34
CA ASP D 156 31.23 38.39 -14.66
C ASP D 156 32.33 37.35 -14.58
N LEU D 157 32.91 37.10 -13.40
CA LEU D 157 33.94 36.08 -13.28
C LEU D 157 33.39 34.69 -13.60
N THR D 158 32.18 34.40 -13.13
CA THR D 158 31.59 33.09 -13.42
C THR D 158 31.38 32.90 -14.91
N ALA D 159 30.92 33.94 -15.60
CA ALA D 159 30.75 33.84 -17.05
C ALA D 159 32.09 33.66 -17.75
N ARG D 160 33.12 34.40 -17.32
CA ARG D 160 34.43 34.29 -17.96
C ARG D 160 35.03 32.91 -17.76
N VAL D 161 34.91 32.34 -16.55
CA VAL D 161 35.40 30.99 -16.31
C VAL D 161 34.66 30.00 -17.21
N LEU D 162 33.39 30.26 -17.48
CA LEU D 162 32.60 29.36 -18.33
C LEU D 162 33.18 29.29 -19.73
N ASP D 163 33.59 30.43 -20.28
CA ASP D 163 34.18 30.44 -21.61
C ASP D 163 35.48 29.66 -21.65
N LEU D 164 36.32 29.81 -20.62
CA LEU D 164 37.57 29.06 -20.58
C LEU D 164 37.33 27.57 -20.42
N ALA D 165 36.37 27.19 -19.57
CA ALA D 165 36.16 25.78 -19.29
C ALA D 165 35.48 25.07 -20.45
N SER D 166 34.28 25.52 -20.81
CA SER D 166 33.48 24.86 -21.85
C SER D 166 32.73 25.92 -22.65
N PRO D 167 33.20 26.24 -23.86
CA PRO D 167 32.48 27.19 -24.70
C PRO D 167 31.11 26.65 -25.08
N ILE D 168 30.16 27.55 -25.25
CA ILE D 168 28.78 27.20 -25.60
C ILE D 168 28.46 27.83 -26.95
N GLY D 169 27.95 27.01 -27.86
CA GLY D 169 27.54 27.47 -29.17
C GLY D 169 26.06 27.25 -29.41
N ARG D 170 25.55 27.87 -30.46
CA ARG D 170 24.15 27.71 -30.80
C ARG D 170 23.89 26.31 -31.32
N GLY D 171 22.86 25.66 -30.78
CA GLY D 171 22.61 24.27 -31.08
C GLY D 171 23.34 23.29 -30.20
N GLN D 172 23.98 23.76 -29.13
CA GLN D 172 24.69 22.88 -28.24
C GLN D 172 23.70 22.03 -27.43
N ARG D 173 24.19 20.87 -26.97
CA ARG D 173 23.43 19.99 -26.09
C ARG D 173 24.24 19.88 -24.79
N GLY D 174 24.04 20.84 -23.90
CA GLY D 174 24.84 20.92 -22.70
C GLY D 174 24.32 20.06 -21.57
N LEU D 175 25.20 19.83 -20.60
CA LEU D 175 24.84 19.05 -19.42
C LEU D 175 25.71 19.53 -18.27
N ILE D 176 25.09 20.03 -17.21
CA ILE D 176 25.79 20.53 -16.03
C ILE D 176 25.59 19.51 -14.91
N VAL D 177 26.67 18.86 -14.51
CA VAL D 177 26.63 17.86 -13.46
C VAL D 177 26.99 18.55 -12.15
N ALA D 178 26.06 18.54 -11.19
CA ALA D 178 26.23 19.30 -9.97
C ALA D 178 25.73 18.55 -8.76
N PRO D 179 26.53 18.45 -7.70
CA PRO D 179 26.05 17.90 -6.44
C PRO D 179 25.24 18.94 -5.69
N PRO D 180 24.54 18.55 -4.63
CA PRO D 180 23.80 19.54 -3.84
C PRO D 180 24.74 20.52 -3.15
N LYS D 181 24.22 21.73 -2.91
CA LYS D 181 24.97 22.78 -2.23
C LYS D 181 26.25 23.13 -2.98
N ALA D 182 26.18 23.15 -4.30
CA ALA D 182 27.33 23.47 -5.15
C ALA D 182 27.14 24.76 -5.93
N GLY D 183 26.09 25.52 -5.64
CA GLY D 183 25.86 26.76 -6.36
C GLY D 183 25.29 26.59 -7.75
N LYS D 184 24.50 25.54 -7.98
CA LYS D 184 23.94 25.31 -9.31
C LYS D 184 22.97 26.41 -9.71
N THR D 185 22.13 26.86 -8.78
CA THR D 185 21.10 27.84 -9.12
C THR D 185 21.72 29.17 -9.54
N MET D 186 22.76 29.61 -8.83
CA MET D 186 23.40 30.87 -9.19
C MET D 186 24.19 30.75 -10.49
N LEU D 187 24.64 29.55 -10.84
CA LEU D 187 25.31 29.35 -12.12
C LEU D 187 24.35 29.60 -13.29
N LEU D 188 23.12 29.09 -13.19
CA LEU D 188 22.17 29.27 -14.27
C LEU D 188 21.75 30.73 -14.40
N GLN D 189 21.63 31.44 -13.28
CA GLN D 189 21.24 32.84 -13.33
C GLN D 189 22.29 33.67 -14.06
N ASN D 190 23.57 33.37 -13.85
CA ASN D 190 24.61 34.06 -14.59
C ASN D 190 24.53 33.78 -16.07
N ILE D 191 24.25 32.53 -16.45
CA ILE D 191 24.12 32.18 -17.86
C ILE D 191 22.92 32.91 -18.47
N ALA D 192 21.80 32.96 -17.76
CA ALA D 192 20.61 33.62 -18.27
C ALA D 192 20.86 35.11 -18.46
N GLN D 193 21.56 35.75 -17.51
CA GLN D 193 21.89 37.16 -17.66
C GLN D 193 22.85 37.39 -18.82
N SER D 194 23.85 36.52 -18.97
CA SER D 194 24.80 36.67 -20.06
C SER D 194 24.13 36.49 -21.42
N ILE D 195 23.21 35.55 -21.51
CA ILE D 195 22.49 35.34 -22.77
C ILE D 195 21.61 36.53 -23.09
N ALA D 196 20.85 37.00 -22.11
CA ALA D 196 19.92 38.11 -22.34
C ALA D 196 20.64 39.41 -22.64
N TYR D 197 21.91 39.53 -22.26
CA TYR D 197 22.65 40.76 -22.49
C TYR D 197 23.44 40.72 -23.80
N ASN D 198 24.22 39.65 -24.02
CA ASN D 198 25.05 39.55 -25.20
C ASN D 198 24.25 39.18 -26.45
N HIS D 199 23.22 38.37 -26.31
CA HIS D 199 22.45 37.86 -27.45
C HIS D 199 20.97 38.12 -27.25
N PRO D 200 20.54 39.38 -27.43
CA PRO D 200 19.11 39.69 -27.28
C PRO D 200 18.23 39.01 -28.31
N ASP D 201 18.77 38.63 -29.46
CA ASP D 201 17.95 38.05 -30.52
C ASP D 201 17.50 36.64 -30.17
N CYS D 202 18.33 35.87 -29.49
CA CYS D 202 17.98 34.48 -29.16
C CYS D 202 16.80 34.44 -28.20
N VAL D 203 15.89 33.51 -28.44
CA VAL D 203 14.75 33.30 -27.56
C VAL D 203 15.21 32.46 -26.37
N LEU D 204 15.04 32.98 -25.16
CA LEU D 204 15.50 32.32 -23.95
C LEU D 204 14.30 31.81 -23.18
N MET D 205 14.31 30.51 -22.88
CA MET D 205 13.27 29.88 -22.10
C MET D 205 13.91 29.12 -20.94
N VAL D 206 13.48 29.41 -19.72
CA VAL D 206 13.98 28.76 -18.52
C VAL D 206 12.91 27.82 -18.02
N LEU D 207 13.26 26.54 -17.90
CA LEU D 207 12.32 25.51 -17.48
C LEU D 207 12.78 24.94 -16.15
N LEU D 208 12.00 25.17 -15.10
CA LEU D 208 12.27 24.64 -13.78
C LEU D 208 11.26 23.54 -13.47
N ILE D 209 11.75 22.38 -13.05
CA ILE D 209 10.90 21.22 -12.81
C ILE D 209 11.13 20.77 -11.37
N ASP D 210 10.03 20.61 -10.62
CA ASP D 210 10.07 20.17 -9.23
C ASP D 210 10.91 21.13 -8.39
N GLU D 211 10.52 22.40 -8.40
CA GLU D 211 11.28 23.46 -7.77
C GLU D 211 10.48 24.06 -6.62
N ARG D 212 11.19 24.59 -5.64
CA ARG D 212 10.53 25.22 -4.50
C ARG D 212 9.81 26.50 -4.94
N PRO D 213 8.66 26.80 -4.35
CA PRO D 213 7.89 27.97 -4.80
C PRO D 213 8.63 29.29 -4.70
N GLU D 214 9.46 29.47 -3.69
CA GLU D 214 10.18 30.73 -3.56
C GLU D 214 11.30 30.86 -4.59
N GLU D 215 11.81 29.75 -5.10
CA GLU D 215 12.85 29.80 -6.13
C GLU D 215 12.27 30.22 -7.47
N VAL D 216 11.00 29.92 -7.72
CA VAL D 216 10.37 30.27 -8.99
C VAL D 216 10.22 31.79 -9.10
N THR D 217 9.74 32.43 -8.05
CA THR D 217 9.56 33.88 -8.09
C THR D 217 10.89 34.59 -8.23
N GLU D 218 11.92 34.10 -7.56
CA GLU D 218 13.24 34.71 -7.67
C GLU D 218 13.75 34.63 -9.10
N MET D 219 13.54 33.49 -9.76
CA MET D 219 13.99 33.33 -11.14
C MET D 219 13.24 34.26 -12.08
N GLN D 220 11.93 34.42 -11.86
CA GLN D 220 11.13 35.26 -12.75
C GLN D 220 11.55 36.73 -12.67
N ARG D 221 11.92 37.20 -11.47
CA ARG D 221 12.38 38.57 -11.32
C ARG D 221 13.70 38.78 -12.06
N LEU D 222 14.60 37.81 -12.01
CA LEU D 222 15.94 38.00 -12.55
C LEU D 222 15.99 37.74 -14.05
N VAL D 223 15.46 36.59 -14.49
CA VAL D 223 15.64 36.16 -15.86
C VAL D 223 14.85 37.08 -16.79
N LYS D 224 15.53 37.57 -17.84
CA LYS D 224 14.91 38.45 -18.84
C LYS D 224 14.50 37.57 -20.01
N GLY D 225 13.33 36.94 -19.89
CA GLY D 225 12.83 36.06 -20.90
C GLY D 225 11.54 35.40 -20.49
N GLU D 226 11.42 34.10 -20.70
CA GLU D 226 10.24 33.33 -20.32
C GLU D 226 10.65 32.26 -19.32
N VAL D 227 10.02 32.28 -18.15
CA VAL D 227 10.30 31.33 -17.09
C VAL D 227 9.03 30.53 -16.84
N VAL D 228 9.10 29.22 -17.04
CA VAL D 228 8.00 28.31 -16.80
C VAL D 228 8.46 27.27 -15.79
N ALA D 229 7.67 27.07 -14.75
CA ALA D 229 8.09 26.19 -13.66
C ALA D 229 6.90 25.38 -13.17
N SER D 230 7.22 24.24 -12.56
CA SER D 230 6.23 23.40 -11.89
C SER D 230 6.80 23.04 -10.53
N THR D 231 6.14 23.50 -9.47
CA THR D 231 6.61 23.27 -8.12
C THR D 231 6.36 21.82 -7.71
N PHE D 232 7.02 21.40 -6.63
CA PHE D 232 6.89 20.02 -6.17
C PHE D 232 5.52 19.71 -5.62
N ASP D 233 4.69 20.72 -5.35
CA ASP D 233 3.32 20.46 -4.92
C ASP D 233 2.52 19.78 -6.03
N GLU D 234 2.74 20.20 -7.28
CA GLU D 234 1.94 19.71 -8.39
C GLU D 234 2.24 18.24 -8.67
N PRO D 235 1.28 17.51 -9.23
CA PRO D 235 1.50 16.07 -9.48
C PRO D 235 2.52 15.86 -10.58
N ALA D 236 2.94 14.59 -10.71
CA ALA D 236 3.95 14.23 -11.68
C ALA D 236 3.47 14.45 -13.10
N SER D 237 2.17 14.29 -13.36
CA SER D 237 1.64 14.56 -14.68
C SER D 237 1.81 16.02 -15.07
N ARG D 238 1.75 16.93 -14.08
CA ARG D 238 1.97 18.33 -14.35
C ARG D 238 3.40 18.60 -14.82
N HIS D 239 4.38 17.93 -14.20
CA HIS D 239 5.77 18.11 -14.61
C HIS D 239 5.97 17.70 -16.06
N VAL D 240 5.36 16.57 -16.46
CA VAL D 240 5.47 16.13 -17.84
C VAL D 240 4.84 17.13 -18.79
N GLN D 241 3.66 17.66 -18.41
CA GLN D 241 2.95 18.56 -19.30
C GLN D 241 3.75 19.81 -19.62
N VAL D 242 4.38 20.41 -18.60
CA VAL D 242 5.15 21.63 -18.84
C VAL D 242 6.33 21.35 -19.74
N ALA D 243 7.01 20.22 -19.53
CA ALA D 243 8.14 19.88 -20.37
C ALA D 243 7.71 19.66 -21.82
N GLU D 244 6.58 18.99 -22.03
CA GLU D 244 6.09 18.78 -23.39
C GLU D 244 5.75 20.10 -24.07
N MET D 245 5.11 21.02 -23.34
CA MET D 245 4.74 22.30 -23.93
C MET D 245 5.96 23.10 -24.32
N VAL D 246 7.00 23.10 -23.48
CA VAL D 246 8.17 23.91 -23.75
C VAL D 246 8.94 23.39 -24.96
N ILE D 247 9.13 22.07 -25.04
CA ILE D 247 9.92 21.51 -26.13
C ILE D 247 9.19 21.65 -27.46
N GLU D 248 7.85 21.49 -27.44
CA GLU D 248 7.09 21.65 -28.67
C GLU D 248 7.06 23.12 -29.10
N LYS D 249 6.94 24.04 -28.14
CA LYS D 249 6.98 25.46 -28.48
C LYS D 249 8.35 25.83 -29.05
N ALA D 250 9.42 25.27 -28.48
CA ALA D 250 10.75 25.55 -29.00
C ALA D 250 10.91 25.05 -30.43
N LYS D 251 10.39 23.86 -30.72
CA LYS D 251 10.52 23.30 -32.06
C LYS D 251 9.81 24.17 -33.09
N ARG D 252 8.63 24.69 -32.76
CA ARG D 252 7.90 25.52 -33.71
C ARG D 252 8.67 26.80 -34.03
N LEU D 253 9.32 27.39 -33.02
CA LEU D 253 10.11 28.59 -33.26
C LEU D 253 11.34 28.30 -34.10
N VAL D 254 11.95 27.13 -33.91
CA VAL D 254 13.13 26.77 -34.70
C VAL D 254 12.77 26.62 -36.17
N GLU D 255 11.58 26.09 -36.45
CA GLU D 255 11.13 25.94 -37.82
C GLU D 255 11.01 27.26 -38.55
N HIS D 256 10.93 28.37 -37.81
CA HIS D 256 10.92 29.71 -38.40
C HIS D 256 12.31 30.33 -38.43
N LYS D 257 13.36 29.52 -38.36
CA LYS D 257 14.75 29.97 -38.42
C LYS D 257 15.05 30.97 -37.31
N LYS D 258 14.82 30.53 -36.08
CA LYS D 258 15.09 31.32 -34.89
C LYS D 258 15.97 30.53 -33.94
N ASP D 259 16.78 31.25 -33.16
CA ASP D 259 17.67 30.63 -32.19
C ASP D 259 16.95 30.55 -30.86
N VAL D 260 16.79 29.34 -30.34
CA VAL D 260 16.06 29.08 -29.10
C VAL D 260 17.02 28.45 -28.11
N ILE D 261 17.05 28.98 -26.89
CA ILE D 261 17.90 28.48 -25.83
C ILE D 261 17.02 28.04 -24.67
N ILE D 262 17.21 26.80 -24.22
CA ILE D 262 16.42 26.24 -23.13
C ILE D 262 17.38 25.92 -21.98
N LEU D 263 17.09 26.48 -20.80
CA LEU D 263 17.83 26.17 -19.58
C LEU D 263 16.94 25.28 -18.73
N LEU D 264 17.36 24.04 -18.55
CA LEU D 264 16.55 23.03 -17.87
C LEU D 264 17.12 22.76 -16.48
N ASP D 265 16.23 22.69 -15.49
CA ASP D 265 16.64 22.41 -14.12
C ASP D 265 15.48 21.65 -13.47
N SER D 266 15.59 20.33 -13.41
CA SER D 266 16.75 19.58 -13.88
C SER D 266 16.30 18.37 -14.70
N ILE D 267 17.21 17.83 -15.51
CA ILE D 267 16.88 16.64 -16.28
C ILE D 267 16.64 15.45 -15.35
N THR D 268 17.22 15.47 -14.16
CA THR D 268 17.00 14.38 -13.21
C THR D 268 15.57 14.39 -12.69
N ARG D 269 15.06 15.56 -12.31
CA ARG D 269 13.68 15.65 -11.84
C ARG D 269 12.70 15.32 -12.95
N LEU D 270 13.01 15.75 -14.18
CA LEU D 270 12.13 15.44 -15.31
C LEU D 270 12.07 13.94 -15.58
N ALA D 271 13.22 13.26 -15.53
CA ALA D 271 13.24 11.83 -15.75
C ALA D 271 12.47 11.09 -14.66
N ARG D 272 12.59 11.56 -13.42
CA ARG D 272 11.83 10.96 -12.32
C ARG D 272 10.33 11.15 -12.54
N ALA D 273 9.93 12.30 -13.07
CA ALA D 273 8.51 12.54 -13.33
C ALA D 273 7.96 11.57 -14.36
N TYR D 274 8.72 11.32 -15.43
CA TYR D 274 8.26 10.38 -16.45
C TYR D 274 8.18 8.97 -15.89
N ASN D 275 9.11 8.61 -15.00
CA ASN D 275 9.09 7.27 -14.41
C ASN D 275 7.79 7.02 -13.67
N THR D 276 7.21 8.05 -13.06
CA THR D 276 5.96 7.90 -12.35
C THR D 276 4.79 7.79 -13.31
N VAL D 277 4.84 8.51 -14.43
CA VAL D 277 3.66 8.64 -15.29
C VAL D 277 3.49 7.42 -16.19
N VAL D 278 4.56 7.00 -16.85
CA VAL D 278 4.46 5.95 -17.87
C VAL D 278 4.07 4.62 -17.21
N PRO D 279 3.26 3.79 -17.87
CA PRO D 279 2.93 2.49 -17.31
C PRO D 279 4.15 1.58 -17.26
N ALA D 280 4.17 0.70 -16.25
CA ALA D 280 5.28 -0.23 -16.09
C ALA D 280 5.27 -1.25 -17.22
N SER D 281 6.44 -1.44 -17.84
CA SER D 281 6.58 -2.40 -18.94
C SER D 281 7.04 -3.77 -18.47
N GLY D 282 7.26 -3.94 -17.16
CA GLY D 282 7.73 -5.20 -16.62
C GLY D 282 9.23 -5.31 -16.48
N LYS D 283 10.00 -4.48 -17.17
CA LYS D 283 11.44 -4.45 -17.09
C LYS D 283 11.86 -3.20 -16.31
N VAL D 284 12.30 -3.40 -15.08
CA VAL D 284 12.69 -2.30 -14.20
C VAL D 284 14.17 -2.43 -13.89
N LEU D 285 14.91 -1.34 -14.10
CA LEU D 285 16.34 -1.32 -13.88
C LEU D 285 16.63 -1.13 -12.38
N THR D 286 17.89 -0.97 -12.04
CA THR D 286 18.26 -0.75 -10.65
C THR D 286 17.77 0.60 -10.18
N GLY D 287 17.34 0.66 -8.91
CA GLY D 287 16.84 1.89 -8.34
C GLY D 287 15.39 2.18 -8.61
N GLY D 288 14.65 1.24 -9.21
CA GLY D 288 13.25 1.45 -9.49
C GLY D 288 12.95 2.21 -10.76
N VAL D 289 13.95 2.45 -11.60
CA VAL D 289 13.75 3.18 -12.85
C VAL D 289 13.29 2.21 -13.92
N ASP D 290 12.15 2.49 -14.53
CA ASP D 290 11.66 1.68 -15.62
C ASP D 290 12.59 1.77 -16.82
N ALA D 291 12.63 0.70 -17.61
CA ALA D 291 13.54 0.65 -18.75
C ALA D 291 13.14 1.66 -19.81
N ASN D 292 11.87 1.69 -20.19
CA ASN D 292 11.39 2.57 -21.24
C ASN D 292 10.91 3.92 -20.72
N ALA D 293 11.02 4.15 -19.41
CA ALA D 293 10.63 5.46 -18.88
C ALA D 293 11.58 6.56 -19.34
N LEU D 294 12.84 6.22 -19.58
CA LEU D 294 13.84 7.19 -19.99
C LEU D 294 13.78 7.52 -21.48
N HIS D 295 12.94 6.83 -22.24
CA HIS D 295 12.81 7.14 -23.65
C HIS D 295 12.28 8.55 -23.87
N ARG D 296 11.27 8.94 -23.09
CA ARG D 296 10.69 10.28 -23.25
C ARG D 296 11.68 11.39 -22.91
N PRO D 297 12.38 11.37 -21.77
CA PRO D 297 13.34 12.46 -21.51
C PRO D 297 14.44 12.57 -22.54
N LYS D 298 14.91 11.44 -23.08
CA LYS D 298 15.94 11.49 -24.10
C LYS D 298 15.43 12.12 -25.40
N ARG D 299 14.13 11.99 -25.68
CA ARG D 299 13.55 12.74 -26.78
C ARG D 299 13.64 14.23 -26.53
N PHE D 300 13.38 14.66 -25.30
CA PHE D 300 13.51 16.07 -24.95
C PHE D 300 14.95 16.53 -25.09
N PHE D 301 15.88 15.78 -24.49
CA PHE D 301 17.28 16.19 -24.50
C PHE D 301 17.91 16.05 -25.87
N GLY D 302 17.44 15.10 -26.68
CA GLY D 302 17.99 14.88 -28.00
C GLY D 302 17.51 15.83 -29.06
N ALA D 303 16.60 16.74 -28.75
CA ALA D 303 16.10 17.70 -29.72
C ALA D 303 17.06 18.85 -29.96
N ALA D 304 18.08 19.03 -29.12
CA ALA D 304 19.02 20.13 -29.29
C ALA D 304 19.91 19.85 -30.49
N ARG D 305 19.95 20.79 -31.43
CA ARG D 305 20.73 20.61 -32.64
C ARG D 305 20.92 21.95 -33.32
N ASN D 306 21.88 21.99 -34.23
CA ASN D 306 22.10 23.16 -35.08
C ASN D 306 21.52 22.85 -36.46
N VAL D 307 20.44 23.53 -36.80
CA VAL D 307 19.74 23.27 -38.05
C VAL D 307 20.51 23.86 -39.21
N GLU D 308 20.75 23.05 -40.24
CA GLU D 308 21.48 23.52 -41.41
C GLU D 308 20.72 24.62 -42.15
N GLU D 309 19.41 24.45 -42.29
CA GLU D 309 18.62 25.44 -43.02
C GLU D 309 18.65 26.80 -42.33
N GLY D 310 18.53 26.81 -41.01
CA GLY D 310 18.53 28.05 -40.26
C GLY D 310 18.01 27.87 -38.85
N GLY D 311 18.49 28.67 -37.92
CA GLY D 311 18.07 28.55 -36.55
C GLY D 311 18.78 27.42 -35.83
N SER D 312 18.49 27.30 -34.54
CA SER D 312 19.11 26.27 -33.73
C SER D 312 18.31 26.11 -32.44
N LEU D 313 18.55 25.00 -31.76
CA LEU D 313 17.94 24.73 -30.46
C LEU D 313 19.04 24.35 -29.49
N THR D 314 19.19 25.15 -28.44
CA THR D 314 20.23 24.95 -27.43
C THR D 314 19.58 24.53 -26.13
N ILE D 315 19.97 23.38 -25.60
CA ILE D 315 19.45 22.87 -24.34
C ILE D 315 20.63 22.71 -23.38
N ILE D 316 20.54 23.35 -22.23
CA ILE D 316 21.56 23.26 -21.19
C ILE D 316 20.86 22.74 -19.95
N ALA D 317 20.88 21.43 -19.76
CA ALA D 317 20.23 20.79 -18.64
C ALA D 317 21.23 20.53 -17.52
N THR D 318 20.69 20.37 -16.31
CA THR D 318 21.50 20.07 -15.14
C THR D 318 21.15 18.69 -14.62
N ALA D 319 22.17 17.93 -14.26
CA ALA D 319 22.00 16.59 -13.70
C ALA D 319 22.45 16.60 -12.25
N LEU D 320 21.71 15.88 -11.40
CA LEU D 320 21.97 15.85 -9.97
C LEU D 320 22.72 14.57 -9.61
N ILE D 321 23.81 14.73 -8.85
CA ILE D 321 24.61 13.60 -8.40
C ILE D 321 24.89 13.77 -6.92
N ASP D 322 25.30 12.67 -6.29
CA ASP D 322 25.62 12.65 -4.86
C ASP D 322 24.43 13.10 -4.02
N THR D 323 23.23 12.75 -4.47
CA THR D 323 22.00 13.10 -3.78
C THR D 323 21.57 12.05 -2.76
N GLY D 324 22.29 10.93 -2.69
CA GLY D 324 21.93 9.86 -1.78
C GLY D 324 20.81 8.97 -2.27
N SER D 325 20.31 9.19 -3.48
CA SER D 325 19.24 8.39 -4.07
C SER D 325 19.79 7.57 -5.22
N LYS D 326 19.55 6.26 -5.19
CA LYS D 326 20.02 5.39 -6.26
C LYS D 326 19.31 5.69 -7.57
N MET D 327 18.10 6.24 -7.50
CA MET D 327 17.36 6.58 -8.73
C MET D 327 18.08 7.66 -9.52
N ASP D 328 18.65 8.65 -8.84
CA ASP D 328 19.39 9.70 -9.53
C ASP D 328 20.64 9.15 -10.20
N GLU D 329 21.32 8.21 -9.54
CA GLU D 329 22.57 7.71 -10.07
C GLU D 329 22.38 6.97 -11.39
N VAL D 330 21.35 6.11 -11.47
CA VAL D 330 21.12 5.36 -12.70
C VAL D 330 20.66 6.29 -13.81
N ILE D 331 19.85 7.30 -13.49
CA ILE D 331 19.43 8.27 -14.49
C ILE D 331 20.62 8.99 -15.08
N TYR D 332 21.56 9.41 -14.23
CA TYR D 332 22.76 10.09 -14.73
C TYR D 332 23.60 9.18 -15.60
N GLU D 333 23.60 7.88 -15.32
CA GLU D 333 24.39 6.95 -16.11
C GLU D 333 23.88 6.82 -17.54
N GLU D 334 22.62 7.16 -17.79
CA GLU D 334 22.05 7.06 -19.11
C GLU D 334 22.19 8.33 -19.93
N PHE D 335 22.71 9.41 -19.34
CA PHE D 335 22.89 10.67 -20.05
C PHE D 335 24.36 11.06 -20.16
N LYS D 336 25.28 10.17 -19.84
CA LYS D 336 26.69 10.53 -19.81
C LYS D 336 27.22 10.88 -21.20
N GLY D 337 26.98 10.02 -22.17
CA GLY D 337 27.45 10.25 -23.52
C GLY D 337 26.51 10.99 -24.43
N THR D 338 25.36 11.43 -23.92
CA THR D 338 24.37 12.06 -24.78
C THR D 338 24.78 13.47 -25.18
N GLY D 339 25.30 14.25 -24.24
CA GLY D 339 25.58 15.64 -24.50
C GLY D 339 26.93 15.86 -25.15
N ASN D 340 27.02 16.93 -25.92
CA ASN D 340 28.27 17.36 -26.54
C ASN D 340 28.97 18.47 -25.77
N MET D 341 28.42 18.87 -24.63
CA MET D 341 29.06 19.85 -23.76
C MET D 341 28.86 19.39 -22.32
N GLU D 342 29.92 19.44 -21.53
CA GLU D 342 29.89 18.92 -20.16
C GLU D 342 30.55 19.93 -19.24
N LEU D 343 29.86 20.27 -18.16
CA LEU D 343 30.39 21.15 -17.13
C LEU D 343 30.16 20.49 -15.77
N HIS D 344 31.22 20.39 -14.99
CA HIS D 344 31.18 19.70 -13.70
C HIS D 344 31.37 20.69 -12.57
N LEU D 345 30.46 20.64 -11.61
CA LEU D 345 30.61 21.37 -10.35
C LEU D 345 31.03 20.38 -9.27
N SER D 346 31.87 20.84 -8.36
CA SER D 346 32.41 20.01 -7.29
C SER D 346 32.02 20.59 -5.95
N ARG D 347 31.55 19.72 -5.05
CA ARG D 347 31.17 20.18 -3.71
C ARG D 347 32.38 20.60 -2.89
N LYS D 348 33.54 19.98 -3.14
CA LYS D 348 34.73 20.30 -2.35
C LYS D 348 35.15 21.75 -2.55
N ILE D 349 35.10 22.25 -3.78
CA ILE D 349 35.40 23.65 -4.03
C ILE D 349 34.35 24.53 -3.38
N ALA D 350 33.07 24.12 -3.43
CA ALA D 350 32.01 24.91 -2.81
C ALA D 350 32.14 24.95 -1.30
N GLU D 351 32.68 23.89 -0.69
CA GLU D 351 32.85 23.87 0.75
C GLU D 351 33.82 24.94 1.23
N LYS D 352 34.73 25.40 0.38
CA LYS D 352 35.67 26.45 0.72
C LYS D 352 35.13 27.83 0.39
N ARG D 353 33.87 27.94 -0.04
CA ARG D 353 33.24 29.22 -0.33
C ARG D 353 34.01 30.01 -1.37
N VAL D 354 34.53 29.32 -2.38
CA VAL D 354 35.12 29.94 -3.55
C VAL D 354 34.25 29.58 -4.74
N PHE D 355 33.76 30.61 -5.43
CA PHE D 355 32.80 30.40 -6.51
C PHE D 355 33.27 31.09 -7.78
N PRO D 356 32.96 30.52 -8.95
CA PRO D 356 32.17 29.31 -9.19
C PRO D 356 32.92 28.03 -8.81
N ALA D 357 32.21 26.94 -8.58
CA ALA D 357 32.79 25.68 -8.14
C ALA D 357 33.07 24.74 -9.30
N ILE D 358 33.42 25.29 -10.46
CA ILE D 358 33.59 24.49 -11.67
C ILE D 358 34.82 23.62 -11.55
N ASP D 359 34.64 22.32 -11.81
CA ASP D 359 35.76 21.39 -11.93
C ASP D 359 36.34 21.54 -13.32
N TYR D 360 37.42 22.31 -13.44
CA TYR D 360 37.94 22.68 -14.76
C TYR D 360 38.43 21.47 -15.53
N ASN D 361 39.10 20.53 -14.85
CA ASN D 361 39.70 19.41 -15.56
C ASN D 361 38.66 18.49 -16.17
N ARG D 362 37.55 18.26 -15.46
CA ARG D 362 36.54 17.32 -15.92
C ARG D 362 35.49 17.94 -16.83
N SER D 363 35.61 19.23 -17.14
CA SER D 363 34.63 19.93 -17.95
C SER D 363 35.23 20.32 -19.29
N GLY D 364 34.47 20.14 -20.35
CA GLY D 364 34.95 20.47 -21.68
C GLY D 364 33.83 20.38 -22.70
N THR D 365 34.21 20.49 -23.97
CA THR D 365 33.26 20.44 -25.06
C THR D 365 33.82 19.59 -26.19
N ARG D 366 32.91 19.11 -27.04
CA ARG D 366 33.27 18.36 -28.23
C ARG D 366 33.28 19.28 -29.43
N LYS D 367 34.25 19.08 -30.33
CA LYS D 367 34.38 19.86 -31.55
C LYS D 367 34.45 21.36 -31.25
N GLU D 368 35.26 21.72 -30.24
CA GLU D 368 35.42 23.11 -29.89
C GLU D 368 36.22 23.90 -30.93
N GLU D 369 36.81 23.23 -31.92
CA GLU D 369 37.53 23.94 -32.97
C GLU D 369 36.59 24.81 -33.78
N LEU D 370 35.33 24.41 -33.90
CA LEU D 370 34.37 25.18 -34.69
C LEU D 370 33.91 26.44 -33.97
N LEU D 371 33.79 26.39 -32.64
CA LEU D 371 33.30 27.54 -31.89
C LEU D 371 34.35 28.64 -31.79
N THR D 372 35.60 28.27 -31.56
CA THR D 372 36.67 29.23 -31.33
C THR D 372 37.57 29.35 -32.56
N THR D 373 38.26 30.48 -32.64
CA THR D 373 39.18 30.74 -33.72
C THR D 373 40.49 29.97 -33.50
N GLN D 374 41.38 30.04 -34.48
CA GLN D 374 42.63 29.29 -34.39
C GLN D 374 43.51 29.80 -33.25
N GLU D 375 43.73 31.12 -33.19
CA GLU D 375 44.57 31.67 -32.14
C GLU D 375 43.92 31.50 -30.76
N GLU D 376 42.60 31.66 -30.68
CA GLU D 376 41.90 31.51 -29.42
C GLU D 376 42.00 30.08 -28.90
N LEU D 377 41.91 29.09 -29.81
CA LEU D 377 41.98 27.70 -29.39
C LEU D 377 43.34 27.36 -28.81
N GLN D 378 44.41 27.88 -29.43
CA GLN D 378 45.75 27.58 -28.94
C GLN D 378 45.96 28.14 -27.53
N LYS D 379 45.46 29.35 -27.27
CA LYS D 379 45.61 29.93 -25.95
C LYS D 379 44.90 29.09 -24.90
N MET D 380 43.70 28.61 -25.20
CA MET D 380 43.00 27.73 -24.26
C MET D 380 43.77 26.42 -24.07
N TRP D 381 44.38 25.92 -25.14
CA TRP D 381 45.22 24.73 -25.01
C TRP D 381 46.42 24.99 -24.11
N ILE D 382 47.04 26.17 -24.26
CA ILE D 382 48.16 26.53 -23.39
C ILE D 382 47.70 26.63 -21.94
N LEU D 383 46.57 27.30 -21.71
CA LEU D 383 46.07 27.44 -20.35
C LEU D 383 45.71 26.09 -19.76
N ARG D 384 45.03 25.24 -20.53
CA ARG D 384 44.62 23.94 -20.00
C ARG D 384 45.82 23.09 -19.64
N LYS D 385 46.96 23.30 -20.29
CA LYS D 385 48.18 22.59 -19.92
C LYS D 385 48.64 22.97 -18.52
N ILE D 386 48.52 24.26 -18.17
CA ILE D 386 48.93 24.71 -16.85
C ILE D 386 47.98 24.18 -15.78
N ILE D 387 46.67 24.17 -16.05
CA ILE D 387 45.69 23.76 -15.06
C ILE D 387 45.63 22.24 -14.90
N HIS D 388 46.14 21.49 -15.87
CA HIS D 388 46.01 20.03 -15.83
C HIS D 388 46.66 19.39 -14.60
N PRO D 389 47.90 19.70 -14.24
CA PRO D 389 48.50 18.97 -13.11
C PRO D 389 47.91 19.34 -11.76
N MET D 390 47.61 20.62 -11.53
CA MET D 390 47.19 21.06 -10.20
C MET D 390 45.81 20.49 -9.85
N GLY D 391 45.57 20.37 -8.55
CA GLY D 391 44.32 19.82 -8.08
C GLY D 391 43.15 20.74 -8.35
N GLU D 392 41.95 20.18 -8.19
CA GLU D 392 40.73 20.91 -8.54
C GLU D 392 40.54 22.12 -7.64
N ILE D 393 40.81 21.99 -6.34
CA ILE D 393 40.62 23.11 -5.43
C ILE D 393 41.58 24.25 -5.78
N ASP D 394 42.85 23.91 -6.04
CA ASP D 394 43.83 24.92 -6.41
C ASP D 394 43.59 25.45 -7.82
N ALA D 395 42.94 24.67 -8.69
CA ALA D 395 42.71 25.10 -10.06
C ALA D 395 41.85 26.35 -10.11
N MET D 396 40.76 26.36 -9.33
CA MET D 396 39.88 27.52 -9.34
C MET D 396 40.52 28.71 -8.64
N GLU D 397 41.18 28.48 -7.51
CA GLU D 397 41.83 29.58 -6.81
C GLU D 397 42.90 30.23 -7.68
N PHE D 398 43.69 29.42 -8.38
CA PHE D 398 44.66 29.97 -9.32
C PHE D 398 43.98 30.72 -10.44
N LEU D 399 42.89 30.17 -10.97
CA LEU D 399 42.23 30.78 -12.12
C LEU D 399 41.47 32.03 -11.73
N ILE D 400 40.84 32.04 -10.55
CA ILE D 400 40.07 33.20 -10.12
C ILE D 400 40.98 34.41 -9.93
N ASN D 401 42.13 34.21 -9.28
CA ASN D 401 43.03 35.33 -9.02
C ASN D 401 43.56 35.92 -10.32
N LYS D 402 43.94 35.07 -11.28
CA LYS D 402 44.45 35.57 -12.55
C LYS D 402 43.38 36.35 -13.30
N LEU D 403 42.14 35.87 -13.30
CA LEU D 403 41.08 36.55 -14.02
C LEU D 403 40.68 37.85 -13.34
N ALA D 404 40.76 37.91 -12.01
CA ALA D 404 40.36 39.12 -11.30
C ALA D 404 41.26 40.30 -11.67
N MET D 405 42.56 40.05 -11.83
CA MET D 405 43.49 41.13 -12.14
C MET D 405 43.24 41.76 -13.50
N THR D 406 42.56 41.07 -14.41
CA THR D 406 42.27 41.59 -15.73
C THR D 406 40.78 41.90 -15.84
N LYS D 407 40.37 42.33 -17.04
CA LYS D 407 38.99 42.64 -17.33
C LYS D 407 38.35 41.69 -18.33
N THR D 408 39.07 41.30 -19.37
CA THR D 408 38.58 40.38 -20.38
C THR D 408 39.51 39.18 -20.48
N ASN D 409 39.10 38.21 -21.31
CA ASN D 409 39.89 36.99 -21.43
C ASN D 409 41.14 37.21 -22.26
N ASP D 410 41.05 38.00 -23.32
CA ASP D 410 42.23 38.26 -24.15
C ASP D 410 43.31 38.98 -23.36
N ASP D 411 42.91 39.92 -22.49
CA ASP D 411 43.88 40.53 -21.58
C ASP D 411 44.47 39.50 -20.63
N PHE D 412 43.64 38.56 -20.17
CA PHE D 412 44.15 37.47 -19.33
C PHE D 412 45.14 36.61 -20.10
N PHE D 413 44.88 36.37 -21.38
CA PHE D 413 45.76 35.51 -22.18
C PHE D 413 47.12 36.14 -22.37
N GLU D 414 47.16 37.42 -22.78
CA GLU D 414 48.45 38.07 -23.00
C GLU D 414 49.23 38.21 -21.71
N MET D 415 48.54 38.49 -20.60
CA MET D 415 49.21 38.53 -19.30
C MET D 415 49.76 37.16 -18.94
N MET D 416 48.98 36.10 -19.19
CA MET D 416 49.46 34.75 -18.91
C MET D 416 50.60 34.37 -19.85
N LYS D 417 50.53 34.81 -21.11
CA LYS D 417 51.56 34.46 -22.08
C LYS D 417 52.90 35.06 -21.71
N ARG D 418 52.92 36.31 -21.26
CA ARG D 418 54.17 36.98 -20.89
C ARG D 418 54.71 36.42 -19.58
N MET E 1 6.92 7.10 -60.39
CA MET E 1 8.36 7.31 -60.43
C MET E 1 9.09 6.30 -59.56
N ASN E 2 10.42 6.29 -59.65
CA ASN E 2 11.20 5.37 -58.84
C ASN E 2 11.18 5.79 -57.39
N LEU E 3 10.84 4.84 -56.50
CA LEU E 3 10.74 5.17 -55.08
C LEU E 3 12.09 5.56 -54.50
N THR E 4 13.14 4.82 -54.84
CA THR E 4 14.45 5.11 -54.26
C THR E 4 14.96 6.48 -54.70
N GLU E 5 14.72 6.85 -55.96
CA GLU E 5 15.07 8.20 -56.40
C GLU E 5 14.20 9.24 -55.74
N LEU E 6 12.92 8.93 -55.51
CA LEU E 6 12.03 9.85 -54.81
C LEU E 6 12.45 10.00 -53.35
N LYS E 7 12.95 8.92 -52.75
CA LYS E 7 13.27 8.95 -51.33
C LYS E 7 14.53 9.77 -51.04
N ASN E 8 15.44 9.86 -52.00
CA ASN E 8 16.65 10.66 -51.83
C ASN E 8 16.44 12.13 -52.14
N THR E 9 15.24 12.51 -52.60
CA THR E 9 14.97 13.90 -52.90
C THR E 9 14.93 14.72 -51.62
N PRO E 10 15.48 15.93 -51.62
CA PRO E 10 15.35 16.80 -50.44
C PRO E 10 13.88 17.12 -50.18
N VAL E 11 13.56 17.31 -48.89
CA VAL E 11 12.17 17.50 -48.49
C VAL E 11 11.59 18.75 -49.14
N SER E 12 12.39 19.80 -49.28
CA SER E 12 11.90 21.01 -49.92
C SER E 12 11.50 20.74 -51.36
N GLU E 13 12.30 19.94 -52.08
CA GLU E 13 11.95 19.60 -53.46
C GLU E 13 10.75 18.67 -53.51
N LEU E 14 10.60 17.79 -52.52
CA LEU E 14 9.45 16.88 -52.51
C LEU E 14 8.14 17.66 -52.41
N ILE E 15 8.13 18.73 -51.62
CA ILE E 15 6.92 19.53 -51.48
C ILE E 15 6.53 20.16 -52.81
N THR E 16 7.52 20.67 -53.56
CA THR E 16 7.23 21.26 -54.86
C THR E 16 6.65 20.23 -55.82
N LEU E 17 7.16 19.01 -55.79
CA LEU E 17 6.58 17.95 -56.62
C LEU E 17 5.13 17.68 -56.24
N GLY E 18 4.84 17.65 -54.94
CA GLY E 18 3.47 17.40 -54.51
C GLY E 18 2.52 18.52 -54.90
N GLU E 19 3.01 19.77 -54.87
CA GLU E 19 2.16 20.89 -55.28
C GLU E 19 1.79 20.79 -56.76
N ASN E 20 2.76 20.45 -57.61
CA ASN E 20 2.47 20.31 -59.02
C ASN E 20 1.54 19.14 -59.32
N MET E 21 1.42 18.19 -58.40
CA MET E 21 0.52 17.06 -58.54
C MET E 21 -0.83 17.30 -57.90
N GLY E 22 -1.09 18.51 -57.40
CA GLY E 22 -2.36 18.84 -56.82
C GLY E 22 -2.47 18.59 -55.32
N LEU E 23 -1.46 18.02 -54.69
CA LEU E 23 -1.51 17.78 -53.25
C LEU E 23 -1.36 19.09 -52.49
N GLU E 24 -1.90 19.11 -51.28
CA GLU E 24 -1.84 20.28 -50.42
C GLU E 24 -1.59 19.85 -48.99
N ASN E 25 -1.15 20.81 -48.17
CA ASN E 25 -0.82 20.59 -46.76
C ASN E 25 0.29 19.55 -46.61
N LEU E 26 1.18 19.46 -47.59
CA LEU E 26 2.28 18.50 -47.51
C LEU E 26 3.35 18.93 -46.51
N ALA E 27 3.45 20.22 -46.22
CA ALA E 27 4.38 20.66 -45.18
C ALA E 27 3.83 20.29 -43.81
N ARG E 28 4.69 20.44 -42.80
CA ARG E 28 4.33 20.14 -41.41
C ARG E 28 3.92 18.68 -41.25
N MET E 29 4.57 17.79 -42.00
CA MET E 29 4.38 16.36 -41.82
C MET E 29 5.67 15.66 -42.19
N ARG E 30 5.83 14.43 -41.70
CA ARG E 30 7.10 13.73 -41.85
C ARG E 30 7.39 13.44 -43.31
N LYS E 31 8.67 13.17 -43.59
CA LYS E 31 9.09 12.90 -44.96
C LYS E 31 8.45 11.62 -45.49
N GLN E 32 8.30 10.61 -44.63
CA GLN E 32 7.66 9.36 -45.06
C GLN E 32 6.22 9.60 -45.47
N ASP E 33 5.50 10.43 -44.73
CA ASP E 33 4.12 10.74 -45.09
C ASP E 33 4.04 11.48 -46.42
N ILE E 34 4.99 12.39 -46.67
CA ILE E 34 5.01 13.11 -47.94
C ILE E 34 5.23 12.13 -49.09
N ILE E 35 6.16 11.20 -48.92
CA ILE E 35 6.42 10.20 -49.96
C ILE E 35 5.19 9.34 -50.18
N PHE E 36 4.53 8.90 -49.10
CA PHE E 36 3.35 8.07 -49.24
C PHE E 36 2.22 8.80 -49.95
N ALA E 37 2.03 10.08 -49.63
CA ALA E 37 0.99 10.86 -50.29
C ALA E 37 1.29 11.04 -51.77
N ILE E 38 2.53 11.34 -52.12
CA ILE E 38 2.89 11.55 -53.52
C ILE E 38 2.72 10.27 -54.32
N LEU E 39 3.14 9.14 -53.77
CA LEU E 39 3.02 7.87 -54.48
C LEU E 39 1.56 7.54 -54.77
N LYS E 40 0.68 7.75 -53.79
CA LYS E 40 -0.74 7.48 -54.01
C LYS E 40 -1.31 8.37 -55.09
N GLN E 41 -0.90 9.65 -55.10
CA GLN E 41 -1.35 10.56 -56.15
C GLN E 41 -0.86 10.12 -57.52
N HIS E 42 0.41 9.68 -57.61
CA HIS E 42 0.94 9.24 -58.89
C HIS E 42 0.32 7.92 -59.32
N ALA E 43 0.10 7.00 -58.37
CA ALA E 43 -0.56 5.74 -58.68
C ALA E 43 -2.01 5.96 -59.15
N LYS E 44 -2.62 7.07 -58.75
CA LYS E 44 -3.96 7.38 -59.23
C LYS E 44 -3.99 7.57 -60.74
N SER E 45 -2.88 8.05 -61.31
CA SER E 45 -2.78 8.15 -62.77
C SER E 45 -2.80 6.77 -63.41
N GLY E 46 -2.12 5.80 -62.79
CA GLY E 46 -2.07 4.44 -63.29
C GLY E 46 -0.74 4.01 -63.84
N GLU E 47 0.28 4.87 -63.80
CA GLU E 47 1.58 4.50 -64.32
C GLU E 47 2.27 3.49 -63.40
N ASP E 48 3.28 2.81 -63.95
CA ASP E 48 4.03 1.85 -63.17
C ASP E 48 4.94 2.55 -62.17
N ILE E 49 5.07 1.95 -60.99
CA ILE E 49 5.88 2.50 -59.91
C ILE E 49 6.94 1.48 -59.54
N PHE E 50 8.20 1.90 -59.57
CA PHE E 50 9.32 1.05 -59.21
C PHE E 50 9.73 1.31 -57.77
N GLY E 51 9.91 0.23 -57.02
CA GLY E 51 10.33 0.34 -55.63
C GLY E 51 11.30 -0.77 -55.28
N ASP E 52 12.12 -0.50 -54.26
CA ASP E 52 13.09 -1.47 -53.79
C ASP E 52 13.32 -1.26 -52.30
N GLY E 53 13.82 -2.30 -51.64
CA GLY E 53 14.08 -2.23 -50.22
C GLY E 53 14.65 -3.53 -49.72
N VAL E 54 14.94 -3.54 -48.42
CA VAL E 54 15.48 -4.71 -47.75
C VAL E 54 14.35 -5.42 -47.02
N LEU E 55 14.19 -6.70 -47.31
CA LEU E 55 13.07 -7.45 -46.74
C LEU E 55 13.24 -7.67 -45.25
N GLU E 56 12.16 -7.46 -44.50
CA GLU E 56 12.11 -7.77 -43.09
C GLU E 56 10.93 -8.70 -42.83
N ILE E 57 11.19 -9.84 -42.19
CA ILE E 57 10.18 -10.86 -41.94
C ILE E 57 9.69 -10.70 -40.51
N LEU E 58 8.38 -10.46 -40.36
CA LEU E 58 7.79 -10.37 -39.05
C LEU E 58 7.52 -11.76 -38.48
N GLN E 59 7.12 -11.80 -37.21
CA GLN E 59 6.82 -13.08 -36.57
C GLN E 59 5.57 -13.73 -37.14
N ASP E 60 4.72 -12.98 -37.83
CA ASP E 60 3.48 -13.48 -38.40
C ASP E 60 3.62 -13.79 -39.89
N GLY E 61 4.83 -13.82 -40.41
CA GLY E 61 5.05 -14.05 -41.83
C GLY E 61 4.90 -12.83 -42.70
N PHE E 62 4.58 -11.67 -42.13
CA PHE E 62 4.50 -10.45 -42.92
C PHE E 62 5.87 -10.04 -43.42
N GLY E 63 5.93 -9.54 -44.65
CA GLY E 63 7.16 -9.03 -45.20
C GLY E 63 7.08 -7.56 -45.54
N PHE E 64 8.08 -6.80 -45.12
CA PHE E 64 8.15 -5.37 -45.42
C PHE E 64 9.51 -5.04 -46.00
N LEU E 65 9.52 -4.16 -46.99
CA LEU E 65 10.76 -3.72 -47.63
C LEU E 65 11.15 -2.37 -47.02
N ARG E 66 11.98 -2.42 -45.98
CA ARG E 66 12.48 -1.21 -45.36
C ARG E 66 13.47 -0.52 -46.28
N SER E 67 13.77 0.73 -45.95
CA SER E 67 14.66 1.56 -46.77
C SER E 67 15.91 1.92 -45.99
N ALA E 68 17.05 1.93 -46.69
CA ALA E 68 18.30 2.32 -46.06
C ALA E 68 18.40 3.82 -45.84
N ASP E 69 17.61 4.61 -46.58
CA ASP E 69 17.63 6.06 -46.40
C ASP E 69 17.15 6.43 -45.00
N SER E 70 16.11 5.75 -44.51
CA SER E 70 15.56 6.02 -43.19
C SER E 70 16.10 5.05 -42.14
N SER E 71 17.22 4.40 -42.41
CA SER E 71 17.84 3.46 -41.48
C SER E 71 16.87 2.36 -41.07
N TYR E 72 16.13 1.83 -42.06
CA TYR E 72 15.23 0.70 -41.85
C TYR E 72 14.20 0.98 -40.76
N LEU E 73 13.66 2.19 -40.76
CA LEU E 73 12.63 2.59 -39.81
C LEU E 73 11.26 2.26 -40.39
N ALA E 74 10.41 1.63 -39.58
CA ALA E 74 9.06 1.34 -40.01
C ALA E 74 8.30 2.62 -40.28
N GLY E 75 7.61 2.66 -41.42
CA GLY E 75 6.86 3.85 -41.79
C GLY E 75 5.81 3.57 -42.85
N PRO E 76 5.01 4.57 -43.17
CA PRO E 76 3.97 4.38 -44.20
C PRO E 76 4.52 4.03 -45.56
N ASP E 77 5.71 4.51 -45.91
CA ASP E 77 6.28 4.26 -47.23
C ASP E 77 6.72 2.82 -47.43
N ASP E 78 6.74 2.00 -46.38
CA ASP E 78 7.20 0.63 -46.50
C ASP E 78 6.30 -0.18 -47.42
N ILE E 79 6.90 -1.10 -48.16
CA ILE E 79 6.21 -1.92 -49.14
C ILE E 79 5.84 -3.24 -48.48
N TYR E 80 4.56 -3.61 -48.57
CA TYR E 80 4.07 -4.84 -47.98
C TYR E 80 4.32 -6.01 -48.91
N VAL E 81 4.78 -7.12 -48.34
CA VAL E 81 5.07 -8.33 -49.08
C VAL E 81 4.20 -9.46 -48.53
N SER E 82 3.42 -10.08 -49.40
CA SER E 82 2.53 -11.15 -48.97
C SER E 82 3.33 -12.42 -48.71
N PRO E 83 2.86 -13.28 -47.80
CA PRO E 83 3.57 -14.54 -47.53
C PRO E 83 3.69 -15.43 -48.76
N SER E 84 2.75 -15.32 -49.70
CA SER E 84 2.85 -16.10 -50.93
C SER E 84 4.09 -15.72 -51.73
N GLN E 85 4.42 -14.43 -51.77
CA GLN E 85 5.63 -13.99 -52.45
C GLN E 85 6.87 -14.59 -51.78
N ILE E 86 6.88 -14.63 -50.45
CA ILE E 86 8.02 -15.21 -49.74
C ILE E 86 8.14 -16.70 -50.04
N ARG E 87 7.02 -17.41 -50.10
CA ARG E 87 7.07 -18.85 -50.38
C ARG E 87 7.52 -19.13 -51.81
N ARG E 88 7.20 -18.25 -52.75
CA ARG E 88 7.56 -18.48 -54.14
C ARG E 88 9.07 -18.55 -54.33
N PHE E 89 9.81 -17.67 -53.65
CA PHE E 89 11.26 -17.59 -53.75
C PHE E 89 11.89 -18.08 -52.45
N ASN E 90 13.22 -17.99 -52.40
CA ASN E 90 13.96 -18.28 -51.17
C ASN E 90 14.23 -16.96 -50.44
N LEU E 91 13.13 -16.33 -50.01
CA LEU E 91 13.18 -15.01 -49.41
C LEU E 91 13.29 -15.12 -47.90
N ARG E 92 14.29 -14.46 -47.34
CA ARG E 92 14.46 -14.34 -45.90
C ARG E 92 14.79 -12.90 -45.57
N THR E 93 14.94 -12.62 -44.27
CA THR E 93 15.26 -11.26 -43.85
C THR E 93 16.60 -10.83 -44.40
N GLY E 94 16.65 -9.62 -44.96
CA GLY E 94 17.86 -9.09 -45.53
C GLY E 94 18.01 -9.29 -47.03
N ASP E 95 17.01 -9.85 -47.69
CA ASP E 95 17.07 -10.06 -49.14
C ASP E 95 16.62 -8.78 -49.83
N THR E 96 17.56 -8.12 -50.52
CA THR E 96 17.22 -6.93 -51.28
C THR E 96 16.33 -7.31 -52.46
N ILE E 97 15.20 -6.62 -52.59
CA ILE E 97 14.21 -6.91 -53.62
C ILE E 97 13.92 -5.64 -54.39
N SER E 98 13.95 -5.73 -55.72
CA SER E 98 13.60 -4.61 -56.59
C SER E 98 12.51 -5.06 -57.55
N GLY E 99 11.45 -4.27 -57.67
CA GLY E 99 10.36 -4.64 -58.53
C GLY E 99 9.30 -3.56 -58.59
N LYS E 100 8.20 -3.88 -59.27
CA LYS E 100 7.10 -2.96 -59.44
C LYS E 100 6.08 -3.15 -58.33
N ILE E 101 5.50 -2.04 -57.87
CA ILE E 101 4.56 -2.04 -56.75
C ILE E 101 3.24 -1.41 -57.21
N ARG E 102 2.21 -1.63 -56.40
CA ARG E 102 0.87 -1.17 -56.68
C ARG E 102 0.31 -0.40 -55.50
N PRO E 103 -0.61 0.53 -55.74
CA PRO E 103 -1.22 1.27 -54.64
C PRO E 103 -2.07 0.35 -53.79
N PRO E 104 -2.25 0.65 -52.51
CA PRO E 104 -3.08 -0.19 -51.66
C PRO E 104 -4.54 -0.13 -52.06
N LYS E 105 -5.25 -1.22 -51.82
CA LYS E 105 -6.68 -1.29 -52.05
C LYS E 105 -7.41 -1.03 -50.73
N GLU E 106 -8.73 -1.23 -50.74
CA GLU E 106 -9.50 -1.08 -49.52
C GLU E 106 -9.06 -2.10 -48.49
N GLY E 107 -8.95 -1.66 -47.24
CA GLY E 107 -8.45 -2.51 -46.18
C GLY E 107 -6.93 -2.67 -46.15
N GLU E 108 -6.22 -1.98 -47.03
CA GLU E 108 -4.76 -2.04 -47.08
C GLU E 108 -4.19 -0.66 -46.86
N ARG E 109 -3.14 -0.58 -46.04
CA ARG E 109 -2.49 0.69 -45.74
C ARG E 109 -1.11 0.82 -46.36
N TYR E 110 -0.51 -0.27 -46.84
CA TYR E 110 0.83 -0.25 -47.40
C TYR E 110 0.79 -0.66 -48.86
N PHE E 111 1.70 -0.10 -49.64
CA PHE E 111 1.87 -0.54 -51.01
C PHE E 111 2.32 -1.99 -51.03
N ALA E 112 1.85 -2.73 -52.03
CA ALA E 112 2.14 -4.15 -52.14
C ALA E 112 3.08 -4.39 -53.32
N LEU E 113 4.10 -5.22 -53.09
CA LEU E 113 4.98 -5.63 -54.17
C LEU E 113 4.21 -6.49 -55.15
N LEU E 114 4.31 -6.18 -56.44
CA LEU E 114 3.51 -6.85 -57.46
C LEU E 114 4.33 -7.77 -58.35
N LYS E 115 5.38 -7.25 -58.98
CA LYS E 115 6.21 -8.01 -59.91
C LYS E 115 7.66 -7.83 -59.49
N VAL E 116 8.20 -8.79 -58.73
CA VAL E 116 9.58 -8.70 -58.28
C VAL E 116 10.50 -8.92 -59.48
N ASN E 117 11.39 -7.95 -59.71
CA ASN E 117 12.28 -7.96 -60.87
C ASN E 117 13.67 -8.47 -60.55
N GLU E 118 14.28 -7.95 -59.49
CA GLU E 118 15.64 -8.33 -59.10
C GLU E 118 15.68 -8.65 -57.63
N VAL E 119 16.38 -9.73 -57.28
CA VAL E 119 16.63 -10.10 -55.90
C VAL E 119 18.14 -10.24 -55.73
N ASN E 120 18.69 -9.48 -54.77
CA ASN E 120 20.13 -9.49 -54.48
C ASN E 120 20.95 -9.18 -55.73
N PHE E 121 20.44 -8.25 -56.55
CA PHE E 121 21.14 -7.76 -57.74
C PHE E 121 21.44 -8.89 -58.72
N ASP E 122 20.50 -9.84 -58.85
CA ASP E 122 20.62 -10.89 -59.85
C ASP E 122 19.22 -11.41 -60.18
N LYS E 123 19.17 -12.43 -61.02
CA LYS E 123 17.90 -12.96 -61.48
C LYS E 123 17.14 -13.59 -60.31
N PRO E 124 15.81 -13.41 -60.26
CA PRO E 124 15.05 -13.95 -59.13
C PRO E 124 15.15 -15.47 -58.99
N GLU E 125 15.22 -16.19 -60.11
CA GLU E 125 15.26 -17.65 -60.03
C GLU E 125 16.60 -18.14 -59.50
N ASN E 126 17.69 -17.44 -59.82
CA ASN E 126 19.00 -17.85 -59.32
C ASN E 126 19.05 -17.79 -57.80
N ALA E 127 18.47 -16.76 -57.21
CA ALA E 127 18.45 -16.62 -55.75
C ALA E 127 17.50 -17.59 -55.08
N ARG E 128 16.63 -18.26 -55.84
CA ARG E 128 15.70 -19.21 -55.24
C ARG E 128 16.39 -20.47 -54.75
N ASN E 129 17.60 -20.75 -55.24
CA ASN E 129 18.37 -21.92 -54.82
C ASN E 129 19.81 -21.47 -54.56
N LYS E 130 20.11 -21.21 -53.29
CA LYS E 130 21.45 -20.78 -52.90
C LYS E 130 21.81 -21.44 -51.57
N ILE E 131 23.11 -21.55 -51.33
CA ILE E 131 23.61 -22.16 -50.09
C ILE E 131 23.45 -21.17 -48.96
N LEU E 132 22.88 -21.63 -47.84
CA LEU E 132 22.68 -20.76 -46.69
C LEU E 132 24.02 -20.36 -46.09
N PHE E 133 23.99 -19.23 -45.37
CA PHE E 133 25.22 -18.69 -44.81
C PHE E 133 25.85 -19.64 -43.79
N GLU E 134 25.02 -20.25 -42.94
CA GLU E 134 25.55 -21.19 -41.95
C GLU E 134 26.13 -22.43 -42.62
N ASN E 135 25.55 -22.88 -43.73
CA ASN E 135 26.06 -24.05 -44.43
C ASN E 135 27.40 -23.80 -45.08
N LEU E 136 27.78 -22.53 -45.28
CA LEU E 136 29.06 -22.21 -45.90
C LEU E 136 30.20 -22.66 -45.00
N THR E 137 31.28 -23.13 -45.63
CA THR E 137 32.40 -23.68 -44.89
C THR E 137 33.28 -22.55 -44.35
N PRO E 138 33.45 -22.43 -43.04
CA PRO E 138 34.33 -21.39 -42.50
C PRO E 138 35.79 -21.67 -42.80
N LEU E 139 36.57 -20.59 -42.87
CA LEU E 139 38.02 -20.68 -43.05
C LEU E 139 38.64 -19.39 -42.52
N HIS E 140 39.92 -19.46 -42.19
CA HIS E 140 40.62 -18.32 -41.63
C HIS E 140 40.82 -17.25 -42.70
N ALA E 141 41.44 -16.14 -42.30
CA ALA E 141 41.62 -15.00 -43.18
C ALA E 141 42.85 -15.24 -44.06
N ASN E 142 42.66 -15.14 -45.37
CA ASN E 142 43.75 -15.30 -46.33
C ASN E 142 44.12 -13.99 -47.01
N SER E 143 43.13 -13.23 -47.47
CA SER E 143 43.37 -11.96 -48.11
C SER E 143 43.70 -10.89 -47.07
N ARG E 144 44.25 -9.77 -47.54
CA ARG E 144 44.62 -8.66 -46.68
C ARG E 144 44.04 -7.36 -47.25
N LEU E 145 43.53 -6.52 -46.37
CA LEU E 145 42.94 -5.24 -46.76
C LEU E 145 44.03 -4.18 -46.74
N ARG E 146 44.36 -3.67 -47.93
CA ARG E 146 45.39 -2.64 -48.05
C ARG E 146 44.81 -1.30 -47.61
N MET E 147 45.37 -0.73 -46.55
CA MET E 147 44.91 0.54 -46.00
C MET E 147 45.92 1.66 -46.24
N GLU E 148 46.52 1.65 -47.43
CA GLU E 148 47.51 2.65 -47.83
C GLU E 148 47.01 3.39 -49.06
N ARG E 149 47.11 4.71 -49.03
CA ARG E 149 46.75 5.52 -50.19
C ARG E 149 47.96 6.04 -50.95
N GLY E 150 49.09 6.24 -50.27
CA GLY E 150 50.30 6.70 -50.93
C GLY E 150 50.39 8.19 -51.16
N ASN E 151 49.37 8.96 -50.76
CA ASN E 151 49.42 10.40 -50.96
C ASN E 151 50.35 11.08 -49.96
N GLY E 152 50.65 10.44 -48.84
CA GLY E 152 51.57 11.01 -47.87
C GLY E 152 51.04 12.22 -47.14
N SER E 153 49.73 12.40 -47.06
CA SER E 153 49.15 13.53 -46.38
C SER E 153 49.16 13.30 -44.87
N THR E 154 48.72 14.31 -44.11
CA THR E 154 48.72 14.21 -42.66
C THR E 154 47.71 13.18 -42.15
N GLU E 155 46.70 12.84 -42.94
CA GLU E 155 45.72 11.83 -42.54
C GLU E 155 46.11 10.42 -42.97
N ASP E 156 47.08 10.27 -43.87
CA ASP E 156 47.47 8.94 -44.33
C ASP E 156 48.29 8.22 -43.28
N LEU E 157 49.01 8.96 -42.42
CA LEU E 157 49.85 8.30 -41.41
C LEU E 157 49.02 7.56 -40.38
N THR E 158 47.80 8.04 -40.09
CA THR E 158 46.95 7.35 -39.14
C THR E 158 46.58 5.97 -39.65
N ALA E 159 46.30 5.84 -40.95
CA ALA E 159 46.06 4.53 -41.54
C ALA E 159 47.30 3.66 -41.46
N ARG E 160 48.48 4.24 -41.67
CA ARG E 160 49.72 3.48 -41.62
C ARG E 160 49.97 2.92 -40.22
N VAL E 161 49.77 3.73 -39.19
CA VAL E 161 50.08 3.31 -37.84
C VAL E 161 49.23 2.11 -37.43
N LEU E 162 47.92 2.18 -37.72
CA LEU E 162 47.06 1.04 -37.42
C LEU E 162 47.40 -0.15 -38.30
N ASP E 163 47.80 0.10 -39.54
CA ASP E 163 48.24 -0.99 -40.40
C ASP E 163 49.50 -1.65 -39.85
N LEU E 164 50.45 -0.85 -39.36
CA LEU E 164 51.67 -1.40 -38.78
C LEU E 164 51.40 -2.05 -37.43
N ALA E 165 50.53 -1.44 -36.62
CA ALA E 165 50.26 -1.98 -35.29
C ALA E 165 49.64 -3.38 -35.37
N SER E 166 48.64 -3.54 -36.23
CA SER E 166 48.03 -4.85 -36.42
C SER E 166 47.37 -4.92 -37.80
N PRO E 167 47.88 -5.75 -38.70
CA PRO E 167 47.25 -5.89 -40.02
C PRO E 167 45.87 -6.50 -39.90
N ILE E 168 44.99 -6.12 -40.83
CA ILE E 168 43.63 -6.63 -40.88
C ILE E 168 43.35 -7.11 -42.30
N GLY E 169 42.78 -8.30 -42.41
CA GLY E 169 42.44 -8.86 -43.72
C GLY E 169 40.95 -8.94 -43.93
N ARG E 170 40.48 -10.01 -44.57
CA ARG E 170 39.08 -10.22 -44.86
C ARG E 170 38.58 -11.48 -44.16
N GLY E 171 37.48 -11.36 -43.43
CA GLY E 171 36.82 -12.50 -42.86
C GLY E 171 37.11 -12.81 -41.41
N GLN E 172 37.83 -11.95 -40.70
CA GLN E 172 38.14 -12.18 -39.30
C GLN E 172 37.54 -11.06 -38.44
N ARG E 173 37.09 -11.43 -37.26
CA ARG E 173 36.53 -10.47 -36.33
C ARG E 173 37.60 -9.49 -35.88
N GLY E 174 37.19 -8.24 -35.68
CA GLY E 174 38.09 -7.21 -35.20
C GLY E 174 37.44 -6.41 -34.09
N LEU E 175 38.27 -6.00 -33.13
CA LEU E 175 37.80 -5.24 -31.98
C LEU E 175 38.71 -4.03 -31.77
N ILE E 176 38.10 -2.89 -31.47
CA ILE E 176 38.82 -1.67 -31.16
C ILE E 176 38.40 -1.23 -29.76
N VAL E 177 39.35 -1.20 -28.84
CA VAL E 177 39.12 -0.79 -27.46
C VAL E 177 39.53 0.66 -27.34
N ALA E 178 38.57 1.53 -27.00
CA ALA E 178 38.81 2.96 -26.96
C ALA E 178 38.20 3.58 -25.72
N PRO E 179 38.94 4.40 -24.98
CA PRO E 179 38.37 5.13 -23.86
C PRO E 179 37.67 6.39 -24.36
N PRO E 180 36.86 7.03 -23.51
CA PRO E 180 36.23 8.29 -23.91
C PRO E 180 37.27 9.36 -24.22
N LYS E 181 36.96 10.20 -25.21
CA LYS E 181 37.84 11.30 -25.64
C LYS E 181 39.20 10.76 -26.05
N ALA E 182 39.21 9.90 -27.07
CA ALA E 182 40.44 9.31 -27.57
C ALA E 182 40.51 9.29 -29.09
N GLY E 183 39.80 10.19 -29.77
CA GLY E 183 39.78 10.20 -31.22
C GLY E 183 39.19 8.94 -31.83
N LYS E 184 38.21 8.34 -31.16
CA LYS E 184 37.61 7.10 -31.67
C LYS E 184 36.84 7.35 -32.95
N THR E 185 36.00 8.40 -32.97
CA THR E 185 35.18 8.66 -34.15
C THR E 185 36.05 9.02 -35.35
N MET E 186 37.08 9.85 -35.15
CA MET E 186 37.97 10.19 -36.24
C MET E 186 38.71 8.97 -36.76
N LEU E 187 39.02 8.01 -35.89
CA LEU E 187 39.66 6.78 -36.35
C LEU E 187 38.75 6.00 -37.29
N LEU E 188 37.47 5.87 -36.94
CA LEU E 188 36.55 5.13 -37.78
C LEU E 188 36.36 5.81 -39.13
N GLN E 189 36.26 7.14 -39.14
CA GLN E 189 36.11 7.86 -40.39
C GLN E 189 37.32 7.67 -41.30
N ASN E 190 38.52 7.70 -40.72
CA ASN E 190 39.73 7.50 -41.51
C ASN E 190 39.77 6.09 -42.09
N ILE E 191 39.38 5.09 -41.30
CA ILE E 191 39.32 3.72 -41.80
C ILE E 191 38.27 3.59 -42.90
N ALA E 192 37.10 4.19 -42.68
CA ALA E 192 36.00 4.02 -43.62
C ALA E 192 36.33 4.58 -45.00
N GLN E 193 36.94 5.76 -45.04
CA GLN E 193 37.30 6.35 -46.32
C GLN E 193 38.44 5.60 -46.99
N SER E 194 39.37 5.05 -46.20
CA SER E 194 40.46 4.26 -46.76
C SER E 194 39.93 2.98 -47.42
N ILE E 195 38.98 2.32 -46.77
CA ILE E 195 38.44 1.08 -47.31
C ILE E 195 37.73 1.33 -48.63
N ALA E 196 36.91 2.39 -48.69
CA ALA E 196 36.19 2.69 -49.92
C ALA E 196 37.15 3.04 -51.04
N TYR E 197 38.21 3.78 -50.74
CA TYR E 197 39.16 4.18 -51.77
C TYR E 197 39.97 2.99 -52.28
N ASN E 198 40.50 2.18 -51.35
CA ASN E 198 41.36 1.07 -51.75
C ASN E 198 40.58 -0.12 -52.28
N HIS E 199 39.37 -0.37 -51.78
CA HIS E 199 38.58 -1.54 -52.16
C HIS E 199 37.18 -1.08 -52.56
N PRO E 200 37.02 -0.50 -53.74
CA PRO E 200 35.67 -0.13 -54.19
C PRO E 200 34.75 -1.32 -54.42
N ASP E 201 35.30 -2.52 -54.59
CA ASP E 201 34.47 -3.68 -54.90
C ASP E 201 33.71 -4.16 -53.68
N CYS E 202 34.33 -4.10 -52.50
CA CYS E 202 33.69 -4.63 -51.30
C CYS E 202 32.56 -3.70 -50.85
N VAL E 203 31.54 -4.31 -50.24
CA VAL E 203 30.38 -3.58 -49.74
C VAL E 203 30.69 -3.10 -48.33
N LEU E 204 30.68 -1.78 -48.12
CA LEU E 204 31.00 -1.19 -46.83
C LEU E 204 29.71 -0.78 -46.13
N MET E 205 29.52 -1.26 -44.90
CA MET E 205 28.37 -0.91 -44.10
C MET E 205 28.84 -0.40 -42.75
N VAL E 206 28.39 0.79 -42.37
CA VAL E 206 28.75 1.41 -41.10
C VAL E 206 27.52 1.39 -40.22
N LEU E 207 27.64 0.83 -39.03
CA LEU E 207 26.54 0.72 -38.09
C LEU E 207 26.86 1.53 -36.85
N LEU E 208 25.96 2.45 -36.49
CA LEU E 208 26.11 3.27 -35.30
C LEU E 208 24.91 3.02 -34.39
N ILE E 209 25.19 2.66 -33.14
CA ILE E 209 24.15 2.34 -32.18
C ILE E 209 24.23 3.35 -31.03
N ASP E 210 23.10 4.00 -30.74
CA ASP E 210 23.02 4.98 -29.66
C ASP E 210 24.03 6.10 -29.88
N GLU E 211 23.84 6.83 -30.97
CA GLU E 211 24.76 7.87 -31.40
C GLU E 211 24.04 9.22 -31.42
N ARG E 212 24.80 10.28 -31.16
CA ARG E 212 24.22 11.62 -31.17
C ARG E 212 23.75 11.97 -32.58
N PRO E 213 22.62 12.68 -32.71
CA PRO E 213 22.10 12.99 -34.05
C PRO E 213 23.07 13.79 -34.90
N GLU E 214 23.84 14.69 -34.32
CA GLU E 214 24.77 15.50 -35.11
C GLU E 214 25.91 14.64 -35.66
N GLU E 215 26.25 13.56 -34.98
CA GLU E 215 27.32 12.68 -35.46
C GLU E 215 26.88 11.84 -36.64
N VAL E 216 25.59 11.48 -36.70
CA VAL E 216 25.11 10.64 -37.80
C VAL E 216 25.21 11.38 -39.12
N THR E 217 24.77 12.64 -39.17
CA THR E 217 24.80 13.38 -40.42
C THR E 217 26.23 13.61 -40.89
N GLU E 218 27.16 13.85 -39.96
CA GLU E 218 28.56 13.98 -40.33
C GLU E 218 29.10 12.69 -40.93
N MET E 219 28.74 11.55 -40.32
CA MET E 219 29.20 10.26 -40.83
C MET E 219 28.63 9.97 -42.21
N GLN E 220 27.36 10.27 -42.43
CA GLN E 220 26.72 9.97 -43.70
C GLN E 220 27.37 10.77 -44.84
N ARG E 221 27.63 12.06 -44.60
CA ARG E 221 28.20 12.90 -45.65
C ARG E 221 29.66 12.60 -45.92
N LEU E 222 30.33 11.88 -45.02
CA LEU E 222 31.76 11.60 -45.18
C LEU E 222 32.03 10.18 -45.67
N VAL E 223 31.29 9.19 -45.18
CA VAL E 223 31.53 7.81 -45.53
C VAL E 223 30.89 7.52 -46.88
N LYS E 224 31.69 7.02 -47.83
CA LYS E 224 31.19 6.63 -49.14
C LYS E 224 30.73 5.17 -49.04
N GLY E 225 29.42 4.97 -48.95
CA GLY E 225 28.87 3.64 -48.80
C GLY E 225 27.50 3.67 -48.17
N GLU E 226 27.25 2.76 -47.23
CA GLU E 226 25.98 2.68 -46.53
C GLU E 226 26.21 2.95 -45.05
N VAL E 227 25.48 3.92 -44.51
CA VAL E 227 25.56 4.30 -43.11
C VAL E 227 24.19 4.16 -42.50
N VAL E 228 24.07 3.25 -41.52
CA VAL E 228 22.81 3.01 -40.83
C VAL E 228 23.05 3.27 -39.35
N ALA E 229 22.20 4.12 -38.76
CA ALA E 229 22.40 4.56 -37.39
C ALA E 229 21.07 4.71 -36.68
N SER E 230 21.10 4.54 -35.36
CA SER E 230 19.96 4.79 -34.50
C SER E 230 20.42 5.66 -33.34
N THR E 231 19.77 6.80 -33.16
CA THR E 231 20.16 7.74 -32.13
C THR E 231 19.66 7.29 -30.77
N PHE E 232 20.10 8.00 -29.72
CA PHE E 232 19.69 7.64 -28.37
C PHE E 232 18.23 8.02 -28.08
N ASP E 233 17.60 8.80 -28.95
CA ASP E 233 16.18 9.07 -28.79
C ASP E 233 15.34 7.81 -28.95
N GLU E 234 15.72 6.95 -29.90
CA GLU E 234 14.94 5.76 -30.19
C GLU E 234 14.97 4.79 -29.00
N PRO E 235 13.93 3.99 -28.84
CA PRO E 235 13.91 3.02 -27.73
C PRO E 235 14.89 1.88 -27.94
N ALA E 236 15.00 1.00 -26.94
CA ALA E 236 15.93 -0.11 -27.03
C ALA E 236 15.55 -1.07 -28.16
N SER E 237 14.25 -1.30 -28.36
CA SER E 237 13.81 -2.20 -29.40
C SER E 237 14.25 -1.74 -30.78
N ARG E 238 14.36 -0.42 -30.97
CA ARG E 238 14.85 0.08 -32.25
C ARG E 238 16.33 -0.24 -32.45
N HIS E 239 17.11 -0.20 -31.37
CA HIS E 239 18.54 -0.46 -31.49
C HIS E 239 18.81 -1.88 -31.98
N VAL E 240 18.11 -2.87 -31.40
CA VAL E 240 18.31 -4.24 -31.83
C VAL E 240 17.75 -4.47 -33.22
N GLN E 241 16.64 -3.79 -33.56
CA GLN E 241 16.05 -3.97 -34.89
C GLN E 241 17.01 -3.54 -35.98
N VAL E 242 17.70 -2.41 -35.78
CA VAL E 242 18.68 -1.96 -36.77
C VAL E 242 19.81 -2.96 -36.90
N ALA E 243 20.28 -3.49 -35.76
CA ALA E 243 21.39 -4.44 -35.79
C ALA E 243 21.02 -5.71 -36.54
N GLU E 244 19.81 -6.23 -36.31
CA GLU E 244 19.40 -7.46 -36.99
C GLU E 244 19.31 -7.24 -38.50
N MET E 245 18.77 -6.09 -38.92
CA MET E 245 18.65 -5.82 -40.35
C MET E 245 20.01 -5.75 -41.03
N VAL E 246 21.01 -5.16 -40.36
CA VAL E 246 22.33 -5.02 -40.97
C VAL E 246 23.00 -6.36 -41.13
N ILE E 247 22.98 -7.20 -40.08
CA ILE E 247 23.69 -8.47 -40.15
C ILE E 247 23.03 -9.41 -41.15
N GLU E 248 21.70 -9.47 -41.15
CA GLU E 248 21.00 -10.33 -42.08
C GLU E 248 21.24 -9.91 -43.52
N LYS E 249 21.23 -8.61 -43.79
CA LYS E 249 21.56 -8.12 -45.12
C LYS E 249 22.99 -8.47 -45.50
N ALA E 250 23.90 -8.41 -44.52
CA ALA E 250 25.30 -8.77 -44.78
C ALA E 250 25.42 -10.25 -45.14
N LYS E 251 24.68 -11.11 -44.46
CA LYS E 251 24.76 -12.55 -44.74
C LYS E 251 24.31 -12.86 -46.16
N ARG E 252 23.22 -12.24 -46.61
CA ARG E 252 22.70 -12.53 -47.94
C ARG E 252 23.70 -12.12 -49.02
N LEU E 253 24.35 -10.97 -48.84
CA LEU E 253 25.36 -10.54 -49.80
C LEU E 253 26.54 -11.51 -49.82
N VAL E 254 26.89 -12.06 -48.65
CA VAL E 254 27.95 -13.06 -48.60
C VAL E 254 27.55 -14.30 -49.38
N GLU E 255 26.29 -14.73 -49.24
CA GLU E 255 25.81 -15.90 -49.97
C GLU E 255 25.93 -15.72 -51.48
N HIS E 256 25.91 -14.48 -51.95
CA HIS E 256 26.05 -14.19 -53.38
C HIS E 256 27.49 -13.85 -53.76
N LYS E 257 28.46 -14.43 -53.05
CA LYS E 257 29.88 -14.30 -53.37
C LYS E 257 30.33 -12.83 -53.36
N LYS E 258 29.99 -12.14 -52.28
CA LYS E 258 30.42 -10.76 -52.07
C LYS E 258 31.08 -10.63 -50.71
N ASP E 259 32.16 -9.87 -50.65
CA ASP E 259 32.90 -9.65 -49.41
C ASP E 259 32.44 -8.32 -48.82
N VAL E 260 31.73 -8.38 -47.71
CA VAL E 260 31.15 -7.20 -47.08
C VAL E 260 31.89 -6.90 -45.80
N ILE E 261 31.91 -5.61 -45.44
CA ILE E 261 32.61 -5.13 -44.26
C ILE E 261 31.62 -4.36 -43.40
N ILE E 262 31.59 -4.68 -42.11
CA ILE E 262 30.71 -4.02 -41.15
C ILE E 262 31.57 -3.31 -40.12
N LEU E 263 31.36 -2.00 -39.98
CA LEU E 263 32.02 -1.20 -38.96
C LEU E 263 31.00 -0.90 -37.86
N LEU E 264 31.23 -1.41 -36.67
CA LEU E 264 30.29 -1.30 -35.56
C LEU E 264 30.81 -0.30 -34.54
N ASP E 265 29.91 0.56 -34.07
CA ASP E 265 30.25 1.55 -33.04
C ASP E 265 28.96 1.84 -32.27
N SER E 266 28.81 1.23 -31.10
CA SER E 266 29.78 0.31 -30.52
C SER E 266 29.09 -0.94 -29.98
N ILE E 267 29.84 -2.03 -29.86
CA ILE E 267 29.25 -3.29 -29.40
C ILE E 267 28.77 -3.16 -27.96
N THR E 268 29.42 -2.30 -27.16
CA THR E 268 28.99 -2.14 -25.77
C THR E 268 27.58 -1.57 -25.68
N ARG E 269 27.27 -0.57 -26.51
CA ARG E 269 25.93 -0.01 -26.51
C ARG E 269 24.93 -0.97 -27.14
N LEU E 270 25.36 -1.74 -28.15
CA LEU E 270 24.48 -2.77 -28.70
C LEU E 270 24.20 -3.86 -27.67
N ALA E 271 25.22 -4.28 -26.93
CA ALA E 271 25.01 -5.28 -25.89
C ALA E 271 24.09 -4.74 -24.80
N ARG E 272 24.26 -3.48 -24.43
CA ARG E 272 23.37 -2.87 -23.44
C ARG E 272 21.94 -2.82 -23.96
N ALA E 273 21.78 -2.56 -25.26
CA ALA E 273 20.43 -2.53 -25.84
C ALA E 273 19.75 -3.88 -25.74
N TYR E 274 20.49 -4.96 -26.00
CA TYR E 274 19.90 -6.30 -25.89
C TYR E 274 19.45 -6.59 -24.47
N ASN E 275 20.24 -6.19 -23.48
CA ASN E 275 19.89 -6.46 -22.09
C ASN E 275 18.57 -5.81 -21.73
N THR E 276 18.34 -4.58 -22.20
CA THR E 276 17.09 -3.88 -21.89
C THR E 276 15.90 -4.59 -22.52
N VAL E 277 16.03 -5.04 -23.76
CA VAL E 277 14.88 -5.55 -24.49
C VAL E 277 14.63 -7.04 -24.23
N VAL E 278 15.67 -7.82 -23.99
CA VAL E 278 15.49 -9.26 -23.78
C VAL E 278 14.74 -9.49 -22.47
N PRO E 279 13.64 -10.24 -22.47
CA PRO E 279 12.91 -10.48 -21.22
C PRO E 279 13.75 -11.25 -20.22
N ALA E 280 13.58 -10.92 -18.94
CA ALA E 280 14.33 -11.58 -17.88
C ALA E 280 13.82 -12.99 -17.67
N SER E 281 14.74 -13.94 -17.57
CA SER E 281 14.41 -15.34 -17.34
C SER E 281 14.57 -15.75 -15.88
N GLY E 282 14.79 -14.77 -14.98
CA GLY E 282 14.98 -15.05 -13.58
C GLY E 282 16.42 -15.18 -13.15
N LYS E 283 17.36 -15.28 -14.09
CA LYS E 283 18.78 -15.38 -13.77
C LYS E 283 19.39 -13.99 -13.77
N VAL E 284 19.94 -13.57 -12.63
CA VAL E 284 20.54 -12.26 -12.48
C VAL E 284 22.02 -12.43 -12.20
N LEU E 285 22.86 -11.72 -12.95
CA LEU E 285 24.30 -11.80 -12.82
C LEU E 285 24.84 -10.45 -12.33
N THR E 286 26.16 -10.43 -12.10
CA THR E 286 26.80 -9.21 -11.63
C THR E 286 26.77 -8.14 -12.71
N GLY E 287 26.56 -6.90 -12.28
CA GLY E 287 26.51 -5.78 -13.21
C GLY E 287 25.19 -5.59 -13.92
N GLY E 288 24.14 -6.29 -13.50
CA GLY E 288 22.85 -6.15 -14.14
C GLY E 288 22.80 -6.64 -15.57
N VAL E 289 23.40 -7.80 -15.85
CA VAL E 289 23.41 -8.37 -17.18
C VAL E 289 22.91 -9.82 -17.08
N ASP E 290 22.42 -10.32 -18.21
CA ASP E 290 21.89 -11.68 -18.29
C ASP E 290 22.72 -12.50 -19.26
N ALA E 291 23.05 -13.72 -18.86
CA ALA E 291 23.87 -14.59 -19.71
C ALA E 291 23.16 -14.92 -21.02
N ASN E 292 21.87 -15.22 -20.95
CA ASN E 292 21.12 -15.51 -22.16
C ASN E 292 20.98 -14.25 -23.03
N ALA E 293 20.85 -13.09 -22.40
CA ALA E 293 20.80 -11.85 -23.15
C ALA E 293 22.10 -11.60 -23.88
N LEU E 294 23.24 -11.90 -23.25
CA LEU E 294 24.54 -11.70 -23.87
C LEU E 294 24.80 -12.69 -25.00
N HIS E 295 23.97 -13.72 -25.14
CA HIS E 295 24.17 -14.70 -26.20
C HIS E 295 23.94 -14.09 -27.59
N ARG E 296 23.12 -13.06 -27.67
CA ARG E 296 22.79 -12.46 -28.96
C ARG E 296 23.89 -11.54 -29.48
N PRO E 297 24.45 -10.62 -28.66
CA PRO E 297 25.54 -9.78 -29.18
C PRO E 297 26.74 -10.57 -29.66
N LYS E 298 27.09 -11.67 -28.98
CA LYS E 298 28.22 -12.46 -29.43
C LYS E 298 27.90 -13.20 -30.72
N ARG E 299 26.65 -13.59 -30.92
CA ARG E 299 26.25 -14.17 -32.20
C ARG E 299 26.40 -13.15 -33.33
N PHE E 300 26.01 -11.90 -33.07
CA PHE E 300 26.22 -10.84 -34.06
C PHE E 300 27.69 -10.66 -34.36
N PHE E 301 28.54 -10.65 -33.33
CA PHE E 301 29.97 -10.50 -33.53
C PHE E 301 30.61 -11.78 -34.05
N GLY E 302 30.08 -12.94 -33.67
CA GLY E 302 30.64 -14.21 -34.09
C GLY E 302 30.26 -14.66 -35.47
N ALA E 303 29.42 -13.90 -36.18
CA ALA E 303 29.03 -14.26 -37.53
C ALA E 303 30.10 -13.92 -38.57
N ALA E 304 31.13 -13.17 -38.20
CA ALA E 304 32.17 -12.81 -39.16
C ALA E 304 33.03 -14.02 -39.48
N ARG E 305 33.17 -14.32 -40.77
CA ARG E 305 33.93 -15.48 -41.20
C ARG E 305 34.30 -15.30 -42.67
N ASN E 306 35.30 -16.06 -43.09
CA ASN E 306 35.72 -16.10 -44.49
C ASN E 306 35.18 -17.38 -45.12
N VAL E 307 34.44 -17.22 -46.21
CA VAL E 307 33.78 -18.34 -46.86
C VAL E 307 34.70 -18.91 -47.93
N GLU E 308 34.91 -20.23 -47.89
CA GLU E 308 35.73 -20.89 -48.90
C GLU E 308 35.09 -20.80 -50.28
N GLU E 309 33.75 -20.90 -50.33
CA GLU E 309 33.06 -20.82 -51.62
C GLU E 309 33.30 -19.47 -52.28
N GLY E 310 33.25 -18.38 -51.50
CA GLY E 310 33.48 -17.06 -52.03
C GLY E 310 33.02 -15.96 -51.10
N GLY E 311 33.64 -14.80 -51.18
CA GLY E 311 33.27 -13.67 -50.35
C GLY E 311 33.73 -13.84 -48.92
N SER E 312 33.39 -12.84 -48.11
CA SER E 312 33.77 -12.85 -46.70
C SER E 312 32.87 -11.88 -45.96
N LEU E 313 32.88 -11.99 -44.63
CA LEU E 313 32.16 -11.07 -43.75
C LEU E 313 33.14 -10.57 -42.70
N THR E 314 33.47 -9.29 -42.76
CA THR E 314 34.44 -8.67 -41.87
C THR E 314 33.73 -7.70 -40.94
N ILE E 315 33.91 -7.88 -39.64
CA ILE E 315 33.30 -7.03 -38.62
C ILE E 315 34.42 -6.42 -37.77
N ILE E 316 34.40 -5.10 -37.65
CA ILE E 316 35.35 -4.39 -36.82
C ILE E 316 34.54 -3.62 -35.77
N ALA E 317 34.31 -4.26 -34.63
CA ALA E 317 33.52 -3.65 -33.57
C ALA E 317 34.36 -2.69 -32.75
N THR E 318 33.68 -1.91 -31.91
CA THR E 318 34.33 -0.97 -31.01
C THR E 318 33.82 -1.22 -29.60
N ALA E 319 34.74 -1.26 -28.63
CA ALA E 319 34.40 -1.48 -27.24
C ALA E 319 34.83 -0.28 -26.41
N LEU E 320 34.01 0.07 -25.42
CA LEU E 320 34.25 1.22 -24.57
C LEU E 320 34.70 0.77 -23.19
N ILE E 321 35.72 1.46 -22.66
CA ILE E 321 36.28 1.14 -21.36
C ILE E 321 36.37 2.42 -20.54
N ASP E 322 36.55 2.23 -19.22
CA ASP E 322 36.64 3.30 -18.23
C ASP E 322 35.64 4.41 -18.47
N THR E 323 34.41 4.06 -18.82
CA THR E 323 33.36 5.05 -19.02
C THR E 323 32.68 5.46 -17.72
N GLY E 324 33.09 4.89 -16.59
CA GLY E 324 32.51 5.21 -15.31
C GLY E 324 31.32 4.36 -14.92
N SER E 325 30.82 3.52 -15.83
CA SER E 325 29.68 2.66 -15.53
C SER E 325 30.17 1.35 -14.94
N LYS E 326 29.23 0.44 -14.68
CA LYS E 326 29.54 -0.87 -14.14
C LYS E 326 29.32 -1.99 -15.14
N MET E 327 28.17 -1.99 -15.82
CA MET E 327 27.89 -3.02 -16.81
C MET E 327 28.80 -2.90 -18.03
N ASP E 328 29.39 -1.73 -18.27
CA ASP E 328 30.29 -1.58 -19.40
C ASP E 328 31.51 -2.49 -19.26
N GLU E 329 32.05 -2.60 -18.05
CA GLU E 329 33.18 -3.50 -17.82
C GLU E 329 32.78 -4.95 -18.08
N VAL E 330 31.58 -5.33 -17.63
CA VAL E 330 31.12 -6.71 -17.83
C VAL E 330 31.02 -7.03 -19.31
N ILE E 331 30.51 -6.08 -20.10
CA ILE E 331 30.46 -6.27 -21.55
C ILE E 331 31.86 -6.45 -22.11
N TYR E 332 32.81 -5.62 -21.67
CA TYR E 332 34.17 -5.73 -22.16
C TYR E 332 34.80 -7.05 -21.74
N GLU E 333 34.55 -7.50 -20.51
CA GLU E 333 35.11 -8.76 -20.05
C GLU E 333 34.60 -9.95 -20.83
N GLU E 334 33.44 -9.82 -21.48
CA GLU E 334 32.94 -10.91 -22.32
C GLU E 334 33.59 -10.93 -23.69
N PHE E 335 34.26 -9.85 -24.08
CA PHE E 335 34.93 -9.73 -25.37
C PHE E 335 36.41 -9.42 -25.20
N LYS E 336 37.06 -10.10 -24.26
CA LYS E 336 38.48 -9.84 -24.01
C LYS E 336 39.33 -10.22 -25.21
N GLY E 337 39.12 -11.42 -25.75
CA GLY E 337 39.92 -11.89 -26.87
C GLY E 337 39.11 -12.70 -27.86
N THR E 338 37.79 -12.54 -27.84
CA THR E 338 36.93 -13.28 -28.74
C THR E 338 37.16 -12.90 -30.20
N GLY E 339 37.76 -11.74 -30.46
CA GLY E 339 38.02 -11.28 -31.82
C GLY E 339 39.43 -11.65 -32.24
N ASN E 340 39.56 -12.02 -33.52
CA ASN E 340 40.88 -12.35 -34.07
C ASN E 340 41.82 -11.15 -34.04
N MET E 341 41.31 -9.97 -34.38
CA MET E 341 42.09 -8.75 -34.43
C MET E 341 41.66 -7.83 -33.30
N GLU E 342 42.63 -7.29 -32.56
CA GLU E 342 42.36 -6.39 -31.45
C GLU E 342 43.27 -5.17 -31.53
N LEU E 343 42.68 -4.00 -31.32
CA LEU E 343 43.39 -2.74 -31.32
C LEU E 343 43.01 -1.95 -30.08
N HIS E 344 44.01 -1.33 -29.44
CA HIS E 344 43.80 -0.59 -28.22
C HIS E 344 44.15 0.88 -28.41
N LEU E 345 43.32 1.75 -27.83
CA LEU E 345 43.59 3.17 -27.77
C LEU E 345 43.75 3.58 -26.31
N SER E 346 44.60 4.59 -26.09
CA SER E 346 44.92 5.03 -24.74
C SER E 346 44.53 6.49 -24.55
N ARG E 347 43.94 6.78 -23.39
CA ARG E 347 43.58 8.15 -23.06
C ARG E 347 44.82 9.03 -22.87
N LYS E 348 45.90 8.45 -22.32
CA LYS E 348 47.07 9.25 -21.97
C LYS E 348 47.71 9.88 -23.21
N ILE E 349 47.91 9.07 -24.26
CA ILE E 349 48.55 9.59 -25.46
C ILE E 349 47.67 10.65 -26.13
N ALA E 350 46.35 10.42 -26.14
CA ALA E 350 45.44 11.40 -26.73
C ALA E 350 45.37 12.68 -25.90
N GLU E 351 45.77 12.64 -24.63
CA GLU E 351 45.68 13.82 -23.78
C GLU E 351 46.62 14.93 -24.25
N LYS E 352 47.78 14.57 -24.79
CA LYS E 352 48.76 15.54 -25.27
C LYS E 352 48.42 16.09 -26.65
N ARG E 353 47.19 15.91 -27.13
CA ARG E 353 46.75 16.43 -28.42
C ARG E 353 47.63 15.92 -29.56
N VAL E 354 48.07 14.67 -29.44
CA VAL E 354 48.85 14.00 -30.47
C VAL E 354 48.11 12.74 -30.90
N PHE E 355 47.85 12.62 -32.19
CA PHE E 355 47.02 11.55 -32.72
C PHE E 355 47.76 10.82 -33.83
N PRO E 356 47.46 9.53 -34.04
CA PRO E 356 46.46 8.70 -33.34
C PRO E 356 46.89 8.30 -31.93
N ALA E 357 45.95 7.80 -31.13
CA ALA E 357 46.22 7.36 -29.77
C ALA E 357 46.40 5.85 -29.68
N ILE E 358 46.98 5.24 -30.71
CA ILE E 358 47.12 3.79 -30.76
C ILE E 358 48.20 3.34 -29.79
N ASP E 359 47.87 2.36 -28.96
CA ASP E 359 48.84 1.74 -28.06
C ASP E 359 49.43 0.52 -28.78
N TYR E 360 50.68 0.65 -29.22
CA TYR E 360 51.30 -0.41 -30.01
C TYR E 360 51.48 -1.69 -29.20
N ASN E 361 51.85 -1.56 -27.93
CA ASN E 361 52.14 -2.74 -27.10
C ASN E 361 50.89 -3.59 -26.91
N ARG E 362 49.74 -2.96 -26.64
CA ARG E 362 48.54 -3.72 -26.35
C ARG E 362 47.94 -4.34 -27.62
N SER E 363 48.14 -3.71 -28.77
CA SER E 363 47.56 -4.20 -30.02
C SER E 363 48.24 -5.48 -30.46
N GLY E 364 47.54 -6.24 -31.29
CA GLY E 364 48.07 -7.48 -31.82
C GLY E 364 47.02 -8.33 -32.51
N THR E 365 47.40 -8.95 -33.63
CA THR E 365 46.50 -9.79 -34.39
C THR E 365 47.01 -11.23 -34.39
N ARG E 366 46.07 -12.17 -34.39
CA ARG E 366 46.40 -13.59 -34.30
C ARG E 366 46.56 -14.18 -35.70
N LYS E 367 47.56 -15.06 -35.84
CA LYS E 367 47.89 -15.70 -37.12
C LYS E 367 48.13 -14.65 -38.21
N GLU E 368 48.95 -13.65 -37.86
CA GLU E 368 49.25 -12.57 -38.79
C GLU E 368 50.01 -13.06 -40.01
N GLU E 369 50.68 -14.21 -39.92
CA GLU E 369 51.46 -14.71 -41.04
C GLU E 369 50.58 -15.04 -42.25
N LEU E 370 49.31 -15.34 -42.04
CA LEU E 370 48.41 -15.66 -43.14
C LEU E 370 48.00 -14.42 -43.93
N LEU E 371 48.32 -13.22 -43.44
CA LEU E 371 47.88 -11.99 -44.08
C LEU E 371 48.94 -11.44 -45.04
N THR E 372 50.14 -11.19 -44.53
CA THR E 372 51.20 -10.55 -45.29
C THR E 372 52.29 -11.55 -45.66
N THR E 373 53.14 -11.13 -46.59
CA THR E 373 54.26 -11.97 -47.02
C THR E 373 55.27 -12.15 -45.89
N GLN E 374 55.98 -13.27 -45.94
CA GLN E 374 56.89 -13.63 -44.86
C GLN E 374 58.01 -12.61 -44.71
N GLU E 375 58.46 -12.01 -45.82
CA GLU E 375 59.55 -11.05 -45.75
C GLU E 375 59.17 -9.82 -44.93
N GLU E 376 57.91 -9.38 -45.02
CA GLU E 376 57.46 -8.23 -44.27
C GLU E 376 57.25 -8.55 -42.78
N LEU E 377 57.06 -9.81 -42.43
CA LEU E 377 56.87 -10.18 -41.03
C LEU E 377 58.09 -9.82 -40.20
N GLN E 378 59.29 -10.07 -40.74
CA GLN E 378 60.51 -9.69 -40.02
C GLN E 378 60.58 -8.17 -39.86
N LYS E 379 60.10 -7.42 -40.86
CA LYS E 379 60.11 -5.97 -40.77
C LYS E 379 59.24 -5.48 -39.61
N MET E 380 58.07 -6.09 -39.43
CA MET E 380 57.26 -5.77 -38.26
C MET E 380 57.90 -6.28 -36.98
N TRP E 381 58.50 -7.47 -37.04
CA TRP E 381 59.11 -8.05 -35.85
C TRP E 381 60.26 -7.19 -35.33
N ILE E 382 61.13 -6.71 -36.23
CA ILE E 382 62.19 -5.82 -35.81
C ILE E 382 61.62 -4.48 -35.37
N LEU E 383 60.51 -4.05 -35.95
CA LEU E 383 59.86 -2.82 -35.53
C LEU E 383 59.35 -2.93 -34.09
N ARG E 384 58.79 -4.09 -33.74
CA ARG E 384 58.33 -4.28 -32.37
C ARG E 384 59.50 -4.24 -31.38
N LYS E 385 60.62 -4.85 -31.76
CA LYS E 385 61.78 -4.86 -30.87
C LYS E 385 62.32 -3.46 -30.64
N ILE E 386 62.39 -2.65 -31.70
CA ILE E 386 62.93 -1.30 -31.56
C ILE E 386 61.96 -0.39 -30.83
N ILE E 387 60.69 -0.77 -30.72
CA ILE E 387 59.69 0.07 -30.09
C ILE E 387 59.26 -0.46 -28.73
N HIS E 388 59.58 -1.71 -28.39
CA HIS E 388 59.18 -2.27 -27.11
C HIS E 388 59.77 -1.53 -25.91
N PRO E 389 61.06 -1.16 -25.87
CA PRO E 389 61.60 -0.58 -24.63
C PRO E 389 60.94 0.71 -24.20
N MET E 390 60.81 1.68 -25.09
CA MET E 390 60.22 2.96 -24.70
C MET E 390 58.72 2.80 -24.47
N GLY E 391 58.17 3.73 -23.68
CA GLY E 391 56.78 3.65 -23.30
C GLY E 391 55.84 3.90 -24.47
N GLU E 392 54.56 3.58 -24.22
CA GLU E 392 53.56 3.71 -25.27
C GLU E 392 53.40 5.16 -25.71
N ILE E 393 53.50 6.11 -24.77
CA ILE E 393 53.41 7.51 -25.13
C ILE E 393 54.55 7.89 -26.06
N ASP E 394 55.78 7.56 -25.66
CA ASP E 394 56.94 7.86 -26.48
C ASP E 394 56.98 7.02 -27.75
N ALA E 395 56.31 5.87 -27.76
CA ALA E 395 56.26 5.05 -28.96
C ALA E 395 55.56 5.77 -30.10
N MET E 396 54.46 6.45 -29.80
CA MET E 396 53.72 7.16 -30.84
C MET E 396 54.51 8.34 -31.38
N GLU E 397 55.21 9.08 -30.51
CA GLU E 397 56.03 10.19 -30.97
C GLU E 397 57.14 9.69 -31.90
N PHE E 398 57.74 8.56 -31.56
CA PHE E 398 58.79 7.98 -32.42
C PHE E 398 58.21 7.59 -33.77
N LEU E 399 57.03 6.97 -33.79
CA LEU E 399 56.44 6.54 -35.06
C LEU E 399 56.09 7.74 -35.94
N ILE E 400 55.50 8.78 -35.35
CA ILE E 400 54.99 9.90 -36.14
C ILE E 400 56.15 10.67 -36.79
N ASN E 401 57.17 11.03 -36.00
CA ASN E 401 58.26 11.82 -36.54
C ASN E 401 59.06 11.04 -37.57
N LYS E 402 59.31 9.75 -37.31
CA LYS E 402 60.06 8.94 -38.27
C LYS E 402 59.27 8.71 -39.54
N LEU E 403 57.95 8.68 -39.46
CA LEU E 403 57.08 8.54 -40.62
C LEU E 403 56.65 9.87 -41.22
N ALA E 404 57.07 10.99 -40.62
CA ALA E 404 56.66 12.29 -41.12
C ALA E 404 57.20 12.55 -42.52
N MET E 405 58.48 12.28 -42.74
CA MET E 405 59.10 12.46 -44.04
C MET E 405 59.00 11.23 -44.93
N THR E 406 58.45 10.14 -44.42
CA THR E 406 58.34 8.90 -45.18
C THR E 406 57.01 8.85 -45.91
N LYS E 407 57.05 8.39 -47.16
CA LYS E 407 55.84 8.33 -47.98
C LYS E 407 55.01 7.09 -47.66
N THR E 408 55.56 5.91 -47.88
CA THR E 408 54.85 4.65 -47.69
C THR E 408 55.56 3.79 -46.66
N ASN E 409 54.96 2.64 -46.35
CA ASN E 409 55.54 1.73 -45.37
C ASN E 409 56.83 1.10 -45.90
N ASP E 410 56.91 0.84 -47.20
CA ASP E 410 58.10 0.20 -47.76
C ASP E 410 59.33 1.09 -47.58
N ASP E 411 59.17 2.40 -47.80
CA ASP E 411 60.29 3.32 -47.58
C ASP E 411 60.70 3.35 -46.11
N PHE E 412 59.72 3.29 -45.20
CA PHE E 412 60.03 3.31 -43.77
C PHE E 412 60.86 2.11 -43.36
N PHE E 413 60.50 0.92 -43.86
CA PHE E 413 61.25 -0.28 -43.50
C PHE E 413 62.68 -0.22 -44.02
N GLU E 414 62.86 0.23 -45.26
CA GLU E 414 64.21 0.36 -45.81
C GLU E 414 65.00 1.43 -45.06
N MET E 415 64.36 2.55 -44.74
CA MET E 415 65.06 3.61 -43.99
C MET E 415 65.32 3.19 -42.55
N MET E 416 64.47 2.32 -41.99
CA MET E 416 64.69 1.85 -40.63
C MET E 416 65.99 1.05 -40.52
N LYS E 417 66.28 0.23 -41.52
CA LYS E 417 67.51 -0.55 -41.52
C LYS E 417 68.74 0.36 -41.54
N ARG E 418 68.69 1.41 -42.36
CA ARG E 418 69.80 2.36 -42.43
C ARG E 418 69.44 3.68 -41.75
N ASP F 5 -35.99 8.82 56.05
CA ASP F 5 -36.72 7.82 55.28
C ASP F 5 -36.03 7.57 53.93
N THR F 6 -35.24 6.51 53.87
CA THR F 6 -34.56 6.16 52.63
C THR F 6 -35.54 5.56 51.63
N TYR F 7 -35.09 5.49 50.38
CA TYR F 7 -35.90 4.95 49.29
C TYR F 7 -35.45 3.53 48.98
N GLN F 8 -36.41 2.61 48.92
CA GLN F 8 -36.14 1.21 48.61
C GLN F 8 -36.57 0.92 47.19
N PRO F 9 -35.65 0.70 46.26
CA PRO F 9 -36.05 0.45 44.86
C PRO F 9 -36.83 -0.85 44.73
N ILE F 10 -37.76 -0.86 43.76
CA ILE F 10 -38.61 -2.01 43.54
C ILE F 10 -37.86 -3.04 42.70
N ASN F 11 -38.42 -4.25 42.60
CA ASN F 11 -37.79 -5.31 41.84
C ASN F 11 -37.80 -5.00 40.35
N CYS F 12 -36.89 -5.66 39.62
CA CYS F 12 -36.74 -5.38 38.20
C CYS F 12 -37.98 -5.77 37.41
N ASP F 13 -38.58 -6.92 37.74
CA ASP F 13 -39.78 -7.35 37.02
C ASP F 13 -40.94 -6.41 37.25
N ASP F 14 -41.11 -5.92 38.48
CA ASP F 14 -42.18 -4.97 38.77
C ASP F 14 -41.95 -3.66 38.02
N TYR F 15 -40.70 -3.19 37.97
CA TYR F 15 -40.40 -1.96 37.25
C TYR F 15 -40.72 -2.11 35.76
N ASP F 16 -40.43 -3.28 35.20
CA ASP F 16 -40.75 -3.52 33.79
C ASP F 16 -42.24 -3.49 33.55
N ASN F 17 -43.02 -3.98 34.52
CA ASN F 17 -44.47 -3.96 34.38
C ASN F 17 -45.00 -2.54 34.30
N LEU F 18 -44.46 -1.63 35.11
CA LEU F 18 -44.84 -0.23 34.98
C LEU F 18 -44.23 0.42 33.75
N GLU F 19 -43.08 -0.06 33.30
CA GLU F 19 -42.40 0.56 32.18
C GLU F 19 -43.22 0.43 30.89
N LEU F 20 -43.66 -0.79 30.57
CA LEU F 20 -44.49 -0.97 29.39
C LEU F 20 -45.92 -0.48 29.62
N ALA F 21 -46.33 -0.34 30.89
CA ALA F 21 -47.63 0.26 31.17
C ALA F 21 -47.67 1.71 30.70
N CYS F 22 -46.58 2.46 30.93
CA CYS F 22 -46.52 3.84 30.45
C CYS F 22 -46.52 3.88 28.93
N GLN F 23 -45.81 2.95 28.28
CA GLN F 23 -45.73 2.95 26.83
C GLN F 23 -47.09 2.72 26.19
N HIS F 24 -47.87 1.79 26.74
CA HIS F 24 -49.19 1.48 26.19
C HIS F 24 -50.31 2.31 26.80
N HIS F 25 -50.02 3.14 27.81
CA HIS F 25 -50.99 4.05 28.42
C HIS F 25 -52.21 3.29 28.94
N LEU F 26 -51.96 2.40 29.90
CA LEU F 26 -53.04 1.63 30.49
C LEU F 26 -53.73 2.42 31.61
N MET F 27 -55.03 2.18 31.75
CA MET F 27 -55.82 2.81 32.82
C MET F 27 -55.81 1.92 34.06
N LEU F 28 -54.60 1.68 34.56
CA LEU F 28 -54.40 0.79 35.69
C LEU F 28 -54.93 1.42 36.98
N THR F 29 -55.33 0.55 37.91
CA THR F 29 -55.82 0.97 39.21
C THR F 29 -54.68 0.89 40.21
N LEU F 30 -54.46 1.97 40.96
CA LEU F 30 -53.34 2.07 41.88
C LEU F 30 -53.83 1.97 43.32
N GLU F 31 -53.19 1.12 44.11
CA GLU F 31 -53.47 0.98 45.52
C GLU F 31 -52.21 1.31 46.31
N LEU F 32 -52.34 2.21 47.28
CA LEU F 32 -51.20 2.70 48.05
C LEU F 32 -51.13 1.99 49.39
N LYS F 33 -50.11 2.35 50.18
CA LYS F 33 -49.97 1.77 51.51
C LYS F 33 -51.14 2.15 52.41
N ASP F 34 -51.58 3.40 52.33
CA ASP F 34 -52.70 3.86 53.14
C ASP F 34 -54.05 3.35 52.66
N GLY F 35 -54.11 2.72 51.48
CA GLY F 35 -55.36 2.21 50.96
C GLY F 35 -56.09 3.16 50.04
N GLU F 36 -55.41 4.13 49.44
CA GLU F 36 -56.05 5.05 48.51
C GLU F 36 -56.08 4.43 47.12
N LYS F 37 -57.29 4.31 46.55
CA LYS F 37 -57.48 3.70 45.25
C LYS F 37 -57.81 4.77 44.22
N LEU F 38 -57.12 4.74 43.08
CA LEU F 38 -57.39 5.67 42.00
C LEU F 38 -57.25 4.94 40.67
N GLN F 39 -57.95 5.45 39.66
CA GLN F 39 -57.88 4.92 38.29
C GLN F 39 -57.27 6.01 37.41
N ALA F 40 -56.07 5.75 36.90
CA ALA F 40 -55.37 6.75 36.09
C ALA F 40 -54.47 6.04 35.10
N LYS F 41 -53.85 6.84 34.23
CA LYS F 41 -52.91 6.36 33.22
C LYS F 41 -51.54 6.95 33.50
N ALA F 42 -50.52 6.10 33.51
CA ALA F 42 -49.16 6.54 33.77
C ALA F 42 -48.55 7.11 32.49
N SER F 43 -48.12 8.37 32.54
CA SER F 43 -47.53 9.01 31.37
C SER F 43 -46.15 8.43 31.07
N ASP F 44 -45.31 8.33 32.08
CA ASP F 44 -43.93 7.84 31.92
C ASP F 44 -43.37 7.56 33.31
N LEU F 45 -42.08 7.22 33.36
CA LEU F 45 -41.37 7.01 34.61
C LEU F 45 -40.27 8.06 34.72
N VAL F 46 -40.25 8.80 35.82
CA VAL F 46 -39.29 9.87 36.04
C VAL F 46 -38.58 9.61 37.36
N SER F 47 -37.25 9.69 37.34
CA SER F 47 -36.43 9.50 38.53
C SER F 47 -35.60 10.76 38.78
N ARG F 48 -35.69 11.28 39.99
CA ARG F 48 -34.95 12.47 40.39
C ARG F 48 -34.33 12.26 41.76
N LYS F 49 -33.12 12.80 41.94
CA LYS F 49 -32.40 12.73 43.21
C LYS F 49 -32.24 11.29 43.68
N ASN F 50 -31.94 10.40 42.73
CA ASN F 50 -31.80 8.96 42.98
C ASN F 50 -33.06 8.35 43.58
N VAL F 51 -34.21 8.95 43.33
CA VAL F 51 -35.50 8.44 43.77
C VAL F 51 -36.41 8.34 42.57
N GLU F 52 -36.96 7.15 42.33
CA GLU F 52 -37.84 6.93 41.19
C GLU F 52 -39.26 7.36 41.52
N TYR F 53 -39.92 7.97 40.56
CA TYR F 53 -41.28 8.47 40.73
C TYR F 53 -42.15 8.01 39.57
N LEU F 54 -43.44 7.83 39.87
CA LEU F 54 -44.45 7.50 38.86
C LEU F 54 -45.40 8.67 38.71
N VAL F 55 -45.63 9.08 37.47
CA VAL F 55 -46.52 10.20 37.16
C VAL F 55 -47.74 9.66 36.43
N VAL F 56 -48.91 9.90 37.00
CA VAL F 56 -50.18 9.46 36.42
C VAL F 56 -51.08 10.67 36.27
N GLU F 57 -52.03 10.56 35.34
CA GLU F 57 -52.89 11.68 34.96
C GLU F 57 -54.23 11.64 35.68
N ALA F 58 -54.25 11.23 36.95
CA ALA F 58 -55.48 11.24 37.72
C ALA F 58 -56.00 12.66 37.88
N ALA F 59 -57.30 12.85 37.64
CA ALA F 59 -57.97 14.15 37.75
C ALA F 59 -57.37 15.20 36.83
N GLY F 60 -56.58 14.80 35.85
CA GLY F 60 -55.99 15.74 34.92
C GLY F 60 -55.05 16.76 35.54
N GLU F 61 -54.20 16.31 36.48
CA GLU F 61 -53.24 17.19 37.12
C GLU F 61 -51.83 16.60 37.18
N THR F 62 -51.63 15.38 36.69
CA THR F 62 -50.31 14.75 36.61
C THR F 62 -49.65 14.68 37.99
N ARG F 63 -50.29 13.94 38.89
CA ARG F 63 -49.72 13.73 40.22
C ARG F 63 -48.51 12.81 40.16
N GLU F 64 -47.61 12.98 41.12
CA GLU F 64 -46.36 12.23 41.18
C GLU F 64 -46.25 11.54 42.53
N LEU F 65 -45.87 10.26 42.51
CA LEU F 65 -45.77 9.47 43.72
C LEU F 65 -44.56 8.54 43.63
N ARG F 66 -44.04 8.17 44.80
CA ARG F 66 -42.88 7.28 44.85
C ARG F 66 -43.26 5.87 44.46
N LEU F 67 -42.26 5.12 43.99
CA LEU F 67 -42.51 3.74 43.57
C LEU F 67 -42.74 2.83 44.77
N ASP F 68 -41.92 2.95 45.82
CA ASP F 68 -42.03 2.07 46.96
C ASP F 68 -43.33 2.26 47.73
N LYS F 69 -43.99 3.41 47.58
CA LYS F 69 -45.27 3.63 48.27
C LYS F 69 -46.40 2.86 47.60
N ILE F 70 -46.24 2.45 46.35
CA ILE F 70 -47.27 1.68 45.67
C ILE F 70 -47.32 0.27 46.25
N THR F 71 -48.52 -0.18 46.60
CA THR F 71 -48.70 -1.52 47.16
C THR F 71 -49.07 -2.53 46.08
N SER F 72 -50.06 -2.20 45.25
CA SER F 72 -50.48 -3.11 44.19
C SER F 72 -51.08 -2.29 43.05
N PHE F 73 -51.09 -2.90 41.86
CA PHE F 73 -51.70 -2.30 40.69
C PHE F 73 -52.17 -3.41 39.77
N SER F 74 -53.23 -3.13 39.02
CA SER F 74 -53.83 -4.15 38.16
C SER F 74 -54.48 -3.48 36.96
N HIS F 75 -54.68 -4.29 35.92
CA HIS F 75 -55.34 -3.87 34.70
C HIS F 75 -56.20 -5.03 34.20
N PRO F 76 -57.25 -4.75 33.43
CA PRO F 76 -58.01 -5.85 32.82
C PRO F 76 -57.18 -6.70 31.87
N GLU F 77 -56.09 -6.17 31.34
CA GLU F 77 -55.24 -6.92 30.42
C GLU F 77 -54.15 -7.72 31.12
N ILE F 78 -53.52 -7.15 32.15
CA ILE F 78 -52.46 -7.82 32.89
C ILE F 78 -52.93 -8.00 34.33
N GLY F 79 -52.79 -9.22 34.85
CA GLY F 79 -53.32 -9.55 36.15
C GLY F 79 -52.75 -8.69 37.27
N THR F 80 -53.34 -8.86 38.45
CA THR F 80 -52.94 -8.07 39.61
C THR F 80 -51.47 -8.32 39.94
N VAL F 81 -50.74 -7.25 40.18
CA VAL F 81 -49.31 -7.30 40.48
C VAL F 81 -49.10 -6.75 41.88
N VAL F 82 -48.46 -7.53 42.74
CA VAL F 82 -48.13 -7.13 44.10
C VAL F 82 -46.62 -7.02 44.20
N VAL F 83 -46.14 -5.85 44.60
CA VAL F 83 -44.71 -5.61 44.72
C VAL F 83 -44.21 -6.26 46.01
N SER F 84 -43.00 -6.80 45.97
CA SER F 84 -42.40 -7.41 47.13
C SER F 84 -41.93 -6.34 48.12
N GLU F 85 -41.87 -6.73 49.39
CA GLU F 85 -41.40 -5.81 50.42
C GLU F 85 -39.91 -5.51 50.27
N SER F 86 -39.16 -6.44 49.68
CA SER F 86 -37.72 -6.25 49.49
C SER F 86 -37.44 -5.34 48.29
N ASP G 5 -29.93 54.53 8.08
CA ASP G 5 -28.53 54.93 7.96
C ASP G 5 -27.66 53.71 7.65
N THR G 6 -26.84 53.32 8.62
CA THR G 6 -25.99 52.15 8.44
C THR G 6 -26.82 50.88 8.40
N TYR G 7 -26.43 49.94 7.54
CA TYR G 7 -27.15 48.70 7.35
C TYR G 7 -26.67 47.66 8.36
N GLN G 8 -27.60 47.13 9.15
CA GLN G 8 -27.30 46.08 10.12
C GLN G 8 -27.78 44.75 9.57
N PRO G 9 -26.89 43.78 9.34
CA PRO G 9 -27.32 42.50 8.76
C PRO G 9 -28.32 41.79 9.65
N ILE G 10 -29.24 41.07 9.00
CA ILE G 10 -30.28 40.33 9.70
C ILE G 10 -29.73 38.99 10.19
N ASN G 11 -30.47 38.32 11.06
CA ASN G 11 -30.04 37.04 11.60
C ASN G 11 -30.05 35.97 10.52
N CYS G 12 -29.25 34.93 10.74
CA CYS G 12 -29.07 33.88 9.73
C CYS G 12 -30.37 33.12 9.48
N ASP G 13 -31.13 32.83 10.54
CA ASP G 13 -32.37 32.08 10.36
C ASP G 13 -33.37 32.86 9.51
N ASP G 14 -33.49 34.17 9.74
CA ASP G 14 -34.37 35.00 8.93
C ASP G 14 -33.91 35.04 7.48
N TYR G 15 -32.60 35.19 7.26
CA TYR G 15 -32.07 35.20 5.90
C TYR G 15 -32.32 33.88 5.20
N ASP G 16 -32.18 32.77 5.92
CA ASP G 16 -32.40 31.46 5.32
C ASP G 16 -33.85 31.30 4.86
N ASN G 17 -34.80 31.81 5.64
CA ASN G 17 -36.20 31.74 5.24
C ASN G 17 -36.45 32.49 3.94
N LEU G 18 -35.88 33.69 3.80
CA LEU G 18 -35.97 34.41 2.54
C LEU G 18 -35.25 33.66 1.43
N GLU G 19 -34.09 33.08 1.73
CA GLU G 19 -33.32 32.37 0.72
C GLU G 19 -34.09 31.16 0.19
N LEU G 20 -34.70 30.39 1.09
CA LEU G 20 -35.46 29.22 0.64
C LEU G 20 -36.75 29.62 -0.07
N ALA G 21 -37.38 30.71 0.36
CA ALA G 21 -38.60 31.17 -0.30
C ALA G 21 -38.32 31.60 -1.73
N CYS G 22 -37.22 32.31 -1.95
CA CYS G 22 -36.91 32.82 -3.28
C CYS G 22 -36.40 31.74 -4.22
N GLN G 23 -35.74 30.71 -3.69
CA GLN G 23 -35.11 29.74 -4.57
C GLN G 23 -36.12 28.83 -5.27
N HIS G 24 -37.28 28.60 -4.66
CA HIS G 24 -38.31 27.76 -5.26
C HIS G 24 -39.54 28.57 -5.70
N HIS G 25 -39.39 29.88 -5.85
CA HIS G 25 -40.44 30.76 -6.37
C HIS G 25 -41.70 30.69 -5.52
N LEU G 26 -41.56 31.15 -4.27
CA LEU G 26 -42.65 31.15 -3.31
C LEU G 26 -43.12 32.59 -3.08
N MET G 27 -44.42 32.81 -3.22
CA MET G 27 -44.98 34.15 -3.04
C MET G 27 -44.86 34.59 -1.59
N LEU G 28 -44.49 35.86 -1.40
CA LEU G 28 -44.23 36.39 -0.07
C LEU G 28 -44.98 37.70 0.12
N THR G 29 -45.43 37.93 1.35
CA THR G 29 -46.15 39.13 1.73
C THR G 29 -45.23 40.01 2.59
N LEU G 30 -44.92 41.20 2.09
CA LEU G 30 -44.00 42.09 2.76
C LEU G 30 -44.72 42.99 3.76
N GLU G 31 -44.02 43.32 4.85
CA GLU G 31 -44.51 44.25 5.86
C GLU G 31 -43.34 45.12 6.28
N LEU G 32 -43.39 46.41 5.94
CA LEU G 32 -42.28 47.31 6.16
C LEU G 32 -42.39 47.99 7.53
N LYS G 33 -41.47 48.92 7.79
CA LYS G 33 -41.48 49.66 9.04
C LYS G 33 -42.73 50.53 9.16
N ASP G 34 -43.13 51.19 8.07
CA ASP G 34 -44.31 52.03 8.10
C ASP G 34 -45.57 51.21 8.38
N GLY G 35 -45.66 50.02 7.78
CA GLY G 35 -46.82 49.17 7.98
C GLY G 35 -47.54 48.85 6.69
N GLU G 36 -47.00 49.34 5.57
CA GLU G 36 -47.63 49.09 4.28
C GLU G 36 -47.50 47.61 3.90
N LYS G 37 -48.47 47.13 3.14
CA LYS G 37 -48.52 45.74 2.72
C LYS G 37 -48.12 45.64 1.25
N LEU G 38 -47.24 44.70 0.95
CA LEU G 38 -46.75 44.47 -0.42
C LEU G 38 -46.83 42.97 -0.67
N GLN G 39 -47.98 42.52 -1.17
CA GLN G 39 -48.19 41.12 -1.51
C GLN G 39 -47.84 40.93 -2.98
N ALA G 40 -46.67 40.36 -3.24
CA ALA G 40 -46.19 40.19 -4.60
C ALA G 40 -45.21 39.01 -4.63
N LYS G 41 -44.46 38.90 -5.72
CA LYS G 41 -43.57 37.79 -5.96
C LYS G 41 -42.12 38.22 -5.74
N ALA G 42 -41.37 37.41 -5.02
CA ALA G 42 -39.95 37.64 -4.77
C ALA G 42 -39.13 36.64 -5.57
N SER G 43 -38.13 37.15 -6.30
CA SER G 43 -37.34 36.31 -7.19
C SER G 43 -36.11 35.74 -6.48
N ASP G 44 -35.24 36.60 -5.97
CA ASP G 44 -34.00 36.17 -5.33
C ASP G 44 -33.49 37.31 -4.46
N LEU G 45 -32.27 37.17 -3.97
CA LEU G 45 -31.62 38.17 -3.13
C LEU G 45 -30.34 38.65 -3.80
N VAL G 46 -30.19 39.96 -3.93
CA VAL G 46 -29.02 40.57 -4.54
C VAL G 46 -28.38 41.50 -3.52
N SER G 47 -27.07 41.37 -3.35
CA SER G 47 -26.31 42.19 -2.40
C SER G 47 -25.33 43.06 -3.18
N ARG G 48 -25.34 44.36 -2.88
CA ARG G 48 -24.41 45.30 -3.48
C ARG G 48 -23.96 46.30 -2.43
N LYS G 49 -22.72 46.77 -2.58
CA LYS G 49 -22.13 47.75 -1.66
C LYS G 49 -22.22 47.27 -0.21
N ASN G 50 -21.98 45.97 -0.01
CA ASN G 50 -22.05 45.34 1.31
C ASN G 50 -23.41 45.54 1.97
N VAL G 51 -24.46 45.66 1.16
CA VAL G 51 -25.82 45.81 1.66
C VAL G 51 -26.70 44.79 0.96
N GLU G 52 -27.44 44.01 1.73
CA GLU G 52 -28.30 42.97 1.18
C GLU G 52 -29.65 43.54 0.78
N TYR G 53 -30.13 43.13 -0.39
CA TYR G 53 -31.40 43.61 -0.92
C TYR G 53 -32.26 42.43 -1.35
N LEU G 54 -33.58 42.63 -1.26
CA LEU G 54 -34.55 41.69 -1.78
C LEU G 54 -35.31 42.34 -2.92
N VAL G 55 -35.38 41.67 -4.06
CA VAL G 55 -36.04 42.18 -5.25
C VAL G 55 -37.41 41.55 -5.35
N VAL G 56 -38.45 42.38 -5.35
CA VAL G 56 -39.83 41.92 -5.42
C VAL G 56 -40.45 42.48 -6.69
N GLU G 57 -40.97 41.60 -7.54
CA GLU G 57 -41.56 41.99 -8.82
C GLU G 57 -43.06 42.19 -8.62
N ALA G 58 -43.41 43.37 -8.12
CA ALA G 58 -44.81 43.74 -7.92
C ALA G 58 -45.36 44.28 -9.23
N ALA G 59 -46.10 43.43 -9.95
CA ALA G 59 -46.67 43.78 -11.25
C ALA G 59 -45.59 44.23 -12.24
N GLY G 60 -44.43 43.57 -12.17
CA GLY G 60 -43.35 43.83 -13.09
C GLY G 60 -42.48 45.04 -12.76
N GLU G 61 -42.72 45.72 -11.65
CA GLU G 61 -41.90 46.88 -11.31
C GLU G 61 -40.51 46.46 -10.82
N THR G 62 -40.40 45.26 -10.24
CA THR G 62 -39.14 44.71 -9.75
C THR G 62 -38.45 45.68 -8.79
N ARG G 63 -39.19 46.05 -7.74
CA ARG G 63 -38.64 46.96 -6.75
C ARG G 63 -37.60 46.26 -5.89
N GLU G 64 -36.62 47.05 -5.43
CA GLU G 64 -35.52 46.54 -4.62
C GLU G 64 -35.44 47.38 -3.34
N LEU G 65 -35.34 46.70 -2.20
CA LEU G 65 -35.38 47.38 -0.90
C LEU G 65 -34.46 46.66 0.08
N ARG G 66 -34.00 47.41 1.08
CA ARG G 66 -33.10 46.88 2.08
C ARG G 66 -33.78 45.83 2.94
N LEU G 67 -32.99 44.86 3.40
CA LEU G 67 -33.54 43.80 4.24
C LEU G 67 -33.81 44.28 5.66
N ASP G 68 -32.94 45.15 6.18
CA ASP G 68 -33.10 45.60 7.56
C ASP G 68 -34.34 46.46 7.75
N LYS G 69 -34.93 46.96 6.67
CA LYS G 69 -36.15 47.75 6.77
C LYS G 69 -37.40 46.89 6.87
N ILE G 70 -37.29 45.58 6.65
CA ILE G 70 -38.44 44.69 6.74
C ILE G 70 -38.76 44.45 8.21
N THR G 71 -40.02 44.63 8.58
CA THR G 71 -40.45 44.35 9.95
C THR G 71 -40.94 42.92 10.10
N SER G 72 -41.71 42.41 9.14
CA SER G 72 -42.20 41.05 9.19
C SER G 72 -42.55 40.59 7.78
N PHE G 73 -42.69 39.28 7.63
CA PHE G 73 -43.13 38.70 6.37
C PHE G 73 -43.93 37.44 6.68
N SER G 74 -45.03 37.25 5.95
CA SER G 74 -45.98 36.19 6.26
C SER G 74 -46.31 35.40 5.00
N HIS G 75 -46.61 34.12 5.20
CA HIS G 75 -47.09 33.23 4.16
C HIS G 75 -47.68 31.97 4.79
N PRO G 76 -48.77 31.42 4.26
CA PRO G 76 -49.38 30.24 4.90
C PRO G 76 -48.63 28.95 4.63
N GLU G 77 -48.09 28.78 3.43
CA GLU G 77 -47.44 27.52 3.07
C GLU G 77 -46.20 27.27 3.93
N ILE G 78 -45.41 28.31 4.18
CA ILE G 78 -44.21 28.20 5.00
C ILE G 78 -44.48 28.86 6.34
N GLY G 79 -43.52 28.74 7.25
CA GLY G 79 -43.66 29.36 8.56
C GLY G 79 -43.75 30.88 8.44
N THR G 80 -44.72 31.45 9.14
CA THR G 80 -44.88 32.90 9.23
C THR G 80 -44.13 33.39 10.45
N VAL G 81 -43.08 34.19 10.24
CA VAL G 81 -42.21 34.64 11.30
C VAL G 81 -41.95 36.13 11.15
N VAL G 82 -41.51 36.74 12.25
CA VAL G 82 -41.17 38.16 12.30
C VAL G 82 -39.68 38.28 12.59
N VAL G 83 -39.00 39.12 11.81
CA VAL G 83 -37.57 39.30 12.00
C VAL G 83 -37.30 40.00 13.33
N SER G 84 -36.11 39.78 13.87
CA SER G 84 -35.70 40.37 15.13
C SER G 84 -34.56 41.34 14.88
N GLU G 85 -34.75 42.60 15.28
CA GLU G 85 -33.73 43.62 15.09
C GLU G 85 -32.66 43.61 16.18
N SER G 86 -32.90 42.90 17.29
CA SER G 86 -31.97 42.83 18.41
C SER G 86 -31.64 44.21 18.97
N ASP H 5 -10.86 41.62 -54.43
CA ASP H 5 -9.65 41.05 -55.02
C ASP H 5 -9.00 40.08 -54.04
N THR H 6 -8.28 40.62 -53.06
CA THR H 6 -7.60 39.80 -52.08
C THR H 6 -8.62 39.07 -51.21
N TYR H 7 -8.33 37.80 -50.93
CA TYR H 7 -9.22 36.98 -50.12
C TYR H 7 -9.00 37.24 -48.63
N GLN H 8 -10.11 37.30 -47.89
CA GLN H 8 -10.06 37.47 -46.44
C GLN H 8 -10.73 36.27 -45.78
N PRO H 9 -10.02 35.51 -44.94
CA PRO H 9 -10.64 34.36 -44.28
C PRO H 9 -11.78 34.79 -43.37
N ILE H 10 -12.80 33.93 -43.27
CA ILE H 10 -13.98 34.21 -42.46
C ILE H 10 -13.67 33.88 -41.00
N ASN H 11 -14.58 34.28 -40.11
CA ASN H 11 -14.40 34.01 -38.68
C ASN H 11 -14.49 32.52 -38.40
N CYS H 12 -13.86 32.12 -37.30
CA CYS H 12 -13.77 30.70 -36.96
C CYS H 12 -15.13 30.09 -36.66
N ASP H 13 -16.00 30.84 -35.98
CA ASP H 13 -17.31 30.30 -35.62
C ASP H 13 -18.15 30.02 -36.86
N ASP H 14 -18.08 30.90 -37.87
CA ASP H 14 -18.80 30.66 -39.11
C ASP H 14 -18.28 29.42 -39.83
N TYR H 15 -16.96 29.24 -39.85
CA TYR H 15 -16.37 28.09 -40.53
C TYR H 15 -16.82 26.78 -39.89
N ASP H 16 -16.91 26.76 -38.55
CA ASP H 16 -17.31 25.53 -37.87
C ASP H 16 -18.74 25.14 -38.23
N ASN H 17 -19.64 26.11 -38.31
CA ASN H 17 -21.02 25.80 -38.69
C ASN H 17 -21.10 25.23 -40.10
N LEU H 18 -20.34 25.82 -41.03
CA LEU H 18 -20.34 25.31 -42.40
C LEU H 18 -19.79 23.89 -42.47
N GLU H 19 -18.70 23.63 -41.74
CA GLU H 19 -18.16 22.27 -41.70
C GLU H 19 -19.14 21.32 -41.04
N LEU H 20 -19.85 21.78 -40.01
CA LEU H 20 -20.89 20.96 -39.41
C LEU H 20 -21.99 20.64 -40.41
N ALA H 21 -22.39 21.63 -41.20
CA ALA H 21 -23.39 21.39 -42.24
C ALA H 21 -22.87 20.42 -43.29
N CYS H 22 -21.61 20.59 -43.72
CA CYS H 22 -21.05 19.70 -44.72
C CYS H 22 -20.91 18.28 -44.19
N GLN H 23 -20.51 18.13 -42.92
CA GLN H 23 -20.36 16.80 -42.35
C GLN H 23 -21.69 16.07 -42.30
N HIS H 24 -22.77 16.77 -41.93
CA HIS H 24 -24.09 16.16 -41.88
C HIS H 24 -24.76 16.07 -43.25
N HIS H 25 -24.18 16.71 -44.26
CA HIS H 25 -24.73 16.67 -45.63
C HIS H 25 -26.17 17.14 -45.67
N LEU H 26 -26.49 18.16 -44.91
CA LEU H 26 -27.85 18.70 -44.86
C LEU H 26 -28.03 19.82 -45.88
N MET H 27 -29.28 20.18 -46.10
CA MET H 27 -29.60 21.24 -47.06
C MET H 27 -29.06 22.57 -46.56
N LEU H 28 -28.56 23.38 -47.50
CA LEU H 28 -28.02 24.69 -47.20
C LEU H 28 -28.74 25.74 -48.02
N THR H 29 -29.15 26.82 -47.37
CA THR H 29 -29.83 27.94 -48.02
C THR H 29 -28.81 29.07 -48.17
N LEU H 30 -28.04 29.01 -49.24
CA LEU H 30 -27.02 30.02 -49.52
C LEU H 30 -27.70 31.34 -49.87
N GLU H 31 -27.17 32.43 -49.29
CA GLU H 31 -27.69 33.77 -49.56
C GLU H 31 -26.52 34.72 -49.82
N LEU H 32 -26.77 35.71 -50.67
CA LEU H 32 -25.80 36.74 -51.00
C LEU H 32 -26.37 38.11 -50.64
N LYS H 33 -25.52 39.13 -50.78
CA LYS H 33 -25.96 40.51 -50.53
C LYS H 33 -26.87 41.03 -51.63
N ASP H 34 -26.75 40.50 -52.85
CA ASP H 34 -27.64 40.94 -53.93
C ASP H 34 -29.08 40.56 -53.64
N GLY H 35 -29.31 39.38 -53.09
CA GLY H 35 -30.65 38.92 -52.78
C GLY H 35 -31.04 37.65 -53.50
N GLU H 36 -30.05 36.87 -53.90
CA GLU H 36 -30.29 35.60 -54.58
C GLU H 36 -30.08 34.45 -53.60
N LYS H 37 -30.88 33.40 -53.78
CA LYS H 37 -30.86 32.24 -52.90
C LYS H 37 -30.58 30.98 -53.70
N LEU H 38 -29.86 30.05 -53.07
CA LEU H 38 -29.50 28.77 -53.68
C LEU H 38 -29.70 27.68 -52.61
N GLN H 39 -30.89 27.11 -52.56
CA GLN H 39 -31.21 26.04 -51.62
C GLN H 39 -30.64 24.74 -52.17
N ALA H 40 -29.38 24.47 -51.83
CA ALA H 40 -28.67 23.32 -52.36
C ALA H 40 -27.90 22.64 -51.22
N LYS H 41 -27.29 21.50 -51.53
CA LYS H 41 -26.57 20.71 -50.55
C LYS H 41 -25.07 20.87 -50.75
N ALA H 42 -24.36 21.13 -49.65
CA ALA H 42 -22.91 21.28 -49.67
C ALA H 42 -22.26 19.96 -49.27
N SER H 43 -21.30 19.51 -50.09
CA SER H 43 -20.68 18.21 -49.84
C SER H 43 -19.56 18.31 -48.81
N ASP H 44 -18.54 19.13 -49.09
CA ASP H 44 -17.38 19.19 -48.24
C ASP H 44 -16.70 20.55 -48.42
N LEU H 45 -15.81 20.87 -47.49
CA LEU H 45 -15.03 22.10 -47.54
C LEU H 45 -13.61 21.77 -47.98
N VAL H 46 -13.13 22.49 -49.01
CA VAL H 46 -11.80 22.27 -49.57
C VAL H 46 -11.09 23.62 -49.69
N SER H 47 -9.77 23.55 -49.83
CA SER H 47 -8.94 24.73 -49.99
C SER H 47 -8.13 24.61 -51.28
N ARG H 48 -7.81 25.76 -51.86
CA ARG H 48 -7.07 25.79 -53.12
C ARG H 48 -6.29 27.09 -53.19
N LYS H 49 -4.97 26.99 -53.31
CA LYS H 49 -4.08 28.15 -53.41
C LYS H 49 -4.30 29.11 -52.24
N ASN H 50 -4.32 28.54 -51.03
CA ASN H 50 -4.49 29.28 -49.77
C ASN H 50 -5.83 30.00 -49.70
N VAL H 51 -6.80 29.59 -50.52
CA VAL H 51 -8.15 30.12 -50.48
C VAL H 51 -9.10 28.94 -50.38
N GLU H 52 -9.87 28.87 -49.30
CA GLU H 52 -10.81 27.78 -49.11
C GLU H 52 -12.03 27.98 -50.01
N TYR H 53 -12.56 26.86 -50.50
CA TYR H 53 -13.71 26.87 -51.38
C TYR H 53 -14.76 25.90 -50.85
N LEU H 54 -16.03 26.26 -51.06
CA LEU H 54 -17.16 25.42 -50.68
C LEU H 54 -17.84 24.91 -51.94
N VAL H 55 -17.93 23.59 -52.08
CA VAL H 55 -18.58 22.96 -53.21
C VAL H 55 -20.00 22.58 -52.78
N VAL H 56 -20.99 23.18 -53.43
CA VAL H 56 -22.39 22.97 -53.10
C VAL H 56 -23.14 22.64 -54.38
N GLU H 57 -23.97 21.59 -54.33
CA GLU H 57 -24.67 21.10 -55.51
C GLU H 57 -26.17 21.06 -55.24
N ALA H 58 -26.95 21.40 -56.26
CA ALA H 58 -28.41 21.33 -56.20
C ALA H 58 -28.95 20.13 -56.95
N ALA H 59 -28.55 19.94 -58.20
CA ALA H 59 -28.96 18.80 -59.00
C ALA H 59 -27.78 18.18 -59.74
N GLY H 60 -26.61 18.19 -59.12
CA GLY H 60 -25.39 17.68 -59.74
C GLY H 60 -24.49 18.74 -60.32
N GLU H 61 -24.80 20.02 -60.14
CA GLU H 61 -23.94 21.08 -60.66
C GLU H 61 -22.59 21.08 -59.97
N THR H 62 -22.57 20.90 -58.65
CA THR H 62 -21.34 20.86 -57.85
C THR H 62 -20.50 22.12 -58.08
N ARG H 63 -21.17 23.27 -58.08
CA ARG H 63 -20.47 24.53 -58.27
C ARG H 63 -19.58 24.84 -57.08
N GLU H 64 -18.45 25.49 -57.35
CA GLU H 64 -17.45 25.83 -56.35
C GLU H 64 -17.37 27.35 -56.25
N LEU H 65 -17.55 27.87 -55.03
CA LEU H 65 -17.54 29.31 -54.81
C LEU H 65 -16.76 29.63 -53.54
N ARG H 66 -16.28 30.86 -53.47
CA ARG H 66 -15.48 31.31 -52.34
C ARG H 66 -16.34 31.45 -51.09
N LEU H 67 -15.71 31.26 -49.93
CA LEU H 67 -16.44 31.37 -48.66
C LEU H 67 -16.73 32.82 -48.32
N ASP H 68 -15.80 33.73 -48.57
CA ASP H 68 -15.99 35.12 -48.22
C ASP H 68 -17.13 35.77 -49.01
N LYS H 69 -17.47 35.22 -50.17
CA LYS H 69 -18.58 35.77 -50.94
C LYS H 69 -19.93 35.40 -50.32
N ILE H 70 -20.01 34.26 -49.65
CA ILE H 70 -21.26 33.86 -49.01
C ILE H 70 -21.59 34.85 -47.91
N THR H 71 -22.83 35.36 -47.92
CA THR H 71 -23.27 36.37 -46.97
C THR H 71 -24.06 35.77 -45.82
N SER H 72 -25.07 34.97 -46.10
CA SER H 72 -25.90 34.38 -45.07
C SER H 72 -26.27 32.95 -45.43
N PHE H 73 -26.49 32.13 -44.41
CA PHE H 73 -26.94 30.76 -44.57
C PHE H 73 -27.90 30.42 -43.44
N SER H 74 -28.98 29.72 -43.76
CA SER H 74 -30.01 29.41 -42.79
C SER H 74 -30.48 27.97 -42.96
N HIS H 75 -30.99 27.41 -41.87
CA HIS H 75 -31.54 26.06 -41.84
C HIS H 75 -32.36 25.89 -40.57
N PRO H 76 -33.36 25.00 -40.56
CA PRO H 76 -34.08 24.74 -39.30
C PRO H 76 -33.20 24.21 -38.19
N GLU H 77 -32.17 23.42 -38.52
CA GLU H 77 -31.33 22.81 -37.49
C GLU H 77 -30.39 23.82 -36.85
N ILE H 78 -29.51 24.42 -37.66
CA ILE H 78 -28.52 25.36 -37.15
C ILE H 78 -29.12 26.76 -37.18
N GLY H 79 -28.52 27.66 -36.40
CA GLY H 79 -29.01 29.03 -36.35
C GLY H 79 -28.76 29.77 -37.66
N THR H 80 -29.62 30.74 -37.94
CA THR H 80 -29.48 31.60 -39.11
C THR H 80 -28.34 32.57 -38.83
N VAL H 81 -27.14 32.20 -39.26
CA VAL H 81 -25.92 32.93 -38.94
C VAL H 81 -25.49 33.73 -40.16
N VAL H 82 -25.28 35.02 -39.98
CA VAL H 82 -24.71 35.88 -41.01
C VAL H 82 -23.22 35.99 -40.77
N VAL H 83 -22.48 36.22 -41.84
CA VAL H 83 -21.02 36.32 -41.75
C VAL H 83 -20.62 37.76 -41.52
N SER H 84 -19.43 37.95 -40.96
CA SER H 84 -18.88 39.27 -40.70
C SER H 84 -17.52 39.38 -41.37
N GLU H 85 -17.35 40.40 -42.20
CA GLU H 85 -16.10 40.62 -42.91
C GLU H 85 -15.03 41.29 -42.05
N SER H 86 -15.41 41.84 -40.90
CA SER H 86 -14.45 42.52 -40.03
C SER H 86 -14.38 41.85 -38.67
N ASP I 5 -38.08 -58.79 41.06
CA ASP I 5 -36.95 -58.20 41.77
C ASP I 5 -36.25 -57.17 40.89
N THR I 6 -35.15 -57.59 40.26
CA THR I 6 -34.40 -56.70 39.39
C THR I 6 -35.21 -56.37 38.14
N TYR I 7 -35.19 -55.10 37.76
CA TYR I 7 -35.95 -54.66 36.60
C TYR I 7 -35.24 -55.05 35.32
N GLN I 8 -35.99 -55.61 34.37
CA GLN I 8 -35.46 -55.99 33.06
C GLN I 8 -36.08 -55.11 31.99
N PRO I 9 -35.28 -54.36 31.23
CA PRO I 9 -35.84 -53.49 30.19
C PRO I 9 -36.60 -54.30 29.14
N ILE I 10 -37.68 -53.70 28.64
CA ILE I 10 -38.51 -54.32 27.61
C ILE I 10 -37.86 -54.13 26.25
N ASN I 11 -38.37 -54.86 25.25
CA ASN I 11 -37.83 -54.76 23.90
C ASN I 11 -38.13 -53.37 23.31
N CYS I 12 -37.30 -52.98 22.34
CA CYS I 12 -37.43 -51.65 21.74
C CYS I 12 -38.77 -51.50 21.04
N ASP I 13 -39.20 -52.52 20.30
CA ASP I 13 -40.48 -52.44 19.60
C ASP I 13 -41.64 -52.30 20.59
N ASP I 14 -41.58 -53.05 21.69
CA ASP I 14 -42.60 -52.90 22.73
C ASP I 14 -42.54 -51.50 23.33
N TYR I 15 -41.34 -50.97 23.54
CA TYR I 15 -41.21 -49.61 24.04
C TYR I 15 -41.78 -48.59 23.05
N ASP I 16 -41.55 -48.82 21.75
CA ASP I 16 -42.04 -47.90 20.73
C ASP I 16 -43.56 -47.85 20.71
N ASN I 17 -44.22 -49.00 20.84
CA ASN I 17 -45.68 -49.04 20.77
C ASN I 17 -46.32 -48.22 21.88
N LEU I 18 -45.82 -48.35 23.11
CA LEU I 18 -46.31 -47.51 24.19
C LEU I 18 -45.90 -46.06 23.98
N GLU I 19 -44.70 -45.84 23.44
CA GLU I 19 -44.24 -44.47 23.21
C GLU I 19 -45.11 -43.75 22.19
N LEU I 20 -45.45 -44.43 21.09
CA LEU I 20 -46.31 -43.79 20.09
C LEU I 20 -47.73 -43.61 20.59
N ALA I 21 -48.23 -44.54 21.40
CA ALA I 21 -49.58 -44.41 21.95
C ALA I 21 -49.66 -43.24 22.92
N CYS I 22 -48.65 -43.08 23.78
CA CYS I 22 -48.71 -42.04 24.79
C CYS I 22 -48.45 -40.65 24.20
N GLN I 23 -47.71 -40.57 23.10
CA GLN I 23 -47.33 -39.26 22.56
C GLN I 23 -48.48 -38.55 21.87
N HIS I 24 -49.51 -39.29 21.42
CA HIS I 24 -50.65 -38.68 20.76
C HIS I 24 -51.95 -38.97 21.51
N HIS I 25 -51.88 -39.29 22.79
CA HIS I 25 -53.04 -39.51 23.65
C HIS I 25 -53.93 -40.62 23.10
N LEU I 26 -53.39 -41.83 23.11
CA LEU I 26 -54.09 -43.02 22.64
C LEU I 26 -54.44 -43.89 23.85
N MET I 27 -55.73 -44.25 23.96
CA MET I 27 -56.18 -45.07 25.07
C MET I 27 -55.58 -46.47 24.99
N LEU I 28 -55.14 -46.99 26.12
CA LEU I 28 -54.46 -48.27 26.17
C LEU I 28 -55.15 -49.17 27.19
N THR I 29 -55.22 -50.47 26.88
CA THR I 29 -55.80 -51.46 27.77
C THR I 29 -54.66 -52.24 28.43
N LEU I 30 -54.68 -52.28 29.76
CA LEU I 30 -53.59 -52.84 30.54
C LEU I 30 -53.89 -54.28 30.92
N GLU I 31 -52.93 -55.17 30.68
CA GLU I 31 -53.00 -56.56 31.11
C GLU I 31 -51.75 -56.87 31.92
N LEU I 32 -51.91 -57.07 33.22
CA LEU I 32 -50.79 -57.29 34.12
C LEU I 32 -50.50 -58.78 34.26
N LYS I 33 -49.51 -59.10 35.09
CA LYS I 33 -49.15 -60.50 35.33
C LYS I 33 -50.28 -61.25 36.02
N ASP I 34 -50.94 -60.62 36.99
CA ASP I 34 -52.02 -61.28 37.72
C ASP I 34 -53.17 -61.64 36.79
N GLY I 35 -53.52 -60.74 35.88
CA GLY I 35 -54.59 -61.01 34.93
C GLY I 35 -55.78 -60.09 35.09
N GLU I 36 -55.55 -58.89 35.60
CA GLU I 36 -56.60 -57.90 35.79
C GLU I 36 -56.62 -56.93 34.60
N LYS I 37 -57.81 -56.48 34.24
CA LYS I 37 -58.00 -55.57 33.13
C LYS I 37 -58.10 -54.14 33.65
N LEU I 38 -57.30 -53.24 33.08
CA LEU I 38 -57.27 -51.83 33.49
C LEU I 38 -57.38 -51.01 32.21
N GLN I 39 -58.61 -50.72 31.78
CA GLN I 39 -58.86 -49.91 30.60
C GLN I 39 -58.98 -48.46 31.03
N ALA I 40 -57.93 -47.67 30.77
CA ALA I 40 -57.90 -46.27 31.18
C ALA I 40 -57.01 -45.51 30.21
N LYS I 41 -56.67 -44.27 30.59
CA LYS I 41 -55.89 -43.38 29.74
C LYS I 41 -54.45 -43.31 30.23
N ALA I 42 -53.51 -43.44 29.30
CA ALA I 42 -52.09 -43.35 29.59
C ALA I 42 -51.54 -42.03 29.05
N SER I 43 -50.80 -41.32 29.89
CA SER I 43 -50.31 -39.99 29.52
C SER I 43 -48.96 -40.06 28.83
N ASP I 44 -47.95 -40.59 29.51
CA ASP I 44 -46.59 -40.64 28.98
C ASP I 44 -45.80 -41.69 29.75
N LEU I 45 -44.49 -41.74 29.51
CA LEU I 45 -43.59 -42.67 30.18
C LEU I 45 -42.56 -41.88 30.99
N VAL I 46 -42.41 -42.24 32.26
CA VAL I 46 -41.49 -41.59 33.16
C VAL I 46 -40.49 -42.62 33.67
N SER I 47 -39.20 -42.31 33.55
CA SER I 47 -38.13 -43.18 34.01
C SER I 47 -37.42 -42.54 35.18
N ARG I 48 -37.34 -43.27 36.30
CA ARG I 48 -36.64 -42.79 37.48
C ARG I 48 -35.85 -43.94 38.09
N LYS I 49 -34.71 -43.59 38.69
CA LYS I 49 -33.81 -44.56 39.32
C LYS I 49 -33.42 -45.67 38.35
N ASN I 50 -33.17 -45.29 37.10
CA ASN I 50 -32.79 -46.23 36.03
C ASN I 50 -33.84 -47.31 35.83
N VAL I 51 -35.08 -47.01 36.17
CA VAL I 51 -36.20 -47.94 35.99
C VAL I 51 -37.31 -47.21 35.25
N GLU I 52 -37.77 -47.80 34.16
CA GLU I 52 -38.84 -47.20 33.36
C GLU I 52 -40.19 -47.49 33.97
N TYR I 53 -41.05 -46.47 34.02
CA TYR I 53 -42.38 -46.58 34.59
C TYR I 53 -43.40 -46.02 33.64
N LEU I 54 -44.64 -46.49 33.76
CA LEU I 54 -45.77 -46.01 32.98
C LEU I 54 -46.81 -45.43 33.93
N VAL I 55 -47.30 -44.24 33.62
CA VAL I 55 -48.30 -43.55 34.43
C VAL I 55 -49.63 -43.62 33.70
N VAL I 56 -50.64 -44.18 34.35
CA VAL I 56 -51.98 -44.30 33.80
C VAL I 56 -52.94 -43.57 34.72
N GLU I 57 -53.68 -42.60 34.18
CA GLU I 57 -54.61 -41.80 34.97
C GLU I 57 -55.98 -42.49 34.99
N ALA I 58 -56.02 -43.62 35.69
CA ALA I 58 -57.25 -44.40 35.83
C ALA I 58 -58.19 -43.67 36.77
N ALA I 59 -59.17 -42.96 36.20
CA ALA I 59 -60.13 -42.17 36.95
C ALA I 59 -59.43 -41.13 37.83
N GLY I 60 -58.33 -40.59 37.33
CA GLY I 60 -57.59 -39.55 38.02
C GLY I 60 -56.63 -40.01 39.08
N GLU I 61 -56.50 -41.31 39.31
CA GLU I 61 -55.58 -41.79 40.34
C GLU I 61 -54.13 -41.64 39.91
N THR I 62 -53.87 -41.64 38.60
CA THR I 62 -52.52 -41.49 38.05
C THR I 62 -51.56 -42.52 38.65
N ARG I 63 -51.95 -43.78 38.52
CA ARG I 63 -51.13 -44.87 39.05
C ARG I 63 -49.83 -45.01 38.27
N GLU I 64 -48.78 -45.41 38.97
CA GLU I 64 -47.46 -45.59 38.39
C GLU I 64 -46.99 -47.01 38.66
N LEU I 65 -46.48 -47.67 37.63
CA LEU I 65 -46.09 -49.07 37.73
C LEU I 65 -44.95 -49.37 36.77
N ARG I 66 -44.24 -50.46 37.04
CA ARG I 66 -43.11 -50.85 36.22
C ARG I 66 -43.58 -51.38 34.87
N LEU I 67 -42.71 -51.23 33.87
CA LEU I 67 -43.03 -51.71 32.53
C LEU I 67 -42.89 -53.22 32.39
N ASP I 68 -41.92 -53.82 33.09
CA ASP I 68 -41.68 -55.25 32.96
C ASP I 68 -42.83 -56.09 33.52
N LYS I 69 -43.69 -55.51 34.35
CA LYS I 69 -44.81 -56.24 34.91
C LYS I 69 -45.99 -56.34 33.96
N ILE I 70 -45.95 -55.64 32.82
CA ILE I 70 -47.04 -55.69 31.85
C ILE I 70 -46.92 -56.96 31.04
N THR I 71 -48.02 -57.73 30.98
CA THR I 71 -48.02 -58.95 30.19
C THR I 71 -48.26 -58.65 28.71
N SER I 72 -49.28 -57.86 28.41
CA SER I 72 -49.59 -57.49 27.04
C SER I 72 -50.46 -56.24 27.06
N PHE I 73 -50.59 -55.62 25.89
CA PHE I 73 -51.44 -54.46 25.71
C PHE I 73 -52.25 -54.63 24.43
N SER I 74 -53.52 -54.21 24.48
CA SER I 74 -54.44 -54.39 23.37
C SER I 74 -55.15 -53.08 23.06
N HIS I 75 -55.42 -52.87 21.77
CA HIS I 75 -56.15 -51.71 21.29
C HIS I 75 -56.60 -51.96 19.85
N PRO I 76 -57.82 -51.55 19.48
CA PRO I 76 -58.31 -51.82 18.12
C PRO I 76 -57.70 -50.91 17.06
N GLU I 77 -57.48 -49.64 17.39
CA GLU I 77 -56.96 -48.69 16.40
C GLU I 77 -55.55 -49.04 15.98
N ILE I 78 -54.69 -49.43 16.92
CA ILE I 78 -53.31 -49.75 16.63
C ILE I 78 -53.12 -51.26 16.69
N GLY I 79 -51.94 -51.71 16.27
CA GLY I 79 -51.64 -53.13 16.31
C GLY I 79 -51.60 -53.64 17.74
N THR I 80 -52.20 -54.81 17.96
CA THR I 80 -52.25 -55.44 19.27
C THR I 80 -51.20 -56.56 19.31
N VAL I 81 -50.17 -56.37 20.13
CA VAL I 81 -49.09 -57.33 20.28
C VAL I 81 -48.82 -57.55 21.75
N VAL I 82 -48.11 -58.63 22.05
CA VAL I 82 -47.77 -59.03 23.41
C VAL I 82 -46.27 -58.89 23.59
N VAL I 83 -45.86 -58.21 24.68
CA VAL I 83 -44.45 -58.03 24.94
C VAL I 83 -43.79 -59.37 25.25
N SER I 84 -42.49 -59.43 25.04
CA SER I 84 -41.70 -60.63 25.27
C SER I 84 -40.74 -60.38 26.43
N GLU I 85 -40.84 -61.21 27.47
CA GLU I 85 -39.95 -61.09 28.62
C GLU I 85 -38.60 -61.77 28.41
N SER I 86 -38.45 -62.54 27.34
CA SER I 86 -37.21 -63.25 27.02
C SER I 86 -36.75 -64.17 28.14
PB ADP J . 6.49 -20.22 23.52
O1B ADP J . 5.87 -20.41 22.16
O2B ADP J . 7.99 -20.15 23.51
O3B ADP J . 5.82 -19.16 24.36
PA ADP J . 6.71 -21.88 25.77
O1A ADP J . 7.27 -20.60 26.36
O2A ADP J . 5.64 -22.63 26.53
O3A ADP J . 6.15 -21.59 24.30
O5' ADP J . 7.94 -22.90 25.54
C5' ADP J . 9.26 -22.42 25.32
C4' ADP J . 10.27 -23.47 25.79
O4' ADP J . 11.42 -22.82 26.30
C3' ADP J . 9.69 -24.33 26.90
O3' ADP J . 9.56 -25.68 26.46
C2' ADP J . 10.68 -24.25 28.05
O2' ADP J . 11.22 -25.54 28.32
C1' ADP J . 11.79 -23.31 27.60
N9 ADP J . 11.89 -22.18 28.55
C8 ADP J . 11.38 -20.95 28.35
N7 ADP J . 11.65 -20.14 29.40
C5 ADP J . 12.33 -20.85 30.31
C6 ADP J . 12.92 -20.61 31.64
N6 ADP J . 12.82 -19.40 32.24
N1 ADP J . 13.57 -21.64 32.25
C2 ADP J . 13.67 -22.84 31.67
N3 ADP J . 13.16 -23.13 30.45
C4 ADP J . 12.50 -22.20 29.74
PB ADP K . 11.86 10.59 20.41
O1B ADP K . 12.70 10.82 19.19
O2B ADP K . 11.48 9.16 20.67
O3B ADP K . 10.72 11.58 20.57
PA ADP K . 12.25 11.27 23.09
O1A ADP K . 11.90 12.74 23.16
O2A ADP K . 11.19 10.23 23.39
O3A ADP K . 12.84 10.96 21.63
O5' ADP K . 13.50 11.00 24.07
C5' ADP K . 13.28 10.96 25.47
C4' ADP K . 14.62 10.98 26.21
O4' ADP K . 15.53 11.86 25.55
C3' ADP K . 14.44 11.50 27.63
O3' ADP K . 14.72 10.46 28.57
C2' ADP K . 15.43 12.64 27.79
O2' ADP K . 16.30 12.37 28.90
C1' ADP K . 16.22 12.68 26.50
N9 ADP K . 16.31 14.07 25.99
C8 ADP K . 15.81 14.50 24.81
N7 ADP K . 16.06 15.82 24.62
C5 ADP K . 16.73 16.25 25.70
C6 ADP K . 17.30 17.55 26.14
N6 ADP K . 17.19 18.66 25.39
N1 ADP K . 17.94 17.57 27.34
C2 ADP K . 18.05 16.47 28.10
N3 ADP K . 17.56 15.28 27.76
C4 ADP K . 16.90 15.10 26.59
PB ADP L . 21.91 24.80 -5.27
O1B ADP L . 22.65 23.84 -6.17
O2B ADP L . 20.74 25.51 -5.91
O3B ADP L . 21.62 24.24 -3.90
PA ADP L . 22.54 27.34 -4.26
O1A ADP L . 22.14 28.34 -5.32
O2A ADP L . 21.59 26.96 -3.16
O3A ADP L . 22.98 25.97 -5.01
O5' ADP L . 23.92 27.82 -3.60
C5' ADP L . 24.02 27.89 -2.17
C4' ADP L . 24.97 29.01 -1.75
O4' ADP L . 26.11 29.08 -2.62
C3' ADP L . 24.29 30.37 -1.80
O3' ADP L . 23.98 30.80 -0.48
C2' ADP L . 25.31 31.30 -2.43
O2' ADP L . 25.70 32.31 -1.48
C1' ADP L . 26.50 30.44 -2.80
N9 ADP L . 26.88 30.69 -4.20
C8 ADP L . 26.53 29.92 -5.25
N7 ADP L . 27.03 30.41 -6.41
C5 ADP L . 27.73 31.52 -6.12
C6 ADP L . 28.50 32.53 -6.88
N6 ADP L . 28.64 32.43 -8.22
N1 ADP L . 29.06 33.54 -6.18
C2 ADP L . 28.93 33.64 -4.85
N3 ADP L . 28.24 32.77 -4.09
C4 ADP L . 27.62 31.71 -4.66
#